data_7ZC6
#
_entry.id   7ZC6
#
_cell.length_a   1.00
_cell.length_b   1.00
_cell.length_c   1.00
_cell.angle_alpha   90.00
_cell.angle_beta   90.00
_cell.angle_gamma   90.00
#
_symmetry.space_group_name_H-M   'P 1'
#
loop_
_entity.id
_entity.type
_entity.pdbx_description
1 polymer RnfA
2 polymer RnfB
3 polymer RnfC
4 polymer RnfD
5 polymer RnfE
6 polymer RnfG
7 non-polymer 'FE (III) ION'
8 non-polymer 'IRON/SULFUR CLUSTER'
9 non-polymer 'FLAVIN MONONUCLEOTIDE'
10 non-polymer RIBOFLAVIN
#
loop_
_entity_poly.entity_id
_entity_poly.type
_entity_poly.pdbx_seq_one_letter_code
_entity_poly.pdbx_strand_id
1 'polypeptide(L)'
;MSIFTIFISALLVNNFVLSRFLGICPFLGVSKKVETATGMGAAVTFVMALAAIMTFLVERFILIPLNIQYLSTLAFILVI
ASLVQFVEMVIKKVSPDLYKALGIYLPLITTNCAVLGMAVINSNEKYNLIQSIINSVGAALGFTLALVLLAGIREKMETN
EYIPEALKGLPITLVTAGLMAIAFLGFQGLI
;
A
2 'polypeptide(L)'
;MEGLLFPVLSLGGLGVVFGLLLGYASKKFAVEVDERVPMVRAALPGANCGGCGFAGCDAYADAVVNAGAKPNGCPVGGAA
CAAKIAEIMGVVVDSSEPKKAYVKCQGTCDKAKEKYEYYGAMTCVDAANIPGAGSKTCGFGCLGLGSCVQVCAFDAIHVE
NGIAVVDEEACTGCGACVSICPKSVIELTPMSKKVRISCNSHDKGIEVKNACSVGCLSCGLCVRNCPSEAITMVNNLPVI
DYDKCTQCGVCVGKCPTKAIVNLNTNVSKEASNN
;
B
3 'polypeptide(L)'
;MELLTFKNGVHPPHGKHYTENKPIEEYLPKGDIVIPMSQHIGAPAEPIVKKGDRVLVGQKIGEAKGFVSANIHASVSGTV
KNVAPVTLFNGVKSTAVIIENDGQYEEIETEKRDYTKLSNEEIINIIKEAGIVGMGGATFPTHVKLAPPPDKNIDSIVVN
AAECEPYLTCDHRMMLEKTNEIVEGLKIVLKLFPKATGYIGIEDNKMNAIKAMQEAVKNIANIEVKAVKTKYPQGAEKQL
IYAITKREVPSGGLPADAGCIVQNVDTIYEIYNAVVNGKPLTSRVVTVTGDAIKEPKNLRFKIGTSVRELVEAAGGFAEE
PLKVISGGPMMGMAMYSLDVPSTKGTSGVLCLTKKVAEIEEESNCINCGKCVQVCPMNLMPTKLATASAVSNLDMFNEFS
GRDCIECGCCSFVCPARRHLLQRIRSGKKAVSKKK
;
C
4 'polypeptide(L)'
;MSETTMYTVSSSPHIRAKDTTQSIMRDVVIALLPATIAGVYFFKLQGLLVILASVLSCVVAEYIWQKASKKKVTVGDYSA
VVTGLLLAFNVPASIPLWIPVVGGFFAIIVVKQFFGGLGQNIVNPALAARAFLLASWPVQMTSWTLDGVTTATPLAILKG
NEATGAAAPDLMSVFIGHVGGCIGETSALALLIGGAYLFYKHIIDWRIPVSFIGTTFIFTAIAGRGSSPVYELFAGGLML
GAIFMATDYATSPITPLGRIIFGVGCGVITSLIRIFGGYPEGVSYSILVMNLFVPLIERWTAPKIFGKVK
;
D
5 'polypeptide(L)'
;MGVVSERLYNGIVKENATFVQVLGMCPTLAVTTSAINGIGMGLSATVVLIGSNVVISLLKKVIPDEIRIPAYITVIATLV
TVLQFLLQAYLPDLNKSLGIFIPLIVVNCIILGRAEAYANKNSVGASFFDGLGMGLGFTVSLAALGIIREFLGTGKVFGA
QITPDAFQPALIMILAPGGFFTLGILMAILNQRKLKKAKAK
;
E
6 'polypeptide(L)'
;MKKVSSFKLGMVLLLIAAVCGLILGGVNQVTAEPIAIQNKKTLDEANKAILPEASEFAEKTDIKGEGIVLGVTEGKSGSD
LKGYTIKVAPKGYAGAIEMMVGVSTEGKVTGIKILNHAETPGLGANATDPKFSGQYANKPAKELKVVKGAASGEDEIVAI
TGATITSKAVTLGVNEAIKFYDTKLKGGK
;
G
#
# COMPACT_ATOMS: atom_id res chain seq x y z
N MET A 1 13.65 31.29 16.32
CA MET A 1 14.34 31.07 17.60
C MET A 1 13.31 30.91 18.72
N SER A 2 12.05 31.33 18.50
CA SER A 2 11.06 31.16 19.58
C SER A 2 10.54 29.73 19.59
N ILE A 3 9.77 29.37 20.61
CA ILE A 3 9.55 27.94 20.74
C ILE A 3 8.68 27.34 19.63
N PHE A 4 7.65 28.09 19.18
CA PHE A 4 6.85 27.66 18.01
C PHE A 4 7.61 27.72 16.69
N THR A 5 8.59 28.61 16.53
CA THR A 5 9.50 28.52 15.39
C THR A 5 10.38 27.26 15.47
N ILE A 6 10.73 26.81 16.68
CA ILE A 6 11.73 25.75 16.78
C ILE A 6 11.11 24.37 16.59
N PHE A 7 9.97 24.14 17.25
CA PHE A 7 9.28 22.84 17.25
C PHE A 7 8.75 22.42 15.88
N ILE A 8 8.32 23.37 15.05
CA ILE A 8 8.02 23.09 13.64
C ILE A 8 9.26 22.73 12.85
N SER A 9 10.42 23.32 13.26
CA SER A 9 11.68 23.27 12.51
C SER A 9 12.27 21.88 12.38
N ALA A 10 12.01 21.00 13.34
CA ALA A 10 12.29 19.59 13.12
C ALA A 10 11.07 18.78 12.69
N LEU A 11 9.85 19.24 13.03
CA LEU A 11 8.64 18.49 12.70
C LEU A 11 8.35 18.41 11.20
N LEU A 12 8.77 19.40 10.42
CA LEU A 12 8.22 19.53 9.09
C LEU A 12 9.25 20.03 8.08
N VAL A 13 9.54 21.33 8.16
CA VAL A 13 10.29 22.06 7.13
C VAL A 13 11.76 21.61 6.99
N ASN A 14 12.34 21.09 8.06
CA ASN A 14 13.73 20.67 8.09
C ASN A 14 13.79 19.44 8.98
N ASN A 15 12.94 18.46 8.64
CA ASN A 15 12.95 17.18 9.31
C ASN A 15 14.24 16.44 9.06
N PHE A 16 14.67 15.73 10.12
CA PHE A 16 16.00 15.13 10.20
C PHE A 16 16.21 14.04 9.15
N VAL A 17 15.15 13.28 8.84
CA VAL A 17 15.30 12.26 7.80
C VAL A 17 15.00 12.78 6.39
N LEU A 18 14.10 13.74 6.25
CA LEU A 18 13.55 14.13 4.96
C LEU A 18 14.30 15.24 4.25
N SER A 19 15.36 15.79 4.85
CA SER A 19 16.24 16.66 4.10
C SER A 19 17.69 16.50 4.56
N ARG A 20 17.91 16.59 5.87
CA ARG A 20 19.26 16.55 6.43
C ARG A 20 19.96 15.19 6.31
N PHE A 21 19.20 14.11 6.14
CA PHE A 21 19.57 12.68 6.21
C PHE A 21 20.22 12.28 7.53
N LEU A 22 19.93 12.96 8.61
CA LEU A 22 20.17 12.39 9.91
C LEU A 22 19.14 11.28 10.12
N GLY A 23 19.51 10.17 10.73
CA GLY A 23 18.51 9.13 11.03
C GLY A 23 18.15 8.13 9.94
N ILE A 24 18.77 8.20 8.75
CA ILE A 24 18.37 7.34 7.63
C ILE A 24 18.64 5.83 7.83
N CYS A 25 19.72 5.47 8.55
CA CYS A 25 20.08 4.06 8.78
C CYS A 25 19.07 3.18 9.55
N PRO A 26 18.48 3.56 10.70
CA PRO A 26 17.29 2.84 11.20
C PRO A 26 16.07 2.82 10.28
N PHE A 27 15.87 3.88 9.49
CA PHE A 27 14.60 4.18 8.83
C PHE A 27 14.22 3.15 7.79
N LEU A 28 15.20 2.48 7.19
CA LEU A 28 14.94 1.30 6.39
C LEU A 28 14.77 0.02 7.22
N GLY A 29 15.05 0.07 8.52
CA GLY A 29 15.07 -1.14 9.33
C GLY A 29 13.72 -1.48 9.90
N VAL A 30 13.34 -0.97 11.08
CA VAL A 30 12.03 -1.35 11.60
C VAL A 30 10.92 -0.38 11.12
N SER A 31 10.72 -0.36 9.80
CA SER A 31 9.51 0.09 9.13
C SER A 31 8.48 -1.02 8.93
N LYS A 32 8.77 -2.27 9.34
CA LYS A 32 8.03 -3.46 8.87
C LYS A 32 6.56 -3.52 9.29
N LYS A 33 6.19 -2.98 10.45
CA LYS A 33 4.79 -2.91 10.88
C LYS A 33 4.69 -1.75 11.86
N VAL A 34 3.59 -0.98 11.78
CA VAL A 34 3.40 0.25 12.56
C VAL A 34 3.29 0.02 14.07
N GLU A 35 2.73 -1.13 14.47
CA GLU A 35 2.56 -1.51 15.88
C GLU A 35 3.89 -1.78 16.58
N THR A 36 4.91 -2.23 15.84
CA THR A 36 6.25 -2.24 16.37
C THR A 36 6.97 -0.93 16.16
N ALA A 37 6.77 -0.30 14.98
CA ALA A 37 7.56 0.85 14.55
C ALA A 37 7.36 2.11 15.37
N THR A 38 6.18 2.29 15.97
CA THR A 38 6.02 3.42 16.88
C THR A 38 6.82 3.27 18.18
N GLY A 39 7.16 2.04 18.59
CA GLY A 39 7.88 1.92 19.84
C GLY A 39 9.36 2.22 19.75
N MET A 40 9.95 2.18 18.54
CA MET A 40 11.29 2.72 18.38
C MET A 40 11.33 4.24 18.56
N GLY A 41 10.27 4.93 18.12
CA GLY A 41 10.24 6.35 18.33
C GLY A 41 9.82 6.73 19.73
N ALA A 42 9.03 5.88 20.38
CA ALA A 42 8.79 6.02 21.81
C ALA A 42 10.03 5.76 22.65
N ALA A 43 10.94 4.88 22.19
CA ALA A 43 12.28 4.88 22.76
C ALA A 43 13.05 6.15 22.43
N VAL A 44 12.82 6.74 21.26
CA VAL A 44 13.57 7.93 20.87
C VAL A 44 13.11 9.19 21.61
N THR A 45 11.90 9.21 22.19
CA THR A 45 11.47 10.39 22.95
C THR A 45 12.09 10.45 24.34
N PHE A 46 12.73 9.37 24.80
CA PHE A 46 13.55 9.46 25.99
C PHE A 46 15.01 9.79 25.65
N VAL A 47 15.64 8.88 24.89
CA VAL A 47 17.09 8.98 24.56
C VAL A 47 17.40 10.37 24.03
N MET A 48 16.75 10.78 22.96
CA MET A 48 17.02 12.13 22.45
C MET A 48 16.86 13.20 23.51
N ALA A 49 15.98 12.99 24.49
CA ALA A 49 15.58 14.13 25.31
C ALA A 49 16.40 14.25 26.59
N LEU A 50 16.59 13.14 27.29
CA LEU A 50 17.42 13.14 28.47
C LEU A 50 18.89 13.40 28.17
N ALA A 51 19.38 12.99 26.98
CA ALA A 51 20.72 13.40 26.54
C ALA A 51 20.82 14.89 26.26
N ALA A 52 19.73 15.51 25.81
CA ALA A 52 19.71 16.96 25.66
C ALA A 52 19.78 17.69 27.00
N ILE A 53 19.26 17.10 28.07
CA ILE A 53 19.46 17.68 29.39
C ILE A 53 20.89 17.45 29.86
N MET A 54 21.38 16.22 29.70
CA MET A 54 22.74 15.89 30.12
C MET A 54 23.85 16.53 29.27
N THR A 55 23.63 16.79 27.97
CA THR A 55 24.61 17.59 27.25
C THR A 55 24.60 19.06 27.66
N PHE A 56 23.47 19.58 28.18
CA PHE A 56 23.46 20.94 28.71
C PHE A 56 24.31 21.09 29.94
N LEU A 57 24.43 20.04 30.76
CA LEU A 57 25.30 20.04 31.93
C LEU A 57 26.77 20.14 31.56
N VAL A 58 27.16 19.54 30.42
CA VAL A 58 28.49 19.80 29.88
C VAL A 58 28.62 21.22 29.36
N GLU A 59 27.56 21.75 28.74
CA GLU A 59 27.59 23.11 28.24
C GLU A 59 27.31 24.15 29.30
N ARG A 60 26.85 23.73 30.51
CA ARG A 60 26.59 24.70 31.57
C ARG A 60 27.89 25.22 32.15
N PHE A 61 28.60 24.36 32.89
CA PHE A 61 29.89 24.74 33.43
C PHE A 61 30.92 23.63 33.52
N ILE A 62 30.58 22.36 33.21
CA ILE A 62 31.65 21.34 33.21
C ILE A 62 32.70 21.54 32.09
N LEU A 63 32.32 22.06 30.92
CA LEU A 63 33.34 22.45 29.92
C LEU A 63 34.09 23.72 30.31
N ILE A 64 33.33 24.64 30.92
CA ILE A 64 33.61 26.09 30.88
C ILE A 64 34.97 26.57 31.41
N PRO A 65 35.48 26.11 32.61
CA PRO A 65 36.85 26.47 33.04
C PRO A 65 38.01 26.08 32.13
N LEU A 66 37.91 24.98 31.39
CA LEU A 66 38.88 24.67 30.34
C LEU A 66 38.90 25.70 29.21
N ASN A 67 37.74 26.35 28.94
CA ASN A 67 37.51 27.40 27.92
C ASN A 67 37.91 27.00 26.50
N ILE A 68 37.65 25.72 26.25
CA ILE A 68 37.93 24.93 25.03
C ILE A 68 36.69 24.10 24.67
N GLN A 69 36.19 24.18 23.43
CA GLN A 69 35.08 23.29 23.11
C GLN A 69 35.49 21.90 22.67
N TYR A 70 36.80 21.66 22.44
CA TYR A 70 37.31 20.55 21.61
C TYR A 70 37.02 19.15 22.19
N LEU A 71 36.90 19.06 23.51
CA LEU A 71 36.72 17.78 24.19
C LEU A 71 35.35 17.15 23.97
N SER A 72 34.35 17.96 23.55
CA SER A 72 32.92 17.59 23.55
C SER A 72 32.59 16.44 22.62
N THR A 73 33.36 16.31 21.54
CA THR A 73 33.20 15.21 20.60
C THR A 73 33.53 13.86 21.22
N LEU A 74 34.40 13.86 22.24
CA LEU A 74 34.76 12.62 22.97
C LEU A 74 33.90 12.49 24.24
N ALA A 75 33.01 13.46 24.47
CA ALA A 75 32.38 13.66 25.80
C ALA A 75 30.94 13.13 25.79
N PHE A 76 29.97 14.04 25.69
CA PHE A 76 28.56 13.77 25.97
C PHE A 76 28.05 12.50 25.29
N ILE A 77 28.72 12.08 24.21
CA ILE A 77 28.40 10.82 23.57
C ILE A 77 28.69 9.59 24.44
N LEU A 78 29.68 9.67 25.35
CA LEU A 78 29.81 8.63 26.37
C LEU A 78 28.65 8.65 27.36
N VAL A 79 28.10 9.83 27.67
CA VAL A 79 26.87 9.92 28.43
C VAL A 79 25.65 9.40 27.63
N ILE A 80 25.66 9.54 26.29
CA ILE A 80 24.68 8.87 25.43
C ILE A 80 24.81 7.35 25.47
N ALA A 81 26.07 6.84 25.58
CA ALA A 81 26.31 5.42 25.84
C ALA A 81 25.84 4.98 27.22
N SER A 82 25.88 5.86 28.23
CA SER A 82 25.28 5.55 29.52
C SER A 82 23.77 5.42 29.47
N LEU A 83 23.09 6.18 28.62
CA LEU A 83 21.64 6.18 28.67
C LEU A 83 21.00 5.04 27.90
N VAL A 84 21.75 4.35 27.06
CA VAL A 84 21.20 3.32 26.21
C VAL A 84 21.33 1.91 26.82
N GLN A 85 22.40 1.63 27.55
CA GLN A 85 22.44 0.39 28.28
C GLN A 85 21.63 0.45 29.56
N PHE A 86 21.27 1.65 30.03
CA PHE A 86 20.16 1.76 30.97
C PHE A 86 18.81 1.36 30.36
N VAL A 87 18.59 1.65 29.06
CA VAL A 87 17.24 1.38 28.55
C VAL A 87 17.04 -0.01 27.95
N GLU A 88 18.12 -0.77 27.69
CA GLU A 88 17.93 -2.20 27.44
C GLU A 88 17.45 -2.96 28.67
N MET A 89 17.83 -2.49 29.87
CA MET A 89 17.26 -3.06 31.08
C MET A 89 15.77 -2.80 31.24
N VAL A 90 15.26 -1.64 30.79
CA VAL A 90 13.82 -1.44 30.93
C VAL A 90 13.00 -1.81 29.71
N ILE A 91 13.63 -2.10 28.56
CA ILE A 91 12.84 -2.73 27.50
C ILE A 91 12.41 -4.16 27.90
N LYS A 92 13.22 -4.86 28.70
CA LYS A 92 12.97 -6.22 29.14
C LYS A 92 12.11 -6.30 30.40
N LYS A 93 11.76 -5.15 31.00
CA LYS A 93 11.13 -5.07 32.31
C LYS A 93 9.74 -5.71 32.39
N VAL A 94 8.98 -5.70 31.29
CA VAL A 94 7.66 -6.32 31.25
C VAL A 94 7.57 -7.02 29.89
N SER A 95 7.86 -6.27 28.84
CA SER A 95 7.56 -6.65 27.46
C SER A 95 8.80 -6.47 26.61
N PRO A 96 9.78 -7.40 26.66
CA PRO A 96 10.96 -7.30 25.78
C PRO A 96 10.68 -7.27 24.30
N ASP A 97 9.86 -8.21 23.80
CA ASP A 97 9.75 -8.49 22.35
C ASP A 97 9.13 -7.28 21.64
N LEU A 98 8.72 -6.26 22.39
CA LEU A 98 8.11 -5.04 21.80
C LEU A 98 9.04 -4.50 20.70
N TYR A 99 10.30 -4.27 21.05
CA TYR A 99 11.31 -3.77 20.08
C TYR A 99 12.29 -4.90 19.73
N LYS A 100 12.00 -6.14 20.15
CA LYS A 100 12.94 -7.23 19.84
C LYS A 100 12.70 -7.88 18.48
N ALA A 101 11.60 -7.56 17.80
CA ALA A 101 11.23 -8.18 16.53
C ALA A 101 12.22 -7.88 15.39
N LEU A 102 12.92 -6.73 15.45
CA LEU A 102 14.11 -6.50 14.65
C LEU A 102 15.12 -5.85 15.59
N GLY A 103 15.73 -6.68 16.43
CA GLY A 103 16.66 -6.35 17.48
C GLY A 103 18.11 -6.20 17.08
N ILE A 104 18.43 -6.37 15.80
CA ILE A 104 19.74 -5.99 15.29
C ILE A 104 19.96 -4.47 15.32
N TYR A 105 18.85 -3.72 15.33
CA TYR A 105 18.91 -2.24 15.40
C TYR A 105 18.89 -1.80 16.87
N LEU A 106 18.76 -2.76 17.80
CA LEU A 106 18.68 -2.43 19.25
C LEU A 106 19.99 -1.78 19.70
N PRO A 107 21.17 -2.26 19.26
CA PRO A 107 22.44 -1.57 19.53
C PRO A 107 22.55 -0.22 18.80
N LEU A 108 22.27 -0.19 17.50
CA LEU A 108 22.29 1.08 16.77
C LEU A 108 21.45 2.16 17.45
N ILE A 109 20.62 1.83 18.45
CA ILE A 109 20.00 2.87 19.27
C ILE A 109 21.01 3.62 20.16
N THR A 110 22.19 3.03 20.45
CA THR A 110 23.32 3.84 20.94
C THR A 110 23.78 4.87 19.91
N THR A 111 23.71 4.51 18.63
CA THR A 111 24.50 5.18 17.62
C THR A 111 23.66 5.52 16.40
N ASN A 112 22.43 5.98 16.61
CA ASN A 112 21.71 6.65 15.52
C ASN A 112 22.41 7.93 15.14
N CYS A 113 22.54 8.13 13.84
CA CYS A 113 23.22 9.31 13.28
C CYS A 113 22.45 10.62 13.54
N ALA A 114 21.12 10.56 13.67
CA ALA A 114 20.37 11.73 14.13
C ALA A 114 20.58 12.13 15.59
N VAL A 115 20.78 11.16 16.50
CA VAL A 115 20.75 11.44 17.95
C VAL A 115 21.92 12.32 18.43
N LEU A 116 23.11 12.18 17.82
CA LEU A 116 24.14 13.20 17.96
C LEU A 116 23.73 14.51 17.28
N GLY A 117 22.97 14.41 16.19
CA GLY A 117 22.79 15.56 15.32
C GLY A 117 21.76 16.59 15.74
N MET A 118 20.92 16.27 16.73
CA MET A 118 20.29 17.39 17.43
C MET A 118 21.25 18.05 18.38
N ALA A 119 22.13 17.25 19.02
CA ALA A 119 23.03 17.67 20.12
C ALA A 119 24.22 18.43 19.56
N VAL A 120 24.87 17.90 18.53
CA VAL A 120 25.95 18.73 17.94
C VAL A 120 25.23 19.92 17.36
N ILE A 121 24.01 19.74 16.87
CA ILE A 121 23.28 20.92 16.33
C ILE A 121 22.99 21.88 17.46
N ASN A 122 22.62 21.36 18.64
CA ASN A 122 22.35 22.18 19.84
C ASN A 122 23.65 22.86 20.31
N SER A 123 24.76 22.15 20.14
CA SER A 123 26.11 22.62 20.52
C SER A 123 26.77 23.36 19.35
N ASN A 124 26.03 23.73 18.32
CA ASN A 124 26.73 24.52 17.28
C ASN A 124 25.96 25.80 17.02
N GLU A 125 25.07 26.14 17.94
CA GLU A 125 24.30 27.37 17.97
C GLU A 125 24.22 28.02 19.35
N LYS A 126 24.67 27.30 20.40
CA LYS A 126 24.66 27.72 21.81
C LYS A 126 23.27 28.15 22.33
N TYR A 127 22.27 27.30 22.08
CA TYR A 127 20.88 27.55 22.47
C TYR A 127 20.68 27.62 23.99
N ASN A 128 19.74 28.48 24.40
CA ASN A 128 19.21 28.46 25.79
C ASN A 128 18.34 27.22 25.99
N LEU A 129 18.23 26.75 27.24
CA LEU A 129 17.90 25.34 27.57
C LEU A 129 16.61 24.92 26.86
N ILE A 130 15.48 25.50 27.26
CA ILE A 130 14.15 24.96 26.90
C ILE A 130 13.89 24.96 25.39
N GLN A 131 14.55 25.85 24.64
CA GLN A 131 14.55 25.73 23.18
C GLN A 131 15.25 24.47 22.69
N SER A 132 16.32 24.04 23.38
CA SER A 132 16.96 22.76 23.07
C SER A 132 16.08 21.57 23.44
N ILE A 133 15.24 21.70 24.47
CA ILE A 133 14.45 20.53 24.87
C ILE A 133 13.21 20.39 23.98
N ILE A 134 12.57 21.51 23.61
CA ILE A 134 11.50 21.43 22.62
C ILE A 134 12.02 21.09 21.21
N ASN A 135 13.29 21.45 20.88
CA ASN A 135 13.94 20.91 19.68
C ASN A 135 14.17 19.40 19.73
N SER A 136 14.39 18.87 20.93
CA SER A 136 14.54 17.42 21.08
C SER A 136 13.22 16.68 20.93
N VAL A 137 12.16 17.16 21.58
CA VAL A 137 10.84 16.55 21.47
C VAL A 137 10.26 16.70 20.06
N GLY A 138 10.58 17.79 19.35
CA GLY A 138 10.14 17.89 17.97
C GLY A 138 10.91 17.06 16.98
N ALA A 139 12.23 16.85 17.21
CA ALA A 139 12.95 15.86 16.40
C ALA A 139 12.53 14.42 16.69
N ALA A 140 12.10 14.14 17.93
CA ALA A 140 11.65 12.78 18.23
C ALA A 140 10.27 12.50 17.68
N LEU A 141 9.35 13.47 17.78
CA LEU A 141 8.05 13.36 17.13
C LEU A 141 8.14 13.38 15.60
N GLY A 142 9.13 14.07 15.02
CA GLY A 142 9.27 14.01 13.57
C GLY A 142 9.92 12.73 13.08
N PHE A 143 10.84 12.17 13.86
CA PHE A 143 11.42 10.86 13.57
C PHE A 143 10.41 9.74 13.72
N THR A 144 9.58 9.80 14.79
CA THR A 144 8.48 8.86 15.00
C THR A 144 7.39 8.99 13.94
N LEU A 145 7.19 10.21 13.43
CA LEU A 145 6.15 10.45 12.46
C LEU A 145 6.54 9.93 11.08
N ALA A 146 7.78 10.21 10.64
CA ALA A 146 8.27 9.63 9.39
C ALA A 146 8.44 8.12 9.44
N LEU A 147 8.81 7.55 10.60
CA LEU A 147 8.94 6.10 10.69
C LEU A 147 7.61 5.38 10.66
N VAL A 148 6.59 5.94 11.33
CA VAL A 148 5.24 5.42 11.25
C VAL A 148 4.61 5.63 9.85
N LEU A 149 5.00 6.70 9.13
CA LEU A 149 4.46 6.92 7.79
C LEU A 149 5.05 5.96 6.76
N LEU A 150 6.36 5.69 6.85
CA LEU A 150 6.95 4.61 6.07
C LEU A 150 6.42 3.23 6.47
N ALA A 151 6.06 3.05 7.75
CA ALA A 151 5.42 1.80 8.18
C ALA A 151 4.03 1.61 7.59
N GLY A 152 3.31 2.70 7.36
CA GLY A 152 2.06 2.54 6.66
C GLY A 152 2.22 2.34 5.18
N ILE A 153 3.33 2.77 4.59
CA ILE A 153 3.56 2.42 3.18
C ILE A 153 4.01 0.97 3.04
N ARG A 154 4.92 0.53 3.90
CA ARG A 154 5.46 -0.81 3.77
C ARG A 154 4.54 -1.91 4.26
N GLU A 155 3.47 -1.60 5.00
CA GLU A 155 2.40 -2.58 5.13
C GLU A 155 1.66 -2.80 3.81
N LYS A 156 1.57 -1.79 2.96
CA LYS A 156 0.90 -1.96 1.68
C LYS A 156 1.81 -2.62 0.65
N MET A 157 3.10 -2.26 0.68
CA MET A 157 4.09 -2.81 -0.26
C MET A 157 4.41 -4.28 -0.04
N GLU A 158 4.19 -4.81 1.15
CA GLU A 158 4.33 -6.25 1.37
C GLU A 158 3.13 -7.05 0.87
N THR A 159 2.03 -6.40 0.52
CA THR A 159 0.84 -7.09 0.07
C THR A 159 0.49 -6.50 -1.31
N ASN A 160 1.47 -6.59 -2.23
CA ASN A 160 1.33 -6.11 -3.60
C ASN A 160 2.26 -6.92 -4.50
N GLU A 161 1.70 -7.86 -5.25
CA GLU A 161 2.50 -8.77 -6.07
C GLU A 161 3.09 -8.15 -7.34
N TYR A 162 2.60 -6.98 -7.78
CA TYR A 162 2.83 -6.52 -9.15
C TYR A 162 4.18 -5.88 -9.39
N ILE A 163 4.97 -5.63 -8.34
CA ILE A 163 6.27 -4.94 -8.36
C ILE A 163 7.27 -5.82 -9.10
N PRO A 164 8.18 -5.25 -9.94
CA PRO A 164 9.17 -6.05 -10.66
C PRO A 164 10.16 -6.78 -9.75
N GLU A 165 10.39 -8.02 -10.15
CA GLU A 165 11.17 -9.03 -9.40
C GLU A 165 12.37 -8.40 -8.72
N ALA A 166 13.32 -7.88 -9.50
CA ALA A 166 14.55 -7.35 -8.91
C ALA A 166 14.30 -6.36 -7.78
N LEU A 167 13.18 -5.64 -7.84
CA LEU A 167 12.92 -4.50 -6.97
C LEU A 167 12.37 -4.85 -5.60
N LYS A 168 12.04 -6.12 -5.35
CA LYS A 168 11.27 -6.55 -4.19
C LYS A 168 12.01 -6.33 -2.87
N GLY A 169 11.24 -6.03 -1.82
CA GLY A 169 11.81 -5.57 -0.58
C GLY A 169 12.37 -4.18 -0.64
N LEU A 170 13.63 -4.02 -0.26
CA LEU A 170 14.30 -2.75 0.04
C LEU A 170 14.37 -1.60 -0.99
N PRO A 171 14.76 -1.76 -2.30
CA PRO A 171 14.98 -0.58 -3.20
C PRO A 171 13.80 0.36 -3.43
N ILE A 172 12.58 -0.19 -3.43
CA ILE A 172 11.35 0.58 -3.53
C ILE A 172 11.15 1.49 -2.32
N THR A 173 11.66 1.07 -1.14
CA THR A 173 11.66 1.91 0.05
C THR A 173 12.54 3.14 -0.09
N LEU A 174 13.67 3.01 -0.83
CA LEU A 174 14.44 4.19 -1.21
C LEU A 174 13.72 5.07 -2.21
N VAL A 175 12.89 4.48 -3.07
CA VAL A 175 12.01 5.27 -3.91
C VAL A 175 10.92 5.97 -3.09
N THR A 176 10.51 5.37 -1.97
CA THR A 176 9.42 6.09 -1.27
C THR A 176 10.01 7.27 -0.51
N ALA A 177 10.95 6.98 0.35
CA ALA A 177 11.47 7.96 1.29
C ALA A 177 11.95 9.23 0.61
N GLY A 178 12.52 9.10 -0.59
CA GLY A 178 12.89 10.29 -1.32
C GLY A 178 11.69 10.99 -1.93
N LEU A 179 10.66 10.22 -2.32
CA LEU A 179 9.37 10.79 -2.66
C LEU A 179 8.69 11.39 -1.46
N MET A 180 8.92 10.80 -0.26
CA MET A 180 8.42 11.38 0.98
C MET A 180 9.12 12.70 1.27
N ALA A 181 10.41 12.79 0.89
CA ALA A 181 11.15 14.05 0.93
C ALA A 181 10.63 15.07 -0.06
N ILE A 182 10.08 14.61 -1.20
CA ILE A 182 9.43 15.45 -2.20
C ILE A 182 8.18 16.09 -1.62
N ALA A 183 7.49 15.37 -0.72
CA ALA A 183 6.37 15.94 0.00
C ALA A 183 6.77 17.03 0.99
N PHE A 184 7.97 16.94 1.57
CA PHE A 184 8.24 17.92 2.63
C PHE A 184 8.94 19.18 2.12
N LEU A 185 9.37 19.16 0.85
CA LEU A 185 10.15 20.22 0.19
C LEU A 185 9.36 21.51 0.04
N GLY A 186 8.04 21.43 0.03
CA GLY A 186 7.21 22.61 -0.08
C GLY A 186 6.96 23.33 1.20
N PHE A 187 7.50 22.85 2.31
CA PHE A 187 7.33 23.57 3.55
C PHE A 187 8.32 24.74 3.72
N GLN A 188 9.28 24.93 2.78
CA GLN A 188 10.52 25.70 2.99
C GLN A 188 10.30 27.16 3.30
N GLY A 189 9.25 27.76 2.77
CA GLY A 189 8.94 29.11 3.18
C GLY A 189 8.16 29.29 4.46
N LEU A 190 7.58 28.23 5.06
CA LEU A 190 6.86 28.43 6.33
C LEU A 190 7.78 28.82 7.48
N ILE A 191 9.02 28.35 7.48
CA ILE A 191 10.04 28.67 8.48
C ILE A 191 11.32 28.56 7.66
N MET B 1 51.89 21.43 30.95
CA MET B 1 51.54 20.27 31.77
C MET B 1 50.33 20.58 32.65
N GLU B 2 50.28 21.80 33.19
CA GLU B 2 49.21 22.21 34.10
C GLU B 2 47.83 22.25 33.42
N GLY B 3 47.78 22.55 32.13
CA GLY B 3 46.51 22.41 31.44
C GLY B 3 46.15 21.01 31.00
N LEU B 4 47.11 20.07 30.98
CA LEU B 4 46.80 18.68 30.66
C LEU B 4 45.94 17.98 31.71
N LEU B 5 46.06 18.35 32.99
CA LEU B 5 45.29 17.70 34.07
C LEU B 5 43.79 17.98 34.00
N PHE B 6 43.43 19.15 33.49
CA PHE B 6 42.03 19.55 33.34
C PHE B 6 41.16 18.63 32.48
N PRO B 7 41.56 18.16 31.26
CA PRO B 7 40.78 17.10 30.61
C PRO B 7 40.62 15.79 31.37
N VAL B 8 41.56 15.33 32.18
CA VAL B 8 41.31 14.05 32.82
C VAL B 8 40.49 14.20 34.10
N LEU B 9 40.74 15.24 34.92
CA LEU B 9 39.86 15.45 36.08
C LEU B 9 38.46 15.92 35.68
N SER B 10 38.34 16.73 34.61
CA SER B 10 37.02 17.13 34.12
C SER B 10 36.24 15.98 33.50
N LEU B 11 36.94 14.99 32.92
CA LEU B 11 36.30 13.74 32.53
C LEU B 11 35.83 12.92 33.73
N GLY B 12 36.50 13.05 34.87
CA GLY B 12 36.19 12.22 36.00
C GLY B 12 35.01 12.66 36.81
N GLY B 13 34.47 13.85 36.53
CA GLY B 13 33.19 14.20 37.09
C GLY B 13 32.00 13.60 36.37
N LEU B 14 32.19 13.04 35.17
CA LEU B 14 31.31 12.01 34.64
C LEU B 14 31.91 10.61 34.70
N GLY B 15 33.12 10.45 35.25
CA GLY B 15 34.01 9.31 35.02
C GLY B 15 33.62 7.90 35.43
N VAL B 16 33.74 7.54 36.72
CA VAL B 16 33.20 6.27 37.21
C VAL B 16 31.68 6.25 37.11
N VAL B 17 31.04 7.43 37.28
CA VAL B 17 29.68 7.55 37.83
C VAL B 17 28.59 7.01 36.91
N PHE B 18 28.83 6.98 35.58
CA PHE B 18 27.96 6.17 34.74
C PHE B 18 28.09 4.64 34.95
N GLY B 19 29.26 4.11 35.32
CA GLY B 19 29.28 2.71 35.68
C GLY B 19 28.85 2.44 37.11
N LEU B 20 28.79 3.49 37.95
CA LEU B 20 28.07 3.37 39.21
C LEU B 20 26.58 3.18 38.99
N LEU B 21 26.00 3.80 37.96
CA LEU B 21 24.58 3.61 37.72
C LEU B 21 24.28 2.37 36.91
N LEU B 22 25.30 1.71 36.39
CA LEU B 22 25.05 0.66 35.42
C LEU B 22 24.99 -0.71 36.06
N GLY B 23 26.15 -1.24 36.47
CA GLY B 23 26.16 -2.60 36.99
C GLY B 23 25.64 -2.75 38.40
N TYR B 24 25.56 -1.65 39.19
CA TYR B 24 24.74 -1.67 40.40
C TYR B 24 23.26 -1.80 40.10
N ALA B 25 22.81 -1.26 38.94
CA ALA B 25 21.44 -1.51 38.52
C ALA B 25 21.30 -2.76 37.67
N SER B 26 22.36 -3.12 36.90
CA SER B 26 22.30 -4.39 36.16
C SER B 26 22.29 -5.62 37.06
N LYS B 27 22.94 -5.57 38.23
CA LYS B 27 22.79 -6.65 39.21
C LYS B 27 21.39 -6.72 39.82
N LYS B 28 20.68 -5.57 39.88
CA LYS B 28 19.27 -5.55 40.27
C LYS B 28 18.37 -6.25 39.26
N PHE B 29 18.76 -6.28 37.99
CA PHE B 29 17.85 -6.69 36.93
C PHE B 29 18.58 -7.24 35.70
N ALA B 30 19.38 -8.28 35.86
CA ALA B 30 19.92 -8.98 34.69
C ALA B 30 19.00 -10.12 34.31
N SER B 95 17.03 -39.24 10.28
CA SER B 95 16.96 -38.86 8.88
C SER B 95 17.18 -40.07 7.96
N SER B 96 16.61 -40.01 6.77
CA SER B 96 16.61 -41.09 5.80
C SER B 96 17.39 -40.69 4.56
N GLU B 97 17.16 -41.42 3.46
CA GLU B 97 17.43 -40.87 2.14
C GLU B 97 16.43 -39.74 1.94
N PRO B 98 16.87 -38.55 1.46
CA PRO B 98 15.95 -37.40 1.32
C PRO B 98 14.79 -37.61 0.34
N LYS B 99 13.66 -37.06 0.73
CA LYS B 99 12.41 -37.07 -0.02
C LYS B 99 12.46 -36.03 -1.12
N LYS B 100 11.61 -36.23 -2.13
CA LYS B 100 11.51 -35.30 -3.28
C LYS B 100 10.08 -35.32 -3.80
N ALA B 101 9.49 -34.13 -4.02
CA ALA B 101 8.15 -34.00 -4.57
C ALA B 101 8.02 -34.68 -5.92
N TYR B 102 6.84 -35.26 -6.18
CA TYR B 102 6.55 -35.68 -7.54
C TYR B 102 5.08 -35.45 -7.82
N VAL B 103 4.80 -34.92 -9.01
CA VAL B 103 3.45 -34.84 -9.54
C VAL B 103 2.93 -36.23 -9.85
N LYS B 104 1.67 -36.48 -9.52
CA LYS B 104 1.04 -37.71 -10.00
C LYS B 104 -0.04 -37.35 -10.99
N CYS B 105 0.32 -36.72 -12.11
CA CYS B 105 -0.64 -36.43 -13.15
C CYS B 105 0.09 -36.35 -14.48
N GLN B 106 -0.58 -36.80 -15.54
CA GLN B 106 0.01 -36.78 -16.88
C GLN B 106 -0.76 -35.93 -17.89
N GLY B 107 -1.72 -35.13 -17.45
CA GLY B 107 -2.72 -34.59 -18.36
C GLY B 107 -2.30 -33.42 -19.23
N THR B 108 -1.42 -33.71 -20.20
CA THR B 108 -1.15 -32.79 -21.34
C THR B 108 -2.42 -32.66 -22.20
N CYS B 109 -2.76 -31.40 -22.50
CA CYS B 109 -3.96 -30.91 -23.23
C CYS B 109 -4.71 -32.00 -23.98
N ASP B 110 -4.06 -32.61 -24.97
CA ASP B 110 -4.67 -33.62 -25.83
C ASP B 110 -5.11 -34.88 -25.08
N LYS B 111 -4.42 -35.26 -23.99
CA LYS B 111 -4.70 -36.55 -23.38
C LYS B 111 -5.93 -36.54 -22.47
N ALA B 112 -6.47 -35.38 -22.15
CA ALA B 112 -7.70 -35.35 -21.37
C ALA B 112 -8.52 -34.17 -21.80
N LYS B 113 -9.79 -34.42 -22.12
CA LYS B 113 -10.73 -33.34 -22.32
C LYS B 113 -10.99 -32.63 -21.01
N GLU B 114 -11.03 -31.31 -21.07
CA GLU B 114 -11.68 -30.51 -20.06
C GLU B 114 -13.15 -30.40 -20.42
N LYS B 115 -14.02 -30.50 -19.42
CA LYS B 115 -15.45 -30.34 -19.70
C LYS B 115 -15.86 -28.90 -20.06
N TYR B 116 -15.12 -27.88 -19.62
CA TYR B 116 -15.68 -26.54 -19.73
C TYR B 116 -14.61 -25.45 -19.76
N GLU B 117 -14.93 -24.36 -20.48
CA GLU B 117 -14.18 -23.12 -20.43
C GLU B 117 -14.28 -22.47 -19.05
N TYR B 118 -13.17 -21.91 -18.58
CA TYR B 118 -13.05 -21.49 -17.19
C TYR B 118 -12.77 -19.99 -17.08
N TYR B 119 -13.78 -19.22 -16.74
CA TYR B 119 -13.53 -17.92 -16.11
C TYR B 119 -12.95 -18.17 -14.73
N GLY B 120 -12.01 -17.33 -14.29
CA GLY B 120 -11.48 -17.50 -12.96
C GLY B 120 -10.13 -16.87 -12.71
N ALA B 121 -9.62 -17.13 -11.50
CA ALA B 121 -8.45 -16.49 -10.93
C ALA B 121 -7.12 -16.79 -11.61
N MET B 122 -7.03 -17.91 -12.32
CA MET B 122 -5.77 -18.58 -12.70
C MET B 122 -4.87 -18.85 -11.50
N THR B 123 -5.47 -19.32 -10.40
CA THR B 123 -4.73 -20.00 -9.34
C THR B 123 -5.47 -21.29 -9.03
N CYS B 124 -4.70 -22.38 -8.82
CA CYS B 124 -5.29 -23.71 -8.56
C CYS B 124 -6.09 -23.80 -7.26
N VAL B 125 -5.67 -23.09 -6.20
CA VAL B 125 -6.38 -23.13 -4.92
C VAL B 125 -7.74 -22.43 -5.00
N ASP B 126 -7.88 -21.43 -5.86
CA ASP B 126 -9.16 -20.80 -6.12
C ASP B 126 -10.14 -21.69 -6.87
N ALA B 127 -9.63 -22.60 -7.69
CA ALA B 127 -10.49 -23.30 -8.63
C ALA B 127 -11.26 -24.46 -8.01
N ALA B 128 -10.93 -24.84 -6.77
CA ALA B 128 -11.70 -25.84 -6.03
C ALA B 128 -13.12 -25.39 -5.70
N ASN B 129 -13.36 -24.10 -5.57
CA ASN B 129 -14.57 -23.63 -4.89
C ASN B 129 -15.57 -23.03 -5.86
N ILE B 130 -15.72 -23.70 -6.99
CA ILE B 130 -16.57 -23.33 -8.12
C ILE B 130 -17.29 -24.65 -8.38
N PRO B 131 -18.51 -24.67 -8.94
CA PRO B 131 -19.11 -25.92 -9.40
C PRO B 131 -18.30 -26.61 -10.48
N GLY B 132 -18.31 -27.93 -10.43
CA GLY B 132 -17.52 -28.77 -11.30
C GLY B 132 -16.12 -29.07 -10.83
N ALA B 133 -15.72 -28.51 -9.67
CA ALA B 133 -14.46 -28.77 -8.94
C ALA B 133 -13.21 -28.55 -9.78
N GLY B 134 -13.23 -27.53 -10.60
CA GLY B 134 -12.15 -27.23 -11.51
C GLY B 134 -12.30 -27.90 -12.87
N SER B 135 -11.47 -27.43 -13.81
CA SER B 135 -11.68 -27.58 -15.25
C SER B 135 -11.59 -29.01 -15.78
N LYS B 136 -10.85 -29.90 -15.12
CA LYS B 136 -10.66 -31.27 -15.62
C LYS B 136 -11.90 -32.15 -15.47
N THR B 137 -12.11 -33.07 -16.43
CA THR B 137 -13.12 -34.11 -16.29
C THR B 137 -12.82 -35.07 -15.16
N CYS B 138 -11.54 -35.37 -14.94
CA CYS B 138 -11.07 -36.06 -13.75
C CYS B 138 -11.23 -35.11 -12.58
N GLY B 139 -11.68 -35.63 -11.43
CA GLY B 139 -11.71 -34.73 -10.29
C GLY B 139 -10.38 -34.56 -9.62
N PHE B 140 -9.42 -35.42 -9.93
CA PHE B 140 -8.25 -35.57 -9.10
C PHE B 140 -6.93 -35.11 -9.74
N GLY B 141 -6.92 -34.67 -11.01
CA GLY B 141 -5.67 -34.18 -11.56
C GLY B 141 -5.40 -32.76 -11.14
N CYS B 142 -4.17 -32.30 -11.36
CA CYS B 142 -3.95 -30.87 -11.30
C CYS B 142 -4.57 -30.13 -12.49
N LEU B 143 -5.08 -28.95 -12.18
CA LEU B 143 -5.65 -27.99 -13.10
C LEU B 143 -4.65 -27.36 -14.06
N GLY B 144 -3.37 -27.28 -13.70
CA GLY B 144 -2.42 -26.52 -14.49
C GLY B 144 -2.37 -25.03 -14.23
N LEU B 145 -3.13 -24.52 -13.27
CA LEU B 145 -3.18 -23.08 -13.04
C LEU B 145 -1.96 -22.56 -12.30
N GLY B 146 -1.12 -23.43 -11.72
CA GLY B 146 0.18 -22.97 -11.29
C GLY B 146 0.29 -22.16 -10.01
N SER B 147 -0.61 -22.35 -9.03
CA SER B 147 -0.40 -21.67 -7.74
C SER B 147 0.80 -22.21 -6.96
N CYS B 148 1.25 -23.45 -7.21
CA CYS B 148 2.38 -23.99 -6.46
C CYS B 148 3.74 -23.45 -6.91
N VAL B 149 3.84 -22.78 -8.07
CA VAL B 149 5.10 -22.09 -8.39
C VAL B 149 5.37 -20.90 -7.44
N GLN B 150 4.31 -20.28 -6.88
CA GLN B 150 4.45 -19.18 -5.92
C GLN B 150 5.08 -19.60 -4.60
N VAL B 151 4.87 -20.84 -4.16
CA VAL B 151 5.38 -21.19 -2.85
C VAL B 151 6.82 -21.74 -2.92
N CYS B 152 7.20 -22.39 -4.03
CA CYS B 152 8.54 -22.97 -4.12
C CYS B 152 9.45 -21.88 -4.66
N ALA B 153 10.04 -21.10 -3.73
CA ALA B 153 10.98 -20.04 -4.06
C ALA B 153 12.29 -20.56 -4.65
N PHE B 154 12.64 -21.81 -4.33
CA PHE B 154 13.76 -22.53 -4.93
C PHE B 154 13.60 -22.79 -6.43
N ASP B 155 12.35 -22.80 -6.92
CA ASP B 155 11.95 -22.90 -8.34
C ASP B 155 12.43 -24.18 -9.01
N ALA B 156 12.32 -25.30 -8.31
CA ALA B 156 12.33 -26.60 -8.99
C ALA B 156 11.13 -26.79 -9.91
N ILE B 157 9.97 -26.24 -9.57
CA ILE B 157 8.75 -26.61 -10.34
C ILE B 157 8.45 -25.72 -11.55
N HIS B 158 8.29 -26.35 -12.73
CA HIS B 158 7.82 -25.65 -13.91
C HIS B 158 6.46 -26.25 -14.28
N VAL B 159 5.46 -25.39 -14.41
CA VAL B 159 4.30 -25.77 -15.19
C VAL B 159 4.74 -25.89 -16.65
N GLU B 160 4.23 -26.92 -17.34
CA GLU B 160 4.18 -26.92 -18.80
C GLU B 160 2.96 -27.73 -19.22
N ASN B 161 2.34 -27.29 -20.32
CA ASN B 161 1.20 -27.95 -21.02
C ASN B 161 -0.03 -28.23 -20.13
N GLY B 162 -0.27 -27.38 -19.15
CA GLY B 162 -1.35 -27.67 -18.22
C GLY B 162 -1.06 -28.67 -17.10
N ILE B 163 0.20 -29.06 -16.86
CA ILE B 163 0.54 -29.83 -15.67
C ILE B 163 1.73 -29.19 -14.97
N ALA B 164 1.83 -29.41 -13.66
CA ALA B 164 3.10 -29.20 -12.98
C ALA B 164 4.05 -30.35 -13.29
N VAL B 165 5.37 -30.06 -13.27
CA VAL B 165 6.46 -31.04 -13.25
C VAL B 165 7.57 -30.45 -12.36
N VAL B 166 7.93 -31.16 -11.28
CA VAL B 166 9.15 -30.86 -10.54
C VAL B 166 10.37 -31.14 -11.41
N ASP B 167 11.37 -30.23 -11.44
CA ASP B 167 12.69 -30.68 -11.88
C ASP B 167 13.28 -31.62 -10.85
N GLU B 168 13.86 -32.74 -11.33
CA GLU B 168 14.26 -33.83 -10.44
C GLU B 168 15.48 -33.52 -9.56
N GLU B 169 16.29 -32.54 -9.93
CA GLU B 169 17.56 -32.31 -9.17
C GLU B 169 17.61 -31.00 -8.36
N ALA B 170 16.61 -30.12 -8.45
CA ALA B 170 16.65 -28.86 -7.70
C ALA B 170 15.91 -28.88 -6.37
N CYS B 171 14.89 -29.73 -6.23
CA CYS B 171 13.97 -29.68 -5.10
C CYS B 171 14.59 -30.06 -3.76
N THR B 172 14.25 -29.29 -2.72
CA THR B 172 14.80 -29.54 -1.38
C THR B 172 14.03 -30.57 -0.58
N GLY B 173 12.86 -31.00 -1.04
CA GLY B 173 12.02 -31.72 -0.12
C GLY B 173 11.26 -30.87 0.86
N CYS B 174 11.20 -29.53 0.65
CA CYS B 174 10.66 -28.61 1.66
C CYS B 174 9.16 -28.78 1.92
N GLY B 175 8.41 -29.32 0.97
CA GLY B 175 7.17 -30.01 1.30
C GLY B 175 5.96 -29.15 1.50
N ALA B 176 6.08 -27.83 1.34
CA ALA B 176 4.90 -26.95 1.34
C ALA B 176 4.02 -27.14 0.11
N CYS B 177 4.58 -27.65 -1.00
CA CYS B 177 3.84 -27.84 -2.24
C CYS B 177 2.77 -28.91 -2.17
N VAL B 178 2.85 -29.87 -1.24
CA VAL B 178 1.76 -30.82 -1.05
C VAL B 178 0.53 -30.12 -0.47
N SER B 179 0.74 -29.34 0.61
CA SER B 179 -0.35 -28.69 1.34
C SER B 179 -1.10 -27.61 0.57
N ILE B 180 -0.43 -26.92 -0.37
CA ILE B 180 -1.09 -25.90 -1.16
C ILE B 180 -2.10 -26.46 -2.17
N CYS B 181 -1.94 -27.73 -2.62
CA CYS B 181 -2.83 -28.26 -3.66
C CYS B 181 -4.13 -28.72 -3.02
N PRO B 182 -5.29 -28.21 -3.45
CA PRO B 182 -6.55 -28.89 -3.08
C PRO B 182 -6.67 -30.31 -3.57
N LYS B 183 -6.12 -30.65 -4.73
CA LYS B 183 -6.29 -31.99 -5.25
C LYS B 183 -5.30 -33.00 -4.71
N SER B 184 -4.26 -32.53 -3.99
CA SER B 184 -3.17 -33.32 -3.37
C SER B 184 -2.45 -34.24 -4.35
N VAL B 185 -2.23 -33.75 -5.58
CA VAL B 185 -1.58 -34.52 -6.64
C VAL B 185 -0.12 -34.86 -6.33
N ILE B 186 0.56 -33.98 -5.60
CA ILE B 186 1.95 -34.23 -5.19
C ILE B 186 2.02 -35.35 -4.16
N GLU B 187 3.03 -36.21 -4.30
CA GLU B 187 3.40 -37.10 -3.22
C GLU B 187 4.91 -37.03 -3.12
N LEU B 188 5.42 -36.87 -1.91
CA LEU B 188 6.85 -37.05 -1.70
C LEU B 188 7.21 -38.53 -1.88
N THR B 189 8.35 -38.76 -2.53
CA THR B 189 8.87 -40.09 -2.80
C THR B 189 10.36 -40.08 -2.48
N PRO B 190 10.95 -41.23 -2.17
CA PRO B 190 12.41 -41.32 -2.22
C PRO B 190 12.91 -41.11 -3.64
N MET B 191 14.07 -40.44 -3.75
CA MET B 191 14.69 -40.20 -5.05
C MET B 191 15.18 -41.47 -5.74
N SER B 192 15.65 -42.46 -4.96
CA SER B 192 16.21 -43.68 -5.54
C SER B 192 15.21 -44.59 -6.23
N LYS B 193 13.95 -44.57 -5.80
CA LYS B 193 12.99 -45.62 -6.17
C LYS B 193 12.26 -45.23 -7.44
N LYS B 194 12.95 -45.50 -8.56
CA LYS B 194 12.68 -44.86 -9.86
C LYS B 194 11.35 -45.19 -10.52
N VAL B 195 10.77 -46.37 -10.30
CA VAL B 195 9.41 -46.60 -10.80
C VAL B 195 8.45 -45.73 -10.00
N ARG B 196 7.52 -45.06 -10.68
CA ARG B 196 6.61 -44.16 -9.93
C ARG B 196 5.25 -44.09 -10.63
N ILE B 197 4.18 -44.16 -9.83
CA ILE B 197 2.81 -44.04 -10.31
C ILE B 197 2.51 -42.62 -10.76
N SER B 198 1.57 -42.48 -11.70
CA SER B 198 1.24 -41.14 -12.16
C SER B 198 -0.24 -40.90 -12.47
N CYS B 199 -1.15 -41.28 -11.56
CA CYS B 199 -2.47 -40.63 -11.47
C CYS B 199 -2.98 -40.68 -10.05
N ASN B 200 -3.93 -39.79 -9.80
CA ASN B 200 -4.59 -39.62 -8.52
C ASN B 200 -6.00 -40.21 -8.47
N SER B 201 -6.42 -41.00 -9.47
CA SER B 201 -7.82 -41.37 -9.67
C SER B 201 -8.44 -42.23 -8.56
N HIS B 202 -9.70 -41.96 -8.29
CA HIS B 202 -10.45 -42.66 -7.26
C HIS B 202 -11.81 -43.04 -7.89
N ASP B 203 -11.75 -43.83 -8.95
CA ASP B 203 -12.93 -43.99 -9.79
C ASP B 203 -12.88 -45.34 -10.49
N LYS B 204 -14.07 -45.81 -10.87
CA LYS B 204 -14.18 -46.87 -11.86
C LYS B 204 -13.65 -46.36 -13.20
N GLY B 205 -12.98 -47.26 -13.93
CA GLY B 205 -12.24 -46.79 -15.08
C GLY B 205 -13.04 -46.56 -16.34
N ILE B 206 -14.31 -46.98 -16.40
CA ILE B 206 -15.17 -46.54 -17.51
C ILE B 206 -15.42 -45.02 -17.47
N GLU B 207 -15.49 -44.44 -16.27
CA GLU B 207 -15.46 -42.98 -16.15
C GLU B 207 -14.08 -42.36 -16.46
N VAL B 208 -12.99 -43.12 -16.29
CA VAL B 208 -11.71 -42.68 -16.86
C VAL B 208 -11.71 -42.74 -18.39
N LYS B 209 -12.40 -43.76 -18.92
CA LYS B 209 -12.49 -44.02 -20.38
C LYS B 209 -12.82 -42.73 -21.14
N ASN B 210 -13.96 -42.11 -20.85
CA ASN B 210 -14.34 -40.89 -21.58
C ASN B 210 -13.50 -39.68 -21.19
N ALA B 211 -12.62 -39.81 -20.20
CA ALA B 211 -11.93 -38.68 -19.61
C ALA B 211 -10.45 -38.63 -19.92
N CYS B 212 -9.68 -39.60 -19.43
CA CYS B 212 -8.22 -39.55 -19.48
C CYS B 212 -7.73 -40.82 -20.15
N SER B 213 -7.13 -40.68 -21.33
CA SER B 213 -6.51 -41.82 -22.00
C SER B 213 -5.29 -42.37 -21.26
N VAL B 214 -4.59 -41.53 -20.50
CA VAL B 214 -3.41 -41.99 -19.78
C VAL B 214 -3.75 -42.72 -18.49
N GLY B 215 -5.02 -42.69 -18.07
CA GLY B 215 -5.37 -42.98 -16.69
C GLY B 215 -5.25 -44.43 -16.31
N CYS B 216 -5.02 -44.67 -15.02
CA CYS B 216 -5.19 -46.03 -14.52
C CYS B 216 -6.67 -46.38 -14.55
N LEU B 217 -6.96 -47.61 -14.97
CA LEU B 217 -8.37 -48.07 -15.16
C LEU B 217 -8.78 -48.94 -13.97
N SER B 218 -8.09 -48.80 -12.83
CA SER B 218 -8.22 -49.75 -11.71
C SER B 218 -8.18 -51.18 -12.24
N CYS B 219 -7.42 -51.40 -13.32
CA CYS B 219 -7.49 -52.62 -14.11
C CYS B 219 -6.96 -53.85 -13.38
N GLY B 220 -6.04 -53.67 -12.45
CA GLY B 220 -5.86 -54.65 -11.40
C GLY B 220 -5.00 -55.85 -11.74
N LEU B 221 -4.43 -55.92 -12.95
CA LEU B 221 -3.45 -56.96 -13.25
C LEU B 221 -2.16 -56.81 -12.47
N CYS B 222 -1.81 -55.56 -12.11
CA CYS B 222 -0.52 -55.24 -11.50
C CYS B 222 -0.33 -55.85 -10.12
N VAL B 223 -1.41 -56.03 -9.34
CA VAL B 223 -1.27 -56.78 -8.09
C VAL B 223 -1.01 -58.28 -8.32
N ARG B 224 -1.51 -58.85 -9.44
CA ARG B 224 -1.18 -60.23 -9.77
C ARG B 224 0.28 -60.42 -10.17
N ASN B 225 0.91 -59.38 -10.74
CA ASN B 225 2.15 -59.58 -11.46
C ASN B 225 3.41 -59.13 -10.74
N CYS B 226 3.31 -58.54 -9.54
CA CYS B 226 4.52 -58.09 -8.86
C CYS B 226 4.97 -59.17 -7.90
N PRO B 227 6.18 -59.76 -8.09
CA PRO B 227 6.72 -60.67 -7.07
C PRO B 227 6.95 -60.10 -5.67
N SER B 228 7.43 -58.85 -5.63
CA SER B 228 7.74 -58.20 -4.33
C SER B 228 6.46 -57.73 -3.66
N GLU B 229 5.40 -57.56 -4.45
CA GLU B 229 4.06 -57.09 -3.99
C GLU B 229 4.19 -55.70 -3.33
N ALA B 230 5.04 -54.83 -3.88
CA ALA B 230 5.21 -53.47 -3.34
C ALA B 230 3.91 -52.72 -3.61
N ILE B 231 3.02 -53.37 -4.37
CA ILE B 231 1.72 -52.81 -4.74
C ILE B 231 0.62 -53.16 -3.71
N THR B 232 -0.39 -52.28 -3.58
CA THR B 232 -1.68 -52.61 -2.97
C THR B 232 -2.76 -51.79 -3.68
N MET B 233 -3.93 -52.40 -3.94
CA MET B 233 -5.09 -51.74 -4.53
C MET B 233 -5.96 -51.12 -3.43
N VAL B 234 -5.43 -50.07 -2.80
CA VAL B 234 -6.26 -49.16 -2.02
C VAL B 234 -7.14 -48.32 -2.96
N ASN B 235 -8.42 -48.07 -2.58
CA ASN B 235 -9.39 -47.02 -3.03
C ASN B 235 -9.49 -46.84 -4.55
N ASN B 236 -9.51 -47.97 -5.29
CA ASN B 236 -9.45 -48.09 -6.77
C ASN B 236 -8.22 -47.39 -7.38
N LEU B 237 -7.08 -47.43 -6.70
CA LEU B 237 -5.84 -46.89 -7.23
C LEU B 237 -4.70 -47.87 -6.98
N PRO B 238 -3.67 -47.89 -7.80
CA PRO B 238 -2.40 -48.46 -7.34
C PRO B 238 -1.86 -47.66 -6.18
N VAL B 239 -1.26 -48.33 -5.20
CA VAL B 239 -0.50 -47.62 -4.16
C VAL B 239 0.73 -48.47 -3.96
N ILE B 240 1.83 -48.05 -4.57
CA ILE B 240 3.13 -48.63 -4.29
C ILE B 240 3.55 -48.30 -2.85
N ASP B 241 4.22 -49.26 -2.20
CA ASP B 241 5.07 -48.97 -1.05
C ASP B 241 6.51 -49.19 -1.52
N TYR B 242 7.22 -48.07 -1.75
CA TYR B 242 8.47 -48.06 -2.53
C TYR B 242 9.63 -48.82 -1.89
N ASP B 243 9.69 -48.90 -0.56
CA ASP B 243 10.78 -49.62 0.11
C ASP B 243 10.76 -51.12 -0.14
N LYS B 244 9.57 -51.72 -0.30
CA LYS B 244 9.46 -53.13 -0.67
C LYS B 244 9.93 -53.41 -2.08
N CYS B 245 9.80 -52.43 -2.98
CA CYS B 245 10.10 -52.57 -4.40
C CYS B 245 11.60 -52.81 -4.63
N THR B 246 11.93 -53.75 -5.52
CA THR B 246 13.31 -53.93 -5.93
C THR B 246 13.68 -53.20 -7.21
N GLN B 247 12.66 -52.59 -7.84
CA GLN B 247 12.73 -51.88 -9.15
C GLN B 247 12.94 -52.91 -10.26
N CYS B 248 12.39 -54.12 -10.11
CA CYS B 248 12.51 -55.17 -11.13
C CYS B 248 11.96 -54.72 -12.48
N GLY B 249 10.97 -53.85 -12.51
CA GLY B 249 10.68 -53.08 -13.68
C GLY B 249 9.93 -53.79 -14.77
N VAL B 250 9.39 -54.99 -14.52
CA VAL B 250 8.48 -55.60 -15.50
C VAL B 250 7.15 -54.86 -15.60
N CYS B 251 6.75 -54.14 -14.53
CA CYS B 251 5.45 -53.47 -14.43
C CYS B 251 5.24 -52.33 -15.42
N VAL B 252 6.32 -51.69 -15.90
CA VAL B 252 6.17 -50.62 -16.90
C VAL B 252 5.63 -51.13 -18.24
N GLY B 253 5.94 -52.38 -18.64
CA GLY B 253 5.25 -52.90 -19.80
C GLY B 253 3.88 -53.46 -19.50
N LYS B 254 3.59 -53.74 -18.22
CA LYS B 254 2.32 -54.32 -17.82
C LYS B 254 1.13 -53.37 -17.98
N CYS B 255 1.33 -52.06 -17.90
CA CYS B 255 0.21 -51.14 -18.04
C CYS B 255 0.01 -50.82 -19.50
N PRO B 256 -1.19 -51.06 -20.08
CA PRO B 256 -1.49 -50.50 -21.41
C PRO B 256 -1.43 -48.99 -21.52
N THR B 257 -1.81 -48.25 -20.47
CA THR B 257 -1.82 -46.81 -20.51
C THR B 257 -0.50 -46.13 -20.19
N LYS B 258 0.50 -46.91 -19.73
CA LYS B 258 1.77 -46.45 -19.13
C LYS B 258 1.54 -45.47 -17.98
N ALA B 259 0.55 -45.77 -17.12
CA ALA B 259 0.32 -44.97 -15.91
C ALA B 259 1.48 -45.05 -14.92
N ILE B 260 2.15 -46.20 -14.85
CA ILE B 260 3.48 -46.29 -14.26
C ILE B 260 4.50 -45.67 -15.20
N VAL B 261 5.53 -45.02 -14.65
CA VAL B 261 6.67 -44.52 -15.42
C VAL B 261 7.93 -44.85 -14.62
N ASN B 262 8.80 -45.71 -15.18
CA ASN B 262 10.18 -45.75 -14.73
C ASN B 262 10.95 -44.50 -15.15
N LEU B 263 11.82 -44.01 -14.25
CA LEU B 263 12.62 -42.83 -14.51
C LEU B 263 13.88 -43.11 -15.32
N ASN B 264 14.20 -44.41 -15.56
CA ASN B 264 15.14 -44.99 -16.57
C ASN B 264 16.57 -44.42 -16.58
N THR B 265 17.15 -44.22 -15.40
CA THR B 265 18.58 -43.87 -15.34
C THR B 265 19.39 -45.15 -15.43
N ASN B 266 19.57 -45.64 -16.65
CA ASN B 266 20.45 -46.76 -16.94
C ASN B 266 21.16 -46.53 -18.26
N MET C 1 -47.40 2.51 1.64
CA MET C 1 -46.70 3.01 2.83
C MET C 1 -45.29 3.42 2.46
N GLU C 2 -44.60 4.03 3.42
CA GLU C 2 -43.21 4.47 3.22
C GLU C 2 -42.24 3.30 3.06
N LEU C 3 -41.26 3.51 2.20
CA LEU C 3 -40.36 2.47 1.71
C LEU C 3 -39.09 2.49 2.56
N LEU C 4 -39.06 1.67 3.63
CA LEU C 4 -37.85 1.44 4.42
C LEU C 4 -36.78 0.70 3.63
N THR C 5 -35.50 1.01 3.91
CA THR C 5 -34.38 0.18 3.43
C THR C 5 -33.19 0.25 4.38
N PHE C 6 -32.35 -0.77 4.25
CA PHE C 6 -30.99 -0.84 4.81
C PHE C 6 -30.04 0.07 4.03
N LYS C 7 -28.97 0.49 4.73
CA LYS C 7 -28.19 1.70 4.43
C LYS C 7 -27.44 1.69 3.10
N ASN C 8 -27.04 0.53 2.58
CA ASN C 8 -26.13 0.50 1.42
C ASN C 8 -26.54 -0.63 0.48
N GLY C 9 -26.37 -0.45 -0.81
CA GLY C 9 -26.78 -1.47 -1.76
C GLY C 9 -26.68 -0.99 -3.19
N VAL C 10 -27.11 -1.86 -4.10
CA VAL C 10 -27.08 -1.59 -5.54
C VAL C 10 -28.48 -1.64 -6.11
N HIS C 11 -28.57 -1.38 -7.41
CA HIS C 11 -29.81 -1.45 -8.17
C HIS C 11 -29.56 -2.29 -9.43
N PRO C 12 -29.50 -3.62 -9.28
CA PRO C 12 -29.33 -4.51 -10.45
C PRO C 12 -30.49 -4.42 -11.42
N PRO C 13 -30.23 -4.58 -12.74
CA PRO C 13 -31.28 -4.40 -13.76
C PRO C 13 -32.44 -5.40 -13.68
N HIS C 14 -33.63 -4.89 -14.00
CA HIS C 14 -34.86 -5.60 -13.70
C HIS C 14 -35.34 -6.28 -14.98
N GLY C 15 -35.04 -7.56 -15.09
CA GLY C 15 -35.30 -8.38 -16.25
C GLY C 15 -36.68 -8.97 -16.33
N LYS C 16 -37.53 -8.68 -15.34
CA LYS C 16 -38.79 -9.37 -15.10
C LYS C 16 -39.86 -9.17 -16.18
N HIS C 17 -39.77 -8.11 -17.01
CA HIS C 17 -40.77 -7.76 -18.02
C HIS C 17 -40.95 -8.81 -19.12
N TYR C 18 -39.92 -9.63 -19.37
CA TYR C 18 -40.07 -10.81 -20.24
C TYR C 18 -41.05 -11.83 -19.66
N THR C 19 -41.13 -11.94 -18.34
CA THR C 19 -41.72 -13.10 -17.70
C THR C 19 -42.91 -12.84 -16.77
N GLU C 20 -43.15 -11.58 -16.36
CA GLU C 20 -43.92 -11.22 -15.16
C GLU C 20 -45.40 -11.61 -15.19
N ASN C 21 -46.02 -11.65 -16.35
CA ASN C 21 -47.47 -11.75 -16.42
C ASN C 21 -47.88 -12.96 -17.27
N LYS C 22 -47.39 -14.15 -16.91
CA LYS C 22 -47.76 -15.35 -17.65
C LYS C 22 -48.23 -16.45 -16.70
N PRO C 23 -49.15 -17.32 -17.17
CA PRO C 23 -49.59 -18.50 -16.39
C PRO C 23 -48.51 -19.53 -16.08
N ILE C 24 -48.67 -20.15 -14.91
CA ILE C 24 -47.90 -21.32 -14.51
C ILE C 24 -48.56 -22.54 -15.14
N GLU C 25 -48.14 -22.90 -16.36
CA GLU C 25 -48.52 -24.21 -16.88
C GLU C 25 -47.85 -25.31 -16.08
N GLU C 26 -48.58 -26.42 -15.88
CA GLU C 26 -47.95 -27.66 -15.44
C GLU C 26 -47.04 -28.22 -16.52
N TYR C 27 -45.91 -28.80 -16.10
CA TYR C 27 -45.13 -29.66 -16.97
C TYR C 27 -45.41 -31.12 -16.63
N LEU C 28 -46.11 -31.82 -17.51
CA LEU C 28 -46.16 -33.27 -17.42
C LEU C 28 -44.80 -33.86 -17.82
N PRO C 29 -44.25 -34.78 -17.02
CA PRO C 29 -42.97 -35.44 -17.37
C PRO C 29 -43.02 -36.30 -18.64
N LYS C 30 -41.88 -36.32 -19.34
CA LYS C 30 -41.68 -37.27 -20.45
C LYS C 30 -40.57 -38.26 -20.12
N GLY C 31 -39.32 -37.82 -19.96
CA GLY C 31 -38.24 -38.75 -19.68
C GLY C 31 -38.18 -39.16 -18.22
N ASP C 32 -37.32 -40.15 -17.94
CA ASP C 32 -37.24 -40.74 -16.60
C ASP C 32 -36.71 -39.78 -15.54
N ILE C 33 -37.37 -39.82 -14.40
CA ILE C 33 -36.98 -39.11 -13.19
C ILE C 33 -35.74 -39.75 -12.56
N VAL C 34 -34.85 -38.96 -11.96
CA VAL C 34 -33.94 -39.47 -10.93
C VAL C 34 -34.03 -38.54 -9.72
N ILE C 35 -34.02 -39.16 -8.54
CA ILE C 35 -34.14 -38.39 -7.27
C ILE C 35 -32.83 -38.50 -6.48
N PRO C 36 -32.12 -37.37 -6.21
CA PRO C 36 -30.88 -37.38 -5.45
C PRO C 36 -31.18 -37.10 -3.96
N MET C 37 -30.80 -38.02 -3.07
CA MET C 37 -31.04 -37.86 -1.65
C MET C 37 -30.34 -36.65 -1.05
N SER C 38 -29.45 -36.01 -1.79
CA SER C 38 -28.52 -35.03 -1.25
C SER C 38 -29.08 -33.62 -1.14
N GLN C 39 -30.33 -33.39 -1.60
CA GLN C 39 -30.85 -32.04 -1.84
C GLN C 39 -31.01 -31.20 -0.57
N HIS C 40 -31.20 -31.85 0.57
CA HIS C 40 -31.24 -31.02 1.80
C HIS C 40 -29.79 -30.79 2.24
N ILE C 41 -29.54 -29.69 2.96
CA ILE C 41 -28.26 -29.37 3.59
C ILE C 41 -27.95 -30.39 4.69
N GLY C 42 -26.67 -30.64 4.92
CA GLY C 42 -26.25 -31.76 5.74
C GLY C 42 -26.15 -33.05 4.96
N ALA C 43 -25.87 -34.13 5.71
CA ALA C 43 -25.63 -35.45 5.13
C ALA C 43 -26.90 -36.04 4.52
N PRO C 44 -26.80 -36.68 3.34
CA PRO C 44 -27.96 -37.35 2.73
C PRO C 44 -28.50 -38.50 3.55
N ALA C 45 -29.82 -38.66 3.51
CA ALA C 45 -30.43 -39.91 3.93
C ALA C 45 -29.97 -41.06 3.04
N GLU C 46 -29.70 -42.19 3.65
CA GLU C 46 -29.68 -43.43 2.90
C GLU C 46 -31.12 -43.78 2.54
N PRO C 47 -31.43 -44.13 1.29
CA PRO C 47 -32.76 -44.69 1.00
C PRO C 47 -33.00 -46.01 1.74
N ILE C 48 -34.24 -46.21 2.19
CA ILE C 48 -34.70 -47.56 2.52
C ILE C 48 -34.86 -48.44 1.28
N VAL C 49 -35.16 -47.83 0.13
CA VAL C 49 -35.70 -48.50 -1.06
C VAL C 49 -34.62 -49.31 -1.78
N LYS C 50 -35.03 -50.41 -2.42
CA LYS C 50 -34.16 -51.27 -3.20
C LYS C 50 -34.97 -51.75 -4.40
N LYS C 51 -34.24 -52.30 -5.39
CA LYS C 51 -34.65 -52.39 -6.80
C LYS C 51 -35.89 -53.26 -7.05
N GLY C 52 -36.73 -52.79 -7.98
CA GLY C 52 -37.88 -53.50 -8.47
C GLY C 52 -39.15 -53.36 -7.66
N ASP C 53 -39.14 -52.58 -6.58
CA ASP C 53 -40.36 -52.26 -5.85
C ASP C 53 -41.28 -51.38 -6.69
N ARG C 54 -42.59 -51.61 -6.56
CA ARG C 54 -43.58 -50.61 -6.93
C ARG C 54 -43.45 -49.39 -6.02
N VAL C 55 -43.61 -48.19 -6.57
CA VAL C 55 -43.48 -46.94 -5.81
C VAL C 55 -44.49 -45.94 -6.38
N LEU C 56 -44.82 -44.95 -5.55
CA LEU C 56 -46.04 -44.15 -5.66
C LEU C 56 -45.72 -42.75 -5.18
N VAL C 57 -46.61 -41.80 -5.50
CA VAL C 57 -46.51 -40.42 -5.00
C VAL C 57 -46.65 -40.44 -3.48
N GLY C 58 -45.79 -39.69 -2.79
CA GLY C 58 -45.95 -39.44 -1.38
C GLY C 58 -45.39 -40.50 -0.47
N GLN C 59 -44.82 -41.56 -1.02
CA GLN C 59 -44.00 -42.48 -0.24
C GLN C 59 -42.74 -41.77 0.24
N LYS C 60 -42.33 -42.03 1.49
CA LYS C 60 -40.98 -41.64 1.89
C LYS C 60 -40.00 -42.51 1.12
N ILE C 61 -38.92 -41.90 0.62
CA ILE C 61 -37.91 -42.66 -0.09
C ILE C 61 -36.74 -43.03 0.82
N GLY C 62 -36.59 -42.38 1.97
CA GLY C 62 -35.41 -42.61 2.78
C GLY C 62 -35.41 -41.90 4.11
N GLU C 63 -35.29 -42.68 5.19
CA GLU C 63 -35.28 -42.18 6.56
C GLU C 63 -34.06 -41.29 6.84
N ALA C 64 -34.30 -40.23 7.59
CA ALA C 64 -33.33 -39.15 7.79
C ALA C 64 -32.38 -39.53 8.92
N LYS C 65 -31.21 -40.08 8.58
CA LYS C 65 -30.25 -40.56 9.58
C LYS C 65 -29.38 -39.41 10.09
N GLY C 66 -30.01 -38.53 10.87
CA GLY C 66 -29.30 -37.48 11.57
C GLY C 66 -30.29 -36.48 12.10
N PHE C 67 -29.78 -35.58 12.96
CA PHE C 67 -30.59 -34.49 13.49
C PHE C 67 -31.00 -33.47 12.41
N VAL C 68 -30.19 -33.27 11.38
CA VAL C 68 -30.50 -32.28 10.34
C VAL C 68 -30.49 -32.99 8.99
N SER C 69 -31.61 -33.65 8.68
CA SER C 69 -31.94 -34.22 7.38
C SER C 69 -33.45 -34.36 7.34
N ALA C 70 -34.01 -34.46 6.13
CA ALA C 70 -35.46 -34.42 6.01
C ALA C 70 -35.92 -35.42 4.96
N ASN C 71 -37.15 -35.93 5.14
CA ASN C 71 -37.67 -37.00 4.30
C ASN C 71 -37.88 -36.56 2.84
N ILE C 72 -37.44 -37.42 1.97
CA ILE C 72 -37.64 -37.35 0.54
C ILE C 72 -39.04 -37.83 0.19
N HIS C 73 -39.65 -37.33 -0.90
CA HIS C 73 -40.81 -37.98 -1.49
C HIS C 73 -40.71 -37.94 -3.01
N ALA C 74 -41.18 -39.01 -3.65
CA ALA C 74 -41.20 -39.10 -5.10
C ALA C 74 -42.16 -38.09 -5.72
N SER C 75 -41.75 -37.52 -6.86
CA SER C 75 -42.64 -36.71 -7.67
C SER C 75 -43.76 -37.51 -8.30
N VAL C 76 -43.55 -38.81 -8.55
CA VAL C 76 -44.41 -39.53 -9.48
C VAL C 76 -44.42 -41.00 -9.10
N SER C 77 -45.53 -41.67 -9.41
CA SER C 77 -45.62 -43.12 -9.35
C SER C 77 -44.73 -43.76 -10.41
N GLY C 78 -44.21 -44.94 -10.11
CA GLY C 78 -43.36 -45.66 -11.05
C GLY C 78 -42.79 -46.93 -10.46
N THR C 79 -41.55 -47.22 -10.85
CA THR C 79 -40.82 -48.43 -10.40
C THR C 79 -39.34 -48.09 -10.27
N VAL C 80 -38.63 -48.82 -9.40
CA VAL C 80 -37.23 -48.51 -9.09
C VAL C 80 -36.36 -49.29 -10.06
N LYS C 81 -35.90 -48.61 -11.12
CA LYS C 81 -34.89 -49.22 -11.98
C LYS C 81 -33.54 -49.43 -11.28
N ASN C 82 -33.04 -48.47 -10.49
CA ASN C 82 -31.67 -48.67 -9.94
C ASN C 82 -31.32 -47.66 -8.85
N VAL C 83 -30.80 -48.11 -7.72
CA VAL C 83 -30.32 -47.13 -6.71
C VAL C 83 -29.03 -46.55 -7.26
N ALA C 84 -29.08 -45.92 -8.43
CA ALA C 84 -27.86 -45.44 -9.10
C ALA C 84 -27.26 -44.21 -8.42
N PRO C 85 -25.95 -44.21 -8.11
CA PRO C 85 -25.23 -42.95 -7.90
C PRO C 85 -25.19 -42.07 -9.15
N VAL C 86 -25.22 -40.76 -8.95
CA VAL C 86 -25.18 -39.80 -10.05
C VAL C 86 -24.50 -38.52 -9.56
N THR C 87 -23.85 -37.81 -10.47
CA THR C 87 -23.39 -36.45 -10.22
C THR C 87 -24.55 -35.49 -10.03
N LEU C 88 -24.38 -34.57 -9.10
CA LEU C 88 -25.00 -33.25 -9.08
C LEU C 88 -24.13 -32.26 -9.87
N PHE C 89 -24.68 -31.05 -10.09
CA PHE C 89 -23.95 -29.97 -10.77
C PHE C 89 -22.74 -29.47 -9.97
N ASN C 90 -22.74 -29.66 -8.65
CA ASN C 90 -21.53 -29.53 -7.84
C ASN C 90 -20.49 -30.60 -8.17
N GLY C 91 -20.89 -31.75 -8.72
CA GLY C 91 -19.98 -32.82 -9.02
C GLY C 91 -19.67 -33.75 -7.88
N VAL C 92 -20.31 -33.57 -6.72
CA VAL C 92 -20.34 -34.63 -5.73
C VAL C 92 -21.11 -35.84 -6.27
N LYS C 93 -20.64 -37.03 -5.92
CA LYS C 93 -21.29 -38.28 -6.35
C LYS C 93 -22.39 -38.66 -5.35
N SER C 94 -23.50 -37.91 -5.43
CA SER C 94 -24.67 -38.15 -4.60
C SER C 94 -25.36 -39.48 -4.92
N THR C 95 -25.86 -40.14 -3.89
CA THR C 95 -26.79 -41.26 -4.02
C THR C 95 -28.13 -40.79 -4.58
N ALA C 96 -28.75 -41.65 -5.40
CA ALA C 96 -30.01 -41.30 -6.05
C ALA C 96 -30.81 -42.55 -6.36
N VAL C 97 -32.11 -42.36 -6.58
CA VAL C 97 -33.02 -43.41 -7.02
C VAL C 97 -33.58 -43.01 -8.39
N ILE C 98 -33.29 -43.80 -9.41
CA ILE C 98 -34.01 -43.67 -10.68
C ILE C 98 -35.47 -44.08 -10.47
N ILE C 99 -36.41 -43.32 -11.04
CA ILE C 99 -37.81 -43.70 -11.14
C ILE C 99 -38.24 -43.36 -12.56
N GLU C 100 -38.42 -44.38 -13.40
CA GLU C 100 -39.14 -44.17 -14.64
C GLU C 100 -40.60 -43.78 -14.33
N ASN C 101 -41.12 -42.78 -15.02
CA ASN C 101 -42.56 -42.53 -14.94
C ASN C 101 -43.33 -43.69 -15.59
N ASP C 102 -44.40 -44.16 -14.93
CA ASP C 102 -45.29 -45.09 -15.60
C ASP C 102 -46.31 -44.38 -16.47
N GLY C 103 -46.50 -43.09 -16.23
CA GLY C 103 -47.54 -42.30 -16.83
C GLY C 103 -48.89 -42.39 -16.13
N GLN C 104 -49.00 -43.17 -15.04
CA GLN C 104 -50.31 -43.52 -14.50
C GLN C 104 -50.84 -42.60 -13.40
N TYR C 105 -49.94 -41.90 -12.68
CA TYR C 105 -50.24 -40.91 -11.62
C TYR C 105 -51.13 -41.44 -10.48
N GLU C 106 -50.77 -42.61 -9.96
CA GLU C 106 -51.29 -43.07 -8.67
C GLU C 106 -50.80 -42.16 -7.55
N GLU C 107 -51.64 -41.96 -6.52
CA GLU C 107 -51.24 -41.21 -5.34
C GLU C 107 -51.86 -41.84 -4.09
N ILE C 108 -51.09 -41.93 -2.99
CA ILE C 108 -51.70 -42.31 -1.71
C ILE C 108 -52.62 -41.19 -1.22
N GLU C 109 -53.80 -41.58 -0.71
CA GLU C 109 -54.68 -40.63 -0.03
C GLU C 109 -54.12 -40.24 1.32
N THR C 110 -54.44 -39.00 1.69
CA THR C 110 -54.19 -38.37 3.02
C THR C 110 -54.89 -37.02 3.02
N GLU C 111 -55.61 -36.74 4.10
CA GLU C 111 -56.34 -35.47 4.24
C GLU C 111 -56.46 -35.17 5.73
N LYS C 112 -56.62 -33.88 6.03
CA LYS C 112 -56.85 -33.44 7.40
C LYS C 112 -57.95 -32.38 7.44
N ARG C 113 -57.71 -31.29 6.70
CA ARG C 113 -58.60 -30.15 6.47
C ARG C 113 -59.09 -29.44 7.75
N ASP C 114 -58.24 -29.39 8.78
CA ASP C 114 -58.32 -28.38 9.82
C ASP C 114 -56.93 -28.25 10.43
N TYR C 115 -56.53 -27.03 10.79
CA TYR C 115 -55.38 -26.87 11.66
C TYR C 115 -55.71 -26.65 13.13
N THR C 116 -56.88 -26.05 13.41
CA THR C 116 -57.12 -25.33 14.68
C THR C 116 -57.15 -26.19 15.94
N LYS C 117 -57.61 -27.44 15.85
CA LYS C 117 -57.64 -28.32 17.02
C LYS C 117 -56.26 -28.77 17.49
N LEU C 118 -55.29 -28.82 16.57
CA LEU C 118 -54.11 -29.67 16.68
C LEU C 118 -53.10 -29.17 17.71
N SER C 119 -52.45 -30.11 18.40
CA SER C 119 -51.29 -29.78 19.23
C SER C 119 -50.13 -29.32 18.36
N ASN C 120 -49.37 -28.34 18.87
CA ASN C 120 -48.23 -27.77 18.14
C ASN C 120 -47.09 -28.76 17.91
N GLU C 121 -46.91 -29.71 18.85
CA GLU C 121 -45.95 -30.78 18.62
C GLU C 121 -46.36 -31.73 17.49
N GLU C 122 -47.67 -31.95 17.28
CA GLU C 122 -48.13 -32.70 16.11
C GLU C 122 -47.87 -31.98 14.79
N ILE C 123 -47.90 -30.64 14.79
CA ILE C 123 -47.47 -29.88 13.62
C ILE C 123 -45.98 -30.05 13.36
N ILE C 124 -45.15 -29.99 14.39
CA ILE C 124 -43.70 -30.08 14.03
C ILE C 124 -43.40 -31.47 13.47
N ASN C 125 -44.12 -32.47 13.95
CA ASN C 125 -43.93 -33.89 13.53
C ASN C 125 -44.45 -34.05 12.10
N ILE C 126 -45.72 -33.75 11.86
CA ILE C 126 -46.20 -33.79 10.49
C ILE C 126 -45.32 -32.96 9.53
N ILE C 127 -44.65 -31.90 10.01
CA ILE C 127 -43.72 -31.21 9.12
C ILE C 127 -42.41 -31.98 8.95
N LYS C 128 -41.95 -32.74 9.98
CA LYS C 128 -40.87 -33.68 9.71
C LYS C 128 -41.28 -34.82 8.78
N GLU C 129 -42.56 -35.17 8.80
CA GLU C 129 -43.00 -36.22 7.86
C GLU C 129 -42.93 -35.59 6.48
N ALA C 130 -43.52 -34.41 6.34
CA ALA C 130 -43.53 -33.76 5.04
C ALA C 130 -42.14 -33.63 4.44
N GLY C 131 -41.12 -33.47 5.28
CA GLY C 131 -39.75 -33.44 4.79
C GLY C 131 -39.35 -32.13 4.16
N ILE C 132 -40.15 -31.06 4.33
CA ILE C 132 -40.05 -29.84 3.55
C ILE C 132 -38.74 -29.11 3.80
N VAL C 133 -38.09 -28.70 2.72
CA VAL C 133 -36.95 -27.80 2.72
C VAL C 133 -37.43 -26.36 2.88
N GLY C 134 -36.66 -25.48 3.52
CA GLY C 134 -36.81 -24.06 3.26
C GLY C 134 -36.39 -23.74 1.84
N MET C 135 -37.26 -23.08 1.07
CA MET C 135 -37.18 -23.21 -0.39
C MET C 135 -36.11 -22.30 -1.03
N GLY C 136 -36.06 -21.03 -0.66
CA GLY C 136 -35.12 -20.11 -1.27
C GLY C 136 -33.72 -20.22 -0.69
N GLY C 137 -32.76 -19.69 -1.46
CA GLY C 137 -31.40 -19.46 -0.99
C GLY C 137 -30.65 -20.72 -0.59
N ALA C 138 -29.93 -20.65 0.53
CA ALA C 138 -29.46 -21.84 1.23
C ALA C 138 -30.64 -22.63 1.75
N THR C 139 -30.53 -23.95 1.70
CA THR C 139 -31.68 -24.85 1.76
C THR C 139 -31.65 -25.70 3.03
N PHE C 140 -32.08 -25.08 4.25
CA PHE C 140 -32.34 -25.81 5.49
C PHE C 140 -33.59 -26.67 5.35
N PRO C 141 -33.67 -27.83 6.01
CA PRO C 141 -34.99 -28.37 6.36
C PRO C 141 -35.68 -27.44 7.32
N THR C 142 -37.00 -27.31 7.20
CA THR C 142 -37.69 -26.35 8.04
C THR C 142 -37.99 -26.85 9.45
N HIS C 143 -37.94 -28.17 9.68
CA HIS C 143 -38.32 -28.68 11.00
C HIS C 143 -37.32 -28.36 12.13
N VAL C 144 -36.02 -28.26 11.84
CA VAL C 144 -35.10 -27.66 12.81
C VAL C 144 -35.36 -26.17 12.99
N LYS C 145 -35.73 -25.49 11.89
CA LYS C 145 -35.90 -24.04 11.82
C LYS C 145 -37.10 -23.54 12.62
N LEU C 146 -38.10 -24.39 12.79
CA LEU C 146 -39.26 -24.08 13.61
C LEU C 146 -39.04 -24.38 15.08
N ALA C 147 -37.89 -24.92 15.45
CA ALA C 147 -37.62 -25.38 16.81
C ALA C 147 -36.31 -24.79 17.33
N PRO C 148 -36.30 -23.52 17.74
CA PRO C 148 -35.19 -23.03 18.55
C PRO C 148 -35.12 -23.74 19.89
N PRO C 149 -33.92 -23.92 20.45
CA PRO C 149 -33.81 -24.19 21.88
C PRO C 149 -34.37 -23.02 22.68
N PRO C 150 -35.04 -23.29 23.82
CA PRO C 150 -36.11 -22.40 24.36
C PRO C 150 -35.76 -20.95 24.70
N ASP C 151 -34.53 -20.69 25.15
CA ASP C 151 -34.11 -19.42 25.75
C ASP C 151 -34.17 -18.23 24.78
N LYS C 152 -34.03 -18.48 23.47
CA LYS C 152 -34.16 -17.42 22.48
C LYS C 152 -35.63 -17.28 22.14
N ASN C 153 -36.32 -16.47 22.97
CA ASN C 153 -37.73 -16.16 22.75
C ASN C 153 -37.94 -15.37 21.46
N ILE C 154 -38.97 -15.75 20.72
CA ILE C 154 -39.43 -15.03 19.54
C ILE C 154 -40.02 -13.67 19.92
N ASP C 155 -39.78 -12.65 19.08
CA ASP C 155 -40.71 -11.52 19.06
C ASP C 155 -41.76 -11.54 17.95
N SER C 156 -41.46 -12.07 16.76
CA SER C 156 -42.31 -11.92 15.55
C SER C 156 -41.87 -12.93 14.49
N ILE C 157 -42.68 -13.07 13.44
CA ILE C 157 -42.28 -13.79 12.20
C ILE C 157 -42.56 -12.86 11.03
N VAL C 158 -41.52 -12.21 10.50
CA VAL C 158 -41.63 -11.77 9.11
C VAL C 158 -41.52 -12.99 8.19
N VAL C 159 -42.29 -12.98 7.11
CA VAL C 159 -41.91 -13.74 5.93
C VAL C 159 -40.77 -13.01 5.21
N ASN C 160 -39.87 -13.76 4.57
CA ASN C 160 -38.93 -13.13 3.64
C ASN C 160 -39.50 -13.28 2.22
N ALA C 161 -40.46 -12.41 1.96
CA ALA C 161 -41.18 -12.39 0.70
C ALA C 161 -40.46 -11.67 -0.43
N ALA C 162 -39.37 -10.97 -0.15
CA ALA C 162 -38.86 -9.95 -1.07
C ALA C 162 -37.92 -10.57 -2.09
N GLU C 163 -38.44 -10.90 -3.27
CA GLU C 163 -37.63 -11.59 -4.28
C GLU C 163 -36.81 -10.56 -5.06
N CYS C 164 -35.63 -10.26 -4.49
CA CYS C 164 -34.73 -9.20 -4.93
C CYS C 164 -34.11 -9.44 -6.31
N GLU C 165 -33.92 -10.70 -6.68
CA GLU C 165 -33.05 -11.07 -7.79
C GLU C 165 -33.65 -10.73 -9.15
N PRO C 166 -32.81 -10.36 -10.12
CA PRO C 166 -33.28 -10.23 -11.51
C PRO C 166 -33.77 -11.54 -12.10
N TYR C 167 -34.79 -11.39 -12.97
CA TYR C 167 -35.42 -12.43 -13.79
C TYR C 167 -36.03 -13.58 -12.98
N LEU C 168 -36.53 -13.31 -11.77
CA LEU C 168 -37.06 -14.41 -10.95
C LEU C 168 -38.46 -14.06 -10.47
N THR C 169 -39.45 -14.37 -11.31
CA THR C 169 -40.86 -14.04 -11.13
C THR C 169 -41.63 -15.08 -10.33
N CYS C 170 -40.98 -16.14 -9.83
CA CYS C 170 -41.63 -17.34 -9.32
C CYS C 170 -42.53 -17.13 -8.11
N ASP C 171 -42.24 -16.09 -7.31
CA ASP C 171 -43.02 -15.81 -6.08
C ASP C 171 -44.17 -14.83 -6.38
N HIS C 172 -44.01 -14.02 -7.42
CA HIS C 172 -45.05 -13.01 -7.79
C HIS C 172 -46.37 -13.70 -8.17
N ARG C 173 -46.28 -14.86 -8.82
CA ARG C 173 -47.47 -15.64 -9.24
C ARG C 173 -48.21 -16.18 -8.00
N MET C 174 -47.50 -16.88 -7.11
CA MET C 174 -48.10 -17.48 -5.89
C MET C 174 -48.95 -16.44 -5.14
N MET C 175 -48.62 -15.15 -5.34
CA MET C 175 -49.34 -14.04 -4.75
C MET C 175 -50.57 -13.65 -5.52
N LEU C 176 -50.56 -13.81 -6.85
CA LEU C 176 -51.77 -13.47 -7.59
C LEU C 176 -52.81 -14.59 -7.55
N GLU C 177 -52.33 -15.82 -7.75
CA GLU C 177 -53.24 -16.98 -7.90
C GLU C 177 -53.83 -17.49 -6.58
N LYS C 178 -53.28 -17.16 -5.41
CA LYS C 178 -53.74 -17.87 -4.20
C LYS C 178 -53.36 -17.18 -2.89
N THR C 179 -53.69 -15.89 -2.78
CA THR C 179 -53.31 -15.04 -1.65
C THR C 179 -53.94 -15.46 -0.33
N ASN C 180 -55.12 -16.06 -0.39
CA ASN C 180 -55.72 -16.50 0.88
C ASN C 180 -54.86 -17.63 1.43
N GLU C 181 -54.48 -18.56 0.54
CA GLU C 181 -53.83 -19.75 1.04
C GLU C 181 -52.52 -19.43 1.76
N ILE C 182 -51.74 -18.49 1.20
CA ILE C 182 -50.51 -18.04 1.86
C ILE C 182 -50.80 -17.30 3.16
N VAL C 183 -51.90 -16.50 3.23
CA VAL C 183 -52.22 -15.94 4.55
C VAL C 183 -52.84 -16.94 5.52
N GLU C 184 -53.38 -17.99 4.92
CA GLU C 184 -53.94 -19.13 5.68
C GLU C 184 -52.77 -19.80 6.36
N GLY C 185 -51.75 -20.18 5.58
CA GLY C 185 -50.58 -20.85 6.16
C GLY C 185 -49.93 -19.95 7.19
N LEU C 186 -49.80 -18.66 6.86
CA LEU C 186 -49.23 -17.68 7.81
C LEU C 186 -49.98 -17.81 9.13
N LYS C 187 -51.33 -17.62 9.13
CA LYS C 187 -52.08 -17.88 10.36
C LYS C 187 -51.63 -19.16 11.04
N ILE C 188 -51.17 -20.14 10.25
CA ILE C 188 -50.72 -21.39 10.84
C ILE C 188 -49.36 -21.24 11.53
N VAL C 189 -48.40 -20.87 10.71
CA VAL C 189 -47.03 -20.60 11.18
C VAL C 189 -47.19 -19.76 12.45
N LEU C 190 -48.23 -18.95 12.50
CA LEU C 190 -48.40 -18.16 13.74
C LEU C 190 -49.08 -19.05 14.77
N LYS C 191 -49.88 -20.06 14.47
CA LYS C 191 -50.36 -20.96 15.58
C LYS C 191 -49.11 -21.55 16.28
N LEU C 192 -48.05 -22.00 15.58
CA LEU C 192 -46.93 -22.55 16.37
C LEU C 192 -46.29 -21.42 17.17
N PHE C 193 -46.34 -20.17 16.75
CA PHE C 193 -45.66 -19.19 17.65
C PHE C 193 -46.63 -18.04 17.89
N PRO C 194 -47.29 -17.78 19.16
CA PRO C 194 -48.39 -16.65 19.81
C PRO C 194 -47.79 -15.23 19.78
N LYS C 195 -47.07 -14.90 20.85
CA LYS C 195 -46.32 -13.63 21.12
C LYS C 195 -45.72 -12.99 19.86
N ALA C 196 -45.33 -13.78 18.85
CA ALA C 196 -44.72 -13.18 17.65
C ALA C 196 -45.79 -12.76 16.64
N THR C 197 -45.88 -11.46 16.35
CA THR C 197 -46.86 -10.93 15.36
C THR C 197 -46.33 -11.22 13.95
N GLY C 198 -47.22 -11.27 12.95
CA GLY C 198 -46.74 -11.58 11.61
C GLY C 198 -46.57 -10.35 10.73
N TYR C 199 -45.73 -10.47 9.70
CA TYR C 199 -45.61 -9.39 8.74
C TYR C 199 -45.32 -9.98 7.37
N ILE C 200 -45.99 -9.45 6.37
CA ILE C 200 -45.55 -9.56 4.99
C ILE C 200 -44.43 -8.55 4.72
N GLY C 201 -43.56 -8.86 3.75
CA GLY C 201 -42.44 -8.01 3.43
C GLY C 201 -42.21 -7.87 1.94
N ILE C 202 -43.25 -7.78 1.13
CA ILE C 202 -43.13 -7.65 -0.33
C ILE C 202 -42.56 -6.30 -0.77
N GLU C 203 -41.77 -6.32 -1.87
CA GLU C 203 -41.23 -5.16 -2.59
C GLU C 203 -42.31 -4.34 -3.26
N ASP C 204 -42.00 -3.06 -3.52
CA ASP C 204 -42.98 -2.11 -4.09
C ASP C 204 -43.15 -2.38 -5.60
N ASN C 205 -42.16 -3.02 -6.21
CA ASN C 205 -42.12 -3.18 -7.66
C ASN C 205 -43.22 -4.08 -8.18
N LYS C 206 -43.79 -4.88 -7.28
CA LYS C 206 -44.98 -5.72 -7.59
C LYS C 206 -46.19 -5.08 -6.88
N MET C 207 -46.34 -3.76 -7.02
CA MET C 207 -47.40 -2.99 -6.36
C MET C 207 -48.78 -3.59 -6.60
N ASN C 208 -48.93 -4.28 -7.73
CA ASN C 208 -50.21 -4.95 -8.08
C ASN C 208 -50.41 -6.18 -7.18
N ALA C 209 -49.32 -6.77 -6.68
CA ALA C 209 -49.43 -7.94 -5.83
C ALA C 209 -49.88 -7.59 -4.42
N ILE C 210 -49.25 -6.57 -3.79
CA ILE C 210 -49.76 -6.11 -2.50
C ILE C 210 -51.13 -5.45 -2.58
N LYS C 211 -51.45 -4.77 -3.68
CA LYS C 211 -52.79 -4.22 -3.83
C LYS C 211 -53.85 -5.30 -4.03
N ALA C 212 -53.50 -6.46 -4.60
CA ALA C 212 -54.38 -7.62 -4.45
C ALA C 212 -54.40 -8.12 -3.02
N MET C 213 -53.24 -8.11 -2.34
CA MET C 213 -53.16 -8.62 -0.98
C MET C 213 -53.91 -7.76 0.04
N GLN C 214 -54.01 -6.42 -0.22
CA GLN C 214 -54.40 -5.41 0.78
C GLN C 214 -55.83 -5.56 1.29
N GLU C 215 -56.74 -6.07 0.46
CA GLU C 215 -58.04 -6.45 0.96
C GLU C 215 -58.04 -7.66 1.91
N ALA C 216 -57.12 -8.64 1.72
CA ALA C 216 -57.11 -9.80 2.62
C ALA C 216 -56.65 -9.50 4.04
N VAL C 217 -55.80 -8.48 4.23
CA VAL C 217 -55.25 -8.24 5.58
C VAL C 217 -56.16 -7.44 6.50
N LYS C 218 -57.24 -6.84 5.97
CA LYS C 218 -58.12 -5.97 6.75
C LYS C 218 -58.90 -6.71 7.83
N ASN C 219 -59.26 -7.98 7.59
CA ASN C 219 -60.17 -8.65 8.56
C ASN C 219 -59.44 -9.47 9.63
N ILE C 220 -58.16 -9.19 9.91
CA ILE C 220 -57.47 -10.03 10.88
C ILE C 220 -56.27 -9.23 11.42
N ALA C 221 -55.96 -9.44 12.70
CA ALA C 221 -55.18 -8.49 13.50
C ALA C 221 -53.69 -8.54 13.21
N ASN C 222 -53.03 -9.63 13.63
CA ASN C 222 -51.58 -9.69 13.72
C ASN C 222 -50.83 -9.62 12.39
N ILE C 223 -51.38 -10.11 11.27
CA ILE C 223 -50.77 -9.80 9.98
C ILE C 223 -51.05 -8.34 9.64
N GLU C 224 -50.08 -7.68 8.99
CA GLU C 224 -50.23 -6.31 8.49
C GLU C 224 -49.19 -6.05 7.41
N VAL C 225 -49.49 -5.06 6.56
CA VAL C 225 -48.59 -4.66 5.48
C VAL C 225 -47.29 -4.05 6.01
N LYS C 226 -46.15 -4.45 5.40
CA LYS C 226 -44.85 -3.77 5.50
C LYS C 226 -44.23 -3.86 4.10
N ALA C 227 -44.55 -2.89 3.25
CA ALA C 227 -43.90 -2.71 1.96
C ALA C 227 -42.45 -2.26 2.13
N VAL C 228 -41.59 -2.78 1.24
CA VAL C 228 -40.14 -2.49 1.35
C VAL C 228 -39.62 -1.91 0.04
N LYS C 229 -38.51 -1.18 0.13
CA LYS C 229 -37.85 -0.55 -1.01
C LYS C 229 -37.16 -1.58 -1.86
N THR C 230 -37.13 -1.33 -3.18
CA THR C 230 -36.46 -2.24 -4.14
C THR C 230 -34.95 -2.00 -4.08
N LYS C 231 -34.19 -2.95 -3.50
CA LYS C 231 -32.75 -2.84 -3.35
C LYS C 231 -32.25 -4.24 -3.15
N TYR C 232 -31.35 -4.70 -4.00
CA TYR C 232 -30.58 -5.88 -3.67
C TYR C 232 -29.62 -5.56 -2.52
N PRO C 233 -29.38 -6.49 -1.59
CA PRO C 233 -30.04 -7.75 -1.27
C PRO C 233 -31.02 -7.69 -0.12
N GLN C 234 -32.27 -7.30 -0.43
CA GLN C 234 -33.36 -7.35 0.53
C GLN C 234 -33.70 -8.76 0.97
N GLY C 235 -33.47 -9.76 0.12
CA GLY C 235 -33.87 -11.10 0.49
C GLY C 235 -32.91 -11.83 1.39
N ALA C 236 -31.73 -11.26 1.65
CA ALA C 236 -30.85 -11.78 2.68
C ALA C 236 -31.49 -11.63 4.06
N GLU C 237 -31.32 -12.67 4.88
CA GLU C 237 -31.95 -12.70 6.20
C GLU C 237 -31.41 -11.66 7.18
N LYS C 238 -30.13 -11.29 7.08
CA LYS C 238 -29.58 -10.40 8.10
C LYS C 238 -29.96 -8.95 7.86
N GLN C 239 -30.39 -8.60 6.64
CA GLN C 239 -30.63 -7.18 6.39
C GLN C 239 -32.08 -6.79 6.57
N LEU C 240 -32.99 -7.72 6.27
CA LEU C 240 -34.41 -7.49 6.46
C LEU C 240 -34.80 -7.32 7.92
N ILE C 241 -34.08 -7.98 8.83
CA ILE C 241 -34.33 -7.81 10.26
C ILE C 241 -33.92 -6.41 10.75
N TYR C 242 -32.81 -5.85 10.23
CA TYR C 242 -32.51 -4.43 10.45
C TYR C 242 -33.50 -3.50 9.77
N ALA C 243 -34.03 -3.93 8.62
CA ALA C 243 -34.99 -3.13 7.86
C ALA C 243 -36.33 -2.93 8.56
N ILE C 244 -36.77 -3.89 9.38
CA ILE C 244 -38.15 -3.80 9.87
C ILE C 244 -38.21 -3.59 11.39
N THR C 245 -37.75 -4.56 12.18
CA THR C 245 -37.81 -4.40 13.63
C THR C 245 -36.66 -3.55 14.18
N LYS C 246 -35.67 -3.24 13.32
CA LYS C 246 -34.51 -2.36 13.56
C LYS C 246 -33.63 -2.76 14.73
N ARG C 247 -33.52 -4.02 15.08
CA ARG C 247 -32.33 -4.52 15.73
C ARG C 247 -31.29 -4.90 14.67
N GLU C 248 -30.02 -4.76 15.04
CA GLU C 248 -28.98 -5.28 14.14
C GLU C 248 -28.76 -6.73 14.57
N VAL C 249 -28.63 -7.65 13.61
CA VAL C 249 -28.32 -9.07 13.84
C VAL C 249 -26.95 -9.13 14.52
N PRO C 250 -26.76 -9.94 15.56
CA PRO C 250 -25.41 -10.22 16.06
C PRO C 250 -24.54 -10.95 15.03
N SER C 251 -23.24 -10.63 15.04
CA SER C 251 -22.25 -11.34 14.22
C SER C 251 -22.11 -12.78 14.66
N GLY C 252 -22.00 -13.67 13.67
CA GLY C 252 -21.79 -15.08 13.93
C GLY C 252 -23.05 -15.85 14.28
N GLY C 253 -24.19 -15.19 14.22
CA GLY C 253 -25.35 -15.57 14.96
C GLY C 253 -26.34 -16.41 14.20
N LEU C 254 -27.54 -16.43 14.73
CA LEU C 254 -28.73 -17.09 14.23
C LEU C 254 -29.83 -16.05 14.26
N PRO C 255 -30.86 -16.21 13.42
CA PRO C 255 -32.05 -15.36 13.51
C PRO C 255 -32.81 -15.43 14.85
N ALA C 256 -32.79 -16.56 15.55
CA ALA C 256 -33.42 -16.66 16.87
C ALA C 256 -32.74 -15.78 17.93
N ASP C 257 -31.44 -15.49 17.78
CA ASP C 257 -30.79 -14.45 18.59
C ASP C 257 -31.35 -13.06 18.32
N ALA C 258 -31.82 -12.80 17.10
CA ALA C 258 -32.61 -11.62 16.80
C ALA C 258 -34.08 -11.79 17.13
N GLY C 259 -34.54 -12.98 17.52
CA GLY C 259 -35.91 -13.10 17.97
C GLY C 259 -36.97 -13.17 16.88
N CYS C 260 -36.57 -13.38 15.63
CA CYS C 260 -37.50 -13.46 14.52
C CYS C 260 -36.97 -14.51 13.57
N ILE C 261 -37.88 -15.20 12.88
CA ILE C 261 -37.45 -16.28 11.95
C ILE C 261 -38.03 -16.08 10.54
N VAL C 262 -37.20 -15.60 9.61
CA VAL C 262 -37.61 -15.44 8.22
C VAL C 262 -37.99 -16.78 7.59
N GLN C 263 -38.97 -16.76 6.67
CA GLN C 263 -39.25 -17.91 5.81
C GLN C 263 -39.56 -17.43 4.40
N ASN C 264 -39.37 -18.30 3.42
CA ASN C 264 -39.88 -18.05 2.06
C ASN C 264 -41.40 -18.19 2.03
N VAL C 265 -42.04 -17.48 1.08
CA VAL C 265 -43.47 -17.66 0.85
C VAL C 265 -43.80 -19.06 0.32
N ASP C 266 -42.86 -19.62 -0.46
CA ASP C 266 -43.02 -20.97 -1.06
C ASP C 266 -43.16 -21.99 0.08
N THR C 267 -42.35 -21.82 1.14
CA THR C 267 -42.42 -22.71 2.33
C THR C 267 -43.80 -22.55 2.97
N ILE C 268 -44.29 -21.31 3.04
CA ILE C 268 -45.64 -21.03 3.62
C ILE C 268 -46.67 -21.84 2.83
N TYR C 269 -46.76 -21.63 1.50
CA TYR C 269 -47.73 -22.40 0.72
C TYR C 269 -47.53 -23.91 0.84
N GLU C 270 -46.28 -24.37 1.04
CA GLU C 270 -46.17 -25.80 1.21
C GLU C 270 -46.38 -26.30 2.65
N ILE C 271 -46.18 -25.47 3.70
CA ILE C 271 -46.66 -25.83 5.05
C ILE C 271 -48.20 -25.85 5.11
N TYR C 272 -48.87 -24.97 4.33
CA TYR C 272 -50.33 -25.08 4.19
C TYR C 272 -50.73 -26.34 3.44
N ASN C 273 -49.94 -26.75 2.44
CA ASN C 273 -50.19 -27.99 1.72
C ASN C 273 -50.00 -29.23 2.60
N ALA C 274 -49.11 -29.16 3.57
CA ALA C 274 -48.92 -30.33 4.42
C ALA C 274 -49.98 -30.45 5.52
N VAL C 275 -50.30 -29.35 6.22
CA VAL C 275 -51.24 -29.52 7.34
C VAL C 275 -52.70 -29.63 6.88
N VAL C 276 -53.02 -29.27 5.64
CA VAL C 276 -54.43 -29.17 5.26
C VAL C 276 -54.66 -30.10 4.09
N ASN C 277 -53.93 -29.88 2.99
CA ASN C 277 -54.07 -30.73 1.82
C ASN C 277 -53.28 -32.03 1.94
N GLY C 278 -52.44 -32.17 2.95
CA GLY C 278 -51.95 -33.48 3.31
C GLY C 278 -50.81 -34.01 2.48
N LYS C 279 -50.18 -33.21 1.64
CA LYS C 279 -49.21 -33.78 0.73
C LYS C 279 -47.87 -33.06 0.86
N PRO C 280 -46.75 -33.76 0.60
CA PRO C 280 -45.45 -33.08 0.64
C PRO C 280 -45.02 -32.51 -0.69
N LEU C 281 -43.70 -32.38 -0.87
CA LEU C 281 -43.10 -31.69 -2.01
C LEU C 281 -42.99 -32.63 -3.20
N THR C 282 -44.08 -32.76 -3.95
CA THR C 282 -43.94 -33.24 -5.32
C THR C 282 -43.23 -32.23 -6.24
N SER C 283 -43.27 -30.92 -5.93
CA SER C 283 -43.09 -29.94 -6.98
C SER C 283 -42.68 -28.57 -6.44
N ARG C 284 -42.20 -27.73 -7.36
CA ARG C 284 -41.85 -26.33 -7.12
C ARG C 284 -41.95 -25.61 -8.46
N VAL C 285 -42.05 -24.27 -8.45
CA VAL C 285 -41.95 -23.49 -9.68
C VAL C 285 -40.48 -23.20 -10.00
N VAL C 286 -40.03 -23.60 -11.19
CA VAL C 286 -38.90 -22.96 -11.87
C VAL C 286 -39.36 -21.67 -12.53
N THR C 287 -38.44 -20.72 -12.69
CA THR C 287 -38.55 -19.69 -13.73
C THR C 287 -37.41 -19.89 -14.73
N VAL C 288 -37.69 -20.57 -15.83
CA VAL C 288 -36.81 -20.46 -16.99
C VAL C 288 -36.94 -19.05 -17.59
N THR C 289 -35.82 -18.46 -18.01
CA THR C 289 -35.82 -17.12 -18.59
C THR C 289 -34.59 -16.95 -19.47
N GLY C 290 -34.53 -15.83 -20.16
CA GLY C 290 -33.44 -15.32 -20.96
C GLY C 290 -33.78 -15.29 -22.44
N ASP C 291 -33.19 -14.31 -23.14
CA ASP C 291 -33.49 -14.04 -24.55
C ASP C 291 -33.05 -15.15 -25.49
N ALA C 292 -32.02 -15.92 -25.13
CA ALA C 292 -31.59 -17.07 -25.92
C ALA C 292 -32.63 -18.19 -25.93
N ILE C 293 -33.44 -18.30 -24.90
CA ILE C 293 -34.60 -19.19 -24.93
C ILE C 293 -35.63 -18.61 -25.90
N LYS C 294 -36.29 -19.50 -26.67
CA LYS C 294 -37.25 -19.11 -27.70
C LYS C 294 -38.49 -18.40 -27.17
N GLU C 295 -38.97 -18.76 -25.98
CA GLU C 295 -39.85 -17.86 -25.27
C GLU C 295 -39.55 -17.87 -23.77
N PRO C 296 -39.79 -16.76 -23.07
CA PRO C 296 -39.93 -16.81 -21.61
C PRO C 296 -41.12 -17.66 -21.16
N LYS C 297 -40.95 -18.34 -20.04
CA LYS C 297 -41.85 -19.40 -19.57
C LYS C 297 -41.82 -19.46 -18.05
N ASN C 298 -42.80 -20.14 -17.46
CA ASN C 298 -42.87 -20.21 -16.00
C ASN C 298 -43.43 -21.57 -15.55
N LEU C 299 -42.66 -22.62 -15.81
CA LEU C 299 -43.07 -24.01 -15.56
C LEU C 299 -43.23 -24.37 -14.09
N ARG C 300 -44.24 -25.19 -13.81
CA ARG C 300 -44.30 -26.04 -12.60
C ARG C 300 -43.71 -27.41 -12.92
N PHE C 301 -42.41 -27.56 -12.62
CA PHE C 301 -41.75 -28.87 -12.84
C PHE C 301 -42.16 -29.83 -11.72
N LYS C 302 -42.15 -31.11 -12.11
CA LYS C 302 -42.23 -32.29 -11.22
C LYS C 302 -40.76 -32.56 -10.91
N ILE C 303 -40.41 -32.71 -9.63
CA ILE C 303 -39.03 -32.82 -9.12
C ILE C 303 -38.27 -33.92 -9.84
N GLY C 304 -37.00 -33.67 -10.15
CA GLY C 304 -36.13 -34.71 -10.64
C GLY C 304 -36.18 -34.99 -12.11
N THR C 305 -36.94 -34.21 -12.86
CA THR C 305 -36.81 -34.16 -14.31
C THR C 305 -35.42 -33.65 -14.69
N SER C 306 -34.83 -34.22 -15.74
CA SER C 306 -33.60 -33.70 -16.33
C SER C 306 -33.84 -32.31 -16.90
N VAL C 307 -32.86 -31.42 -16.69
CA VAL C 307 -32.99 -30.01 -17.05
C VAL C 307 -33.06 -29.79 -18.57
N ARG C 308 -32.31 -30.60 -19.33
CA ARG C 308 -32.28 -30.47 -20.81
C ARG C 308 -33.70 -30.56 -21.37
N GLU C 309 -34.44 -31.61 -20.99
CA GLU C 309 -35.83 -31.81 -21.48
C GLU C 309 -36.75 -30.68 -21.00
N LEU C 310 -36.42 -30.07 -19.85
CA LEU C 310 -37.24 -29.00 -19.30
C LEU C 310 -37.06 -27.72 -20.10
N VAL C 311 -35.81 -27.37 -20.41
CA VAL C 311 -35.56 -26.23 -21.28
C VAL C 311 -36.05 -26.48 -22.72
N GLU C 312 -36.04 -27.74 -23.21
CA GLU C 312 -36.73 -28.04 -24.47
C GLU C 312 -38.24 -27.93 -24.39
N ALA C 313 -38.84 -28.18 -23.22
CA ALA C 313 -40.25 -27.84 -23.01
C ALA C 313 -40.51 -26.33 -23.03
N ALA C 314 -39.53 -25.53 -22.63
CA ALA C 314 -39.67 -24.07 -22.57
C ALA C 314 -39.49 -23.39 -23.92
N GLY C 315 -39.05 -24.13 -24.94
CA GLY C 315 -38.88 -23.60 -26.28
C GLY C 315 -37.49 -23.74 -26.86
N GLY C 316 -36.50 -24.02 -26.04
CA GLY C 316 -35.20 -24.38 -26.57
C GLY C 316 -34.36 -23.18 -26.92
N PHE C 317 -33.12 -23.46 -27.33
CA PHE C 317 -32.13 -22.37 -27.54
C PHE C 317 -32.09 -21.79 -28.95
N ALA C 318 -32.50 -20.52 -29.08
CA ALA C 318 -32.35 -19.77 -30.32
C ALA C 318 -30.89 -19.69 -30.78
N GLU C 319 -29.96 -19.77 -29.84
CA GLU C 319 -28.51 -19.83 -30.01
C GLU C 319 -28.01 -20.49 -28.74
N GLU C 320 -26.79 -21.04 -28.77
CA GLU C 320 -26.34 -21.78 -27.58
C GLU C 320 -25.85 -20.80 -26.52
N PRO C 321 -26.44 -20.81 -25.31
CA PRO C 321 -25.94 -20.00 -24.20
C PRO C 321 -24.53 -20.34 -23.73
N LEU C 322 -23.84 -19.30 -23.26
CA LEU C 322 -22.44 -19.46 -22.77
C LEU C 322 -22.43 -19.67 -21.25
N LYS C 323 -23.59 -19.59 -20.58
CA LYS C 323 -23.57 -19.75 -19.10
C LYS C 323 -24.95 -20.10 -18.51
N VAL C 324 -25.43 -21.33 -18.69
CA VAL C 324 -26.66 -21.74 -18.03
C VAL C 324 -26.47 -21.75 -16.52
N ILE C 325 -27.51 -21.31 -15.79
CA ILE C 325 -27.40 -20.89 -14.39
C ILE C 325 -28.43 -21.64 -13.56
N SER C 326 -27.99 -22.45 -12.59
CA SER C 326 -28.89 -22.84 -11.51
C SER C 326 -29.17 -21.66 -10.59
N GLY C 327 -30.39 -21.59 -10.06
CA GLY C 327 -30.71 -20.52 -9.12
C GLY C 327 -30.84 -19.15 -9.77
N GLY C 328 -30.65 -18.11 -8.95
CA GLY C 328 -30.67 -16.76 -9.46
C GLY C 328 -29.39 -16.40 -10.17
N PRO C 329 -29.39 -15.25 -10.88
CA PRO C 329 -28.19 -14.77 -11.61
C PRO C 329 -26.95 -14.53 -10.77
N MET C 330 -27.12 -14.11 -9.52
CA MET C 330 -25.98 -13.76 -8.67
C MET C 330 -25.55 -14.91 -7.78
N MET C 331 -26.41 -15.27 -6.82
CA MET C 331 -26.07 -16.25 -5.79
C MET C 331 -25.85 -17.66 -6.31
N GLY C 332 -26.53 -18.04 -7.38
CA GLY C 332 -26.58 -19.46 -7.76
C GLY C 332 -25.30 -19.95 -8.39
N MET C 333 -25.07 -21.25 -8.28
CA MET C 333 -23.99 -21.87 -9.01
C MET C 333 -24.36 -22.02 -10.49
N ALA C 334 -23.35 -21.92 -11.35
CA ALA C 334 -23.49 -22.26 -12.76
C ALA C 334 -23.48 -23.77 -13.01
N MET C 335 -24.14 -24.18 -14.10
CA MET C 335 -24.15 -25.59 -14.53
C MET C 335 -22.78 -26.09 -14.98
N TYR C 336 -22.42 -27.31 -14.53
CA TYR C 336 -21.36 -28.10 -15.16
C TYR C 336 -21.75 -28.53 -16.56
N SER C 337 -23.03 -28.78 -16.78
CA SER C 337 -23.61 -29.35 -17.98
C SER C 337 -25.11 -29.15 -17.91
N LEU C 338 -25.77 -29.31 -19.03
CA LEU C 338 -27.23 -29.25 -19.06
C LEU C 338 -27.91 -30.51 -18.54
N ASP C 339 -27.17 -31.61 -18.37
CA ASP C 339 -27.72 -32.94 -18.17
C ASP C 339 -28.35 -33.17 -16.80
N VAL C 340 -28.06 -32.32 -15.81
CA VAL C 340 -28.26 -32.58 -14.38
C VAL C 340 -29.75 -32.64 -14.04
N PRO C 341 -30.16 -33.51 -13.12
CA PRO C 341 -31.53 -33.46 -12.61
C PRO C 341 -31.86 -32.18 -11.87
N SER C 342 -33.11 -31.77 -12.02
CA SER C 342 -33.68 -30.70 -11.22
C SER C 342 -33.90 -31.17 -9.79
N THR C 343 -33.91 -30.21 -8.86
CA THR C 343 -33.71 -30.46 -7.45
C THR C 343 -34.53 -29.36 -6.76
N LYS C 344 -34.94 -29.59 -5.49
CA LYS C 344 -35.76 -28.65 -4.73
C LYS C 344 -35.09 -27.30 -4.49
N GLY C 345 -33.76 -27.25 -4.46
CA GLY C 345 -33.12 -25.98 -4.26
C GLY C 345 -33.03 -25.08 -5.48
N THR C 346 -33.34 -25.60 -6.68
CA THR C 346 -33.54 -24.75 -7.85
C THR C 346 -34.75 -23.85 -7.64
N SER C 347 -34.62 -22.56 -7.98
CA SER C 347 -35.79 -21.70 -8.07
C SER C 347 -35.91 -21.04 -9.42
N GLY C 348 -34.90 -21.13 -10.27
CA GLY C 348 -35.00 -20.60 -11.61
C GLY C 348 -33.75 -20.97 -12.39
N VAL C 349 -33.84 -20.73 -13.70
CA VAL C 349 -32.85 -21.14 -14.67
C VAL C 349 -32.71 -19.97 -15.65
N LEU C 350 -31.47 -19.65 -16.02
CA LEU C 350 -31.14 -18.56 -16.91
C LEU C 350 -30.28 -19.11 -18.02
N CYS C 351 -30.30 -18.44 -19.17
CA CYS C 351 -29.46 -18.85 -20.28
C CYS C 351 -28.94 -17.58 -20.93
N LEU C 352 -27.87 -17.03 -20.33
CA LEU C 352 -27.33 -15.74 -20.72
C LEU C 352 -26.72 -15.72 -22.12
N THR C 353 -27.04 -14.65 -22.84
CA THR C 353 -26.59 -14.21 -24.15
C THR C 353 -25.23 -13.51 -24.09
N LYS C 354 -24.59 -13.39 -25.26
CA LYS C 354 -23.25 -12.76 -25.36
C LYS C 354 -23.33 -11.29 -24.91
N LYS C 355 -24.44 -10.61 -25.23
CA LYS C 355 -24.60 -9.21 -24.87
C LYS C 355 -24.34 -8.90 -23.39
N VAL C 356 -24.52 -9.88 -22.49
CA VAL C 356 -24.17 -9.71 -21.09
C VAL C 356 -22.92 -10.50 -20.72
N ALA C 357 -22.90 -11.80 -21.06
CA ALA C 357 -22.06 -12.80 -20.40
C ALA C 357 -20.55 -12.67 -20.64
N GLU C 358 -20.17 -11.85 -21.61
CA GLU C 358 -18.74 -11.58 -21.92
C GLU C 358 -18.20 -10.57 -20.90
N ILE C 359 -17.14 -10.93 -20.18
CA ILE C 359 -16.53 -10.08 -19.16
C ILE C 359 -15.15 -9.89 -19.80
N GLU C 360 -14.10 -9.64 -19.02
CA GLU C 360 -12.75 -9.40 -19.51
C GLU C 360 -11.81 -9.93 -18.43
N GLU C 361 -10.57 -10.15 -18.88
CA GLU C 361 -9.42 -10.51 -18.01
C GLU C 361 -9.22 -9.24 -17.19
N GLU C 362 -9.02 -9.37 -15.89
CA GLU C 362 -9.06 -8.15 -15.04
C GLU C 362 -7.78 -7.33 -14.97
N SER C 363 -7.99 -6.01 -15.04
CA SER C 363 -7.10 -4.92 -14.67
C SER C 363 -6.91 -4.89 -13.16
N ASN C 364 -5.80 -4.28 -12.76
CA ASN C 364 -5.49 -4.03 -11.36
C ASN C 364 -6.49 -3.09 -10.74
N CYS C 365 -6.76 -3.33 -9.45
CA CYS C 365 -7.73 -2.56 -8.69
C CYS C 365 -7.33 -1.10 -8.56
N ILE C 366 -8.30 -0.22 -8.82
CA ILE C 366 -8.03 1.19 -8.94
C ILE C 366 -8.16 1.95 -7.62
N ASN C 367 -8.53 1.27 -6.52
CA ASN C 367 -8.97 1.84 -5.21
C ASN C 367 -10.13 2.82 -5.37
N CYS C 368 -11.14 2.42 -6.16
CA CYS C 368 -12.28 3.27 -6.47
C CYS C 368 -13.14 3.63 -5.28
N GLY C 369 -13.24 2.74 -4.32
CA GLY C 369 -14.07 2.97 -3.17
C GLY C 369 -15.53 2.61 -3.36
N LYS C 370 -15.95 2.15 -4.54
CA LYS C 370 -17.34 1.74 -4.72
C LYS C 370 -17.72 0.48 -3.94
N CYS C 371 -16.80 -0.49 -3.82
CA CYS C 371 -17.12 -1.75 -3.16
C CYS C 371 -17.40 -1.62 -1.66
N VAL C 372 -16.73 -0.70 -0.96
CA VAL C 372 -17.14 -0.38 0.42
C VAL C 372 -18.49 0.34 0.48
N GLN C 373 -18.79 1.18 -0.53
CA GLN C 373 -20.09 1.83 -0.61
C GLN C 373 -21.25 0.88 -0.86
N VAL C 374 -21.00 -0.25 -1.54
CA VAL C 374 -22.14 -1.10 -1.86
C VAL C 374 -22.36 -2.31 -0.97
N CYS C 375 -21.42 -2.66 -0.08
CA CYS C 375 -21.66 -3.80 0.80
C CYS C 375 -22.71 -3.44 1.85
N PRO C 376 -23.80 -4.22 1.97
CA PRO C 376 -24.77 -4.01 3.06
C PRO C 376 -24.20 -4.12 4.46
N MET C 377 -23.24 -5.00 4.63
CA MET C 377 -22.64 -5.30 5.91
C MET C 377 -21.52 -4.35 6.31
N ASN C 378 -21.10 -3.45 5.40
CA ASN C 378 -19.97 -2.49 5.53
C ASN C 378 -18.63 -3.16 5.86
N LEU C 379 -18.44 -4.35 5.30
CA LEU C 379 -17.19 -5.05 5.11
C LEU C 379 -16.41 -4.36 4.00
N MET C 380 -15.09 -4.54 3.97
CA MET C 380 -14.18 -3.70 3.22
C MET C 380 -13.39 -4.66 2.34
N PRO C 381 -14.07 -5.18 1.28
CA PRO C 381 -13.67 -6.41 0.57
C PRO C 381 -12.31 -6.51 -0.10
N THR C 382 -11.74 -5.39 -0.63
CA THR C 382 -10.51 -5.48 -1.42
C THR C 382 -9.31 -5.94 -0.60
N LYS C 383 -9.26 -5.56 0.67
CA LYS C 383 -8.30 -6.15 1.60
C LYS C 383 -8.56 -7.62 1.91
N LEU C 384 -9.83 -8.04 1.86
CA LEU C 384 -10.12 -9.45 2.14
C LEU C 384 -9.75 -10.36 0.99
N ALA C 385 -10.13 -9.99 -0.24
CA ALA C 385 -9.74 -10.75 -1.42
C ALA C 385 -8.25 -10.70 -1.70
N THR C 386 -7.59 -9.64 -1.22
CA THR C 386 -6.11 -9.52 -1.37
C THR C 386 -5.47 -10.35 -0.27
N ALA C 387 -6.19 -10.57 0.84
CA ALA C 387 -5.70 -11.38 1.96
C ALA C 387 -5.71 -12.88 1.70
N SER C 388 -6.64 -13.38 0.88
CA SER C 388 -6.60 -14.79 0.51
C SER C 388 -5.44 -15.16 -0.39
N ALA C 389 -4.95 -14.22 -1.22
CA ALA C 389 -3.90 -14.56 -2.17
C ALA C 389 -2.54 -14.75 -1.49
N VAL C 390 -2.24 -13.93 -0.49
CA VAL C 390 -1.05 -14.14 0.33
C VAL C 390 -1.29 -15.10 1.49
N SER C 391 -2.55 -15.50 1.72
CA SER C 391 -3.04 -16.37 2.83
C SER C 391 -2.67 -15.84 4.22
N ASN C 392 -2.69 -14.51 4.38
CA ASN C 392 -2.37 -13.87 5.66
C ASN C 392 -3.63 -13.80 6.49
N LEU C 393 -3.92 -14.91 7.18
CA LEU C 393 -5.24 -15.16 7.75
C LEU C 393 -5.63 -14.27 8.94
N ASP C 394 -4.65 -13.61 9.57
CA ASP C 394 -4.93 -12.74 10.73
C ASP C 394 -5.57 -11.43 10.23
N MET C 395 -5.26 -11.05 8.99
CA MET C 395 -5.91 -9.96 8.28
C MET C 395 -7.32 -10.33 7.83
N PHE C 396 -7.54 -11.61 7.50
CA PHE C 396 -8.90 -12.08 7.27
C PHE C 396 -9.74 -12.08 8.55
N ASN C 397 -9.12 -12.32 9.71
CA ASN C 397 -9.97 -12.41 10.90
C ASN C 397 -10.20 -11.07 11.58
N GLU C 398 -9.20 -10.18 11.56
CA GLU C 398 -9.35 -8.81 12.06
C GLU C 398 -10.31 -7.99 11.20
N PHE C 399 -10.40 -8.31 9.91
CA PHE C 399 -11.39 -7.67 9.05
C PHE C 399 -12.76 -8.28 9.18
N SER C 400 -12.89 -9.43 9.89
CA SER C 400 -14.14 -10.20 10.08
C SER C 400 -14.77 -10.62 8.76
N GLY C 401 -13.96 -11.22 7.89
CA GLY C 401 -14.45 -11.74 6.63
C GLY C 401 -15.08 -13.10 6.69
N ARG C 402 -15.07 -13.73 7.87
CA ARG C 402 -15.94 -14.87 8.14
C ARG C 402 -17.43 -14.51 8.10
N ASP C 403 -17.76 -13.24 8.41
CA ASP C 403 -19.14 -12.76 8.51
C ASP C 403 -19.92 -12.79 7.20
N CYS C 404 -19.23 -12.64 6.05
CA CYS C 404 -19.87 -12.21 4.79
C CYS C 404 -20.85 -13.21 4.18
N ILE C 405 -21.94 -12.66 3.66
CA ILE C 405 -23.10 -13.43 3.21
C ILE C 405 -22.98 -14.00 1.81
N GLU C 406 -21.90 -13.61 1.06
CA GLU C 406 -21.64 -13.96 -0.34
C GLU C 406 -22.77 -13.52 -1.27
N CYS C 407 -23.26 -12.33 -1.05
CA CYS C 407 -24.31 -11.74 -1.88
C CYS C 407 -23.90 -11.52 -3.32
N GLY C 408 -22.62 -11.34 -3.58
CA GLY C 408 -22.13 -11.10 -4.91
C GLY C 408 -22.17 -9.67 -5.35
N CYS C 409 -22.67 -8.78 -4.49
CA CYS C 409 -22.76 -7.37 -4.82
C CYS C 409 -21.40 -6.70 -4.97
N CYS C 410 -20.38 -7.13 -4.19
CA CYS C 410 -19.06 -6.48 -4.27
C CYS C 410 -18.31 -6.73 -5.56
N SER C 411 -18.48 -7.88 -6.19
CA SER C 411 -17.96 -8.02 -7.54
C SER C 411 -18.68 -7.16 -8.56
N PHE C 412 -19.98 -6.94 -8.35
CA PHE C 412 -20.89 -6.40 -9.37
C PHE C 412 -20.60 -4.95 -9.75
N VAL C 413 -20.08 -4.14 -8.83
CA VAL C 413 -19.80 -2.76 -9.17
C VAL C 413 -18.42 -2.46 -9.69
N CYS C 414 -17.50 -3.43 -9.73
CA CYS C 414 -16.08 -3.10 -9.87
C CYS C 414 -15.73 -2.71 -11.30
N PRO C 415 -15.20 -1.49 -11.53
CA PRO C 415 -14.67 -1.14 -12.84
C PRO C 415 -13.53 -1.98 -13.37
N ALA C 416 -12.68 -2.49 -12.48
CA ALA C 416 -11.58 -3.34 -12.88
C ALA C 416 -12.02 -4.71 -13.35
N ARG C 417 -13.22 -5.14 -12.91
CA ARG C 417 -13.75 -6.50 -12.98
C ARG C 417 -12.79 -7.49 -12.36
N ARG C 418 -12.23 -7.10 -11.21
CA ARG C 418 -11.69 -8.06 -10.26
C ARG C 418 -12.86 -8.91 -9.81
N HIS C 419 -12.65 -10.20 -9.68
CA HIS C 419 -13.71 -11.07 -9.21
C HIS C 419 -13.24 -11.55 -7.85
N LEU C 420 -13.85 -10.99 -6.84
CA LEU C 420 -13.30 -11.05 -5.50
C LEU C 420 -13.76 -12.29 -4.77
N LEU C 421 -14.97 -12.73 -5.15
CA LEU C 421 -15.80 -13.63 -4.31
C LEU C 421 -15.11 -14.99 -4.23
N GLN C 422 -14.51 -15.46 -5.34
CA GLN C 422 -13.82 -16.72 -5.27
C GLN C 422 -12.64 -16.70 -4.31
N ARG C 423 -11.96 -15.55 -4.19
CA ARG C 423 -10.98 -15.42 -3.11
C ARG C 423 -11.61 -15.37 -1.73
N ILE C 424 -12.83 -14.78 -1.62
CA ILE C 424 -13.58 -14.80 -0.35
C ILE C 424 -14.03 -16.20 0.02
N ARG C 425 -14.34 -17.02 -0.99
CA ARG C 425 -14.80 -18.38 -0.76
C ARG C 425 -13.66 -19.30 -0.37
N SER C 426 -12.49 -19.15 -1.02
CA SER C 426 -11.30 -19.90 -0.62
C SER C 426 -10.81 -19.51 0.77
N GLY C 427 -10.96 -18.24 1.16
CA GLY C 427 -10.56 -17.88 2.52
C GLY C 427 -11.55 -18.30 3.58
N LYS C 428 -12.84 -18.31 3.25
CA LYS C 428 -13.86 -18.88 4.13
C LYS C 428 -13.73 -20.38 4.31
N LYS C 429 -13.21 -21.09 3.30
CA LYS C 429 -12.95 -22.51 3.55
C LYS C 429 -11.68 -22.72 4.36
N ALA C 430 -10.64 -21.92 4.10
CA ALA C 430 -9.40 -22.04 4.87
C ALA C 430 -9.54 -21.66 6.34
N VAL C 431 -10.42 -20.71 6.68
CA VAL C 431 -10.72 -20.46 8.10
C VAL C 431 -11.45 -21.65 8.78
N SER C 432 -12.26 -22.43 8.06
CA SER C 432 -12.73 -23.69 8.64
C SER C 432 -11.62 -24.72 8.79
N LYS C 433 -10.63 -24.67 7.88
CA LYS C 433 -9.49 -25.62 7.92
C LYS C 433 -8.65 -25.33 9.18
N LYS C 434 -7.87 -24.22 9.16
CA LYS C 434 -7.02 -23.82 10.32
C LYS C 434 -7.48 -22.44 10.82
N LYS C 435 -7.71 -22.32 12.14
CA LYS C 435 -8.16 -21.04 12.74
C LYS C 435 -7.12 -20.57 13.76
N TYR D 7 -19.21 -27.60 -22.69
CA TYR D 7 -18.36 -26.48 -23.08
C TYR D 7 -19.04 -25.15 -22.71
N THR D 8 -19.37 -25.02 -21.43
CA THR D 8 -20.14 -23.88 -20.94
C THR D 8 -19.32 -23.14 -19.88
N VAL D 9 -19.17 -21.82 -20.06
CA VAL D 9 -18.40 -20.94 -19.16
C VAL D 9 -19.07 -20.85 -17.80
N SER D 10 -18.27 -20.74 -16.72
CA SER D 10 -18.84 -20.71 -15.38
C SER D 10 -17.96 -19.93 -14.40
N SER D 11 -18.61 -19.25 -13.44
CA SER D 11 -18.07 -18.66 -12.21
C SER D 11 -19.25 -18.34 -11.30
N SER D 12 -19.02 -17.54 -10.21
CA SER D 12 -20.12 -17.48 -9.24
C SER D 12 -21.10 -16.28 -9.30
N PRO D 13 -20.83 -14.94 -9.13
CA PRO D 13 -21.70 -13.96 -9.80
C PRO D 13 -21.59 -14.06 -11.32
N HIS D 14 -22.69 -13.80 -12.01
CA HIS D 14 -22.67 -13.93 -13.45
C HIS D 14 -22.83 -12.64 -14.24
N ILE D 15 -22.96 -11.48 -13.60
CA ILE D 15 -23.31 -10.29 -14.37
C ILE D 15 -22.14 -9.31 -14.44
N ARG D 16 -21.78 -8.71 -13.29
CA ARG D 16 -20.67 -7.75 -13.07
C ARG D 16 -20.73 -6.52 -13.98
N ALA D 17 -21.94 -6.08 -14.31
CA ALA D 17 -22.13 -5.06 -15.34
C ALA D 17 -22.43 -3.71 -14.71
N LYS D 18 -21.61 -2.73 -15.07
CA LYS D 18 -21.88 -1.30 -14.85
C LYS D 18 -21.00 -0.54 -15.83
N ASP D 19 -19.74 -0.30 -15.47
CA ASP D 19 -18.84 0.34 -16.42
C ASP D 19 -17.41 -0.13 -16.18
N THR D 20 -16.67 -0.27 -17.26
CA THR D 20 -15.24 -0.58 -17.34
C THR D 20 -14.43 0.65 -16.91
N THR D 21 -13.17 0.45 -16.46
CA THR D 21 -12.25 1.56 -16.16
C THR D 21 -11.96 2.46 -17.35
N GLN D 22 -12.04 1.95 -18.60
CA GLN D 22 -12.07 2.84 -19.75
C GLN D 22 -13.30 3.74 -19.75
N SER D 23 -14.44 3.27 -19.25
CA SER D 23 -15.59 4.16 -19.16
C SER D 23 -15.56 5.08 -17.95
N ILE D 24 -14.62 4.88 -17.04
CA ILE D 24 -14.34 5.85 -16.00
C ILE D 24 -13.38 6.91 -16.57
N MET D 25 -12.17 6.47 -16.87
CA MET D 25 -11.07 7.35 -17.38
C MET D 25 -11.55 8.15 -18.60
N ARG D 26 -12.00 7.46 -19.65
CA ARG D 26 -12.41 8.16 -20.86
C ARG D 26 -13.48 9.21 -20.61
N ASP D 27 -14.36 8.96 -19.64
CA ASP D 27 -15.33 9.97 -19.20
C ASP D 27 -14.65 11.16 -18.53
N VAL D 28 -13.51 10.92 -17.89
CA VAL D 28 -12.75 12.05 -17.37
C VAL D 28 -12.01 12.80 -18.46
N VAL D 29 -11.44 12.10 -19.45
CA VAL D 29 -10.77 12.70 -20.62
C VAL D 29 -11.74 13.50 -21.51
N ILE D 30 -12.99 13.08 -21.58
CA ILE D 30 -13.99 13.93 -22.21
C ILE D 30 -14.51 15.02 -21.28
N ALA D 31 -14.56 14.77 -19.97
CA ALA D 31 -15.10 15.73 -18.99
C ALA D 31 -14.26 17.00 -18.81
N LEU D 32 -12.96 16.99 -19.07
CA LEU D 32 -12.23 18.27 -18.89
C LEU D 32 -12.18 19.10 -20.20
N LEU D 33 -12.84 18.63 -21.25
CA LEU D 33 -12.74 19.29 -22.56
C LEU D 33 -13.26 20.72 -22.65
N PRO D 34 -14.43 21.12 -22.10
CA PRO D 34 -14.67 22.57 -21.95
C PRO D 34 -13.66 23.36 -21.09
N ALA D 35 -13.08 22.80 -20.02
CA ALA D 35 -12.00 23.52 -19.31
C ALA D 35 -10.72 23.67 -20.15
N THR D 36 -10.43 22.72 -21.03
CA THR D 36 -9.23 22.85 -21.85
C THR D 36 -9.46 23.74 -23.07
N ILE D 37 -10.60 23.56 -23.75
CA ILE D 37 -10.94 24.42 -24.89
C ILE D 37 -11.19 25.87 -24.47
N ALA D 38 -11.75 26.10 -23.26
CA ALA D 38 -11.70 27.43 -22.68
C ALA D 38 -10.30 27.87 -22.24
N GLY D 39 -9.42 26.94 -21.86
CA GLY D 39 -8.08 27.38 -21.53
C GLY D 39 -7.16 27.60 -22.70
N VAL D 40 -7.50 27.10 -23.88
CA VAL D 40 -6.49 27.04 -24.93
C VAL D 40 -6.52 28.25 -25.85
N TYR D 41 -7.68 28.90 -26.06
CA TYR D 41 -7.75 29.87 -27.15
C TYR D 41 -7.17 31.23 -26.81
N PHE D 42 -6.95 31.53 -25.52
CA PHE D 42 -6.03 32.62 -25.22
C PHE D 42 -4.58 32.23 -25.53
N PHE D 43 -4.23 30.97 -25.31
CA PHE D 43 -2.86 30.50 -25.40
C PHE D 43 -2.45 30.10 -26.81
N LYS D 44 -3.42 30.08 -27.74
CA LYS D 44 -3.34 29.69 -29.15
C LYS D 44 -2.76 28.29 -29.34
N LEU D 45 -2.11 28.06 -30.50
CA LEU D 45 -1.33 26.86 -30.76
C LEU D 45 -0.11 26.74 -29.87
N GLN D 46 0.36 27.90 -29.39
CA GLN D 46 1.58 28.01 -28.58
C GLN D 46 1.50 27.05 -27.40
N GLY D 47 0.41 27.06 -26.64
CA GLY D 47 0.23 26.06 -25.60
C GLY D 47 -0.19 24.66 -26.01
N LEU D 48 -0.64 24.44 -27.26
CA LEU D 48 -1.04 23.09 -27.68
C LEU D 48 0.12 22.10 -27.79
N LEU D 49 1.34 22.59 -28.11
CA LEU D 49 2.45 21.67 -28.34
C LEU D 49 2.91 20.96 -27.08
N VAL D 50 2.90 21.67 -25.94
CA VAL D 50 3.22 21.06 -24.65
C VAL D 50 2.20 20.02 -24.22
N ILE D 51 0.90 20.19 -24.58
CA ILE D 51 -0.09 19.23 -24.09
C ILE D 51 -0.12 17.97 -24.95
N LEU D 52 0.06 18.12 -26.28
CA LEU D 52 0.09 16.93 -27.13
C LEU D 52 1.39 16.15 -27.00
N ALA D 53 2.54 16.85 -27.02
CA ALA D 53 3.81 16.17 -26.84
C ALA D 53 4.00 15.57 -25.44
N SER D 54 3.50 16.22 -24.37
CA SER D 54 3.55 15.59 -23.05
C SER D 54 2.65 14.36 -22.91
N VAL D 55 1.49 14.34 -23.59
CA VAL D 55 0.60 13.19 -23.50
C VAL D 55 1.16 12.01 -24.26
N LEU D 56 1.60 12.25 -25.51
CA LEU D 56 2.15 11.19 -26.34
C LEU D 56 3.47 10.64 -25.82
N SER D 57 4.31 11.48 -25.19
CA SER D 57 5.50 10.97 -24.51
C SER D 57 5.18 10.14 -23.27
N CYS D 58 4.15 10.54 -22.52
CA CYS D 58 3.73 9.78 -21.31
C CYS D 58 3.21 8.40 -21.71
N VAL D 59 2.42 8.33 -22.78
CA VAL D 59 1.75 7.10 -23.18
C VAL D 59 2.74 6.10 -23.75
N VAL D 60 3.63 6.56 -24.64
CA VAL D 60 4.67 5.66 -25.14
C VAL D 60 5.72 5.31 -24.09
N ALA D 61 5.96 6.16 -23.08
CA ALA D 61 6.81 5.73 -21.97
C ALA D 61 6.20 4.61 -21.13
N GLU D 62 4.85 4.55 -20.95
CA GLU D 62 4.26 3.32 -20.36
C GLU D 62 4.39 2.10 -21.29
N TYR D 63 4.33 2.34 -22.62
CA TYR D 63 4.47 1.26 -23.59
C TYR D 63 5.85 0.61 -23.60
N ILE D 64 6.91 1.36 -23.28
CA ILE D 64 8.21 0.70 -23.08
C ILE D 64 8.21 -0.20 -21.81
N TRP D 65 7.47 0.18 -20.75
CA TRP D 65 7.51 -0.67 -19.57
C TRP D 65 6.56 -1.88 -19.64
N GLN D 66 5.59 -1.90 -20.56
CA GLN D 66 4.86 -3.15 -20.80
C GLN D 66 5.72 -4.23 -21.44
N LYS D 67 6.74 -3.84 -22.20
CA LYS D 67 7.69 -4.79 -22.78
C LYS D 67 8.82 -5.19 -21.85
N ALA D 68 8.92 -4.60 -20.66
CA ALA D 68 9.96 -4.98 -19.70
C ALA D 68 9.61 -6.31 -19.05
N SER D 69 9.09 -6.32 -17.82
CA SER D 69 8.30 -7.47 -17.42
C SER D 69 7.06 -7.48 -18.31
N LYS D 70 6.73 -8.67 -18.81
CA LYS D 70 5.64 -8.82 -19.79
C LYS D 70 4.27 -8.65 -19.15
N LYS D 71 3.36 -8.03 -19.88
CA LYS D 71 1.99 -7.76 -19.48
C LYS D 71 1.18 -7.48 -20.75
N LYS D 72 -0.13 -7.52 -20.58
CA LYS D 72 -1.03 -7.00 -21.62
C LYS D 72 -0.94 -5.48 -21.45
N VAL D 73 -0.94 -4.74 -22.56
CA VAL D 73 -0.81 -3.25 -22.54
C VAL D 73 -2.07 -2.64 -21.91
N THR D 74 -1.89 -1.79 -20.90
CA THR D 74 -3.04 -1.14 -20.20
C THR D 74 -3.34 0.21 -20.87
N VAL D 75 -2.56 0.57 -21.90
CA VAL D 75 -2.76 1.84 -22.65
C VAL D 75 -4.23 1.93 -23.07
N GLY D 76 -4.82 0.80 -23.46
CA GLY D 76 -6.21 0.76 -23.85
C GLY D 76 -7.20 0.92 -22.71
N ASP D 77 -6.75 0.83 -21.45
CA ASP D 77 -7.59 1.21 -20.33
C ASP D 77 -7.65 2.71 -20.07
N TYR D 78 -6.82 3.50 -20.79
CA TYR D 78 -6.69 4.97 -20.73
C TYR D 78 -6.33 5.48 -19.34
N SER D 79 -5.48 4.76 -18.62
CA SER D 79 -4.82 5.40 -17.50
C SER D 79 -3.81 6.44 -17.95
N ALA D 80 -3.03 6.09 -18.98
CA ALA D 80 -1.82 6.82 -19.37
C ALA D 80 -2.08 8.21 -19.93
N VAL D 81 -3.28 8.41 -20.47
CA VAL D 81 -3.68 9.70 -21.10
C VAL D 81 -4.05 10.71 -20.01
N VAL D 82 -4.79 10.27 -18.98
CA VAL D 82 -5.24 11.21 -17.91
C VAL D 82 -4.01 11.80 -17.18
N THR D 83 -3.02 10.97 -16.86
CA THR D 83 -1.83 11.49 -16.13
C THR D 83 -1.11 12.53 -17.02
N GLY D 84 -0.99 12.24 -18.31
CA GLY D 84 -0.33 13.17 -19.26
C GLY D 84 -1.10 14.47 -19.38
N LEU D 85 -2.43 14.40 -19.40
CA LEU D 85 -3.31 15.58 -19.58
C LEU D 85 -3.31 16.44 -18.30
N LEU D 86 -2.75 15.95 -17.20
CA LEU D 86 -2.75 16.73 -15.98
C LEU D 86 -1.39 17.30 -15.63
N LEU D 87 -0.28 16.62 -16.02
CA LEU D 87 1.03 17.25 -15.96
C LEU D 87 1.17 18.43 -16.91
N ALA D 88 0.53 18.34 -18.08
CA ALA D 88 0.50 19.47 -19.01
C ALA D 88 -0.31 20.65 -18.50
N PHE D 89 -1.31 20.41 -17.65
CA PHE D 89 -2.03 21.54 -17.06
C PHE D 89 -1.20 22.38 -16.12
N ASN D 90 -0.22 21.77 -15.44
CA ASN D 90 0.60 22.50 -14.49
C ASN D 90 1.59 23.49 -15.09
N VAL D 91 2.03 23.30 -16.34
CA VAL D 91 3.01 24.22 -16.91
C VAL D 91 2.45 25.52 -17.49
N PRO D 92 3.12 26.66 -17.30
CA PRO D 92 3.07 27.76 -18.28
C PRO D 92 3.61 27.39 -19.65
N ALA D 93 3.02 27.98 -20.69
CA ALA D 93 3.17 27.55 -22.09
C ALA D 93 4.59 27.70 -22.68
N SER D 94 5.39 28.66 -22.25
CA SER D 94 6.72 28.84 -22.85
C SER D 94 7.79 28.06 -22.08
N ILE D 95 7.86 26.75 -22.32
CA ILE D 95 9.01 25.95 -21.88
C ILE D 95 9.41 25.21 -23.16
N PRO D 96 10.68 24.84 -23.36
CA PRO D 96 11.01 23.80 -24.35
C PRO D 96 10.40 22.46 -23.94
N LEU D 97 9.98 21.69 -24.96
CA LEU D 97 9.15 20.49 -24.80
C LEU D 97 9.84 19.36 -24.06
N TRP D 98 11.18 19.27 -24.16
CA TRP D 98 11.91 18.13 -23.58
C TRP D 98 11.86 18.09 -22.06
N ILE D 99 11.80 19.26 -21.41
CA ILE D 99 11.60 19.32 -19.98
C ILE D 99 10.28 18.70 -19.48
N PRO D 100 9.08 19.02 -20.06
CA PRO D 100 7.93 18.11 -19.85
C PRO D 100 8.04 16.66 -20.29
N VAL D 101 8.77 16.34 -21.36
CA VAL D 101 8.87 14.95 -21.80
C VAL D 101 9.65 14.09 -20.78
N VAL D 102 10.73 14.64 -20.22
CA VAL D 102 11.41 14.01 -19.08
C VAL D 102 10.56 14.05 -17.80
N GLY D 103 9.67 15.04 -17.66
CA GLY D 103 8.73 14.98 -16.55
C GLY D 103 7.61 13.94 -16.68
N GLY D 104 7.20 13.64 -17.91
CA GLY D 104 6.26 12.54 -18.09
C GLY D 104 6.88 11.18 -17.97
N PHE D 105 8.16 11.07 -18.36
CA PHE D 105 8.92 9.86 -18.11
C PHE D 105 9.15 9.60 -16.62
N PHE D 106 9.32 10.66 -15.81
CA PHE D 106 9.27 10.48 -14.36
C PHE D 106 7.87 10.14 -13.85
N ALA D 107 6.82 10.71 -14.48
CA ALA D 107 5.44 10.47 -14.07
C ALA D 107 4.98 9.05 -14.29
N ILE D 108 5.54 8.37 -15.27
CA ILE D 108 5.22 6.95 -15.41
C ILE D 108 6.24 6.12 -14.65
N ILE D 109 7.50 6.11 -15.12
CA ILE D 109 8.46 5.02 -14.90
C ILE D 109 8.89 4.88 -13.44
N VAL D 110 8.84 5.96 -12.68
CA VAL D 110 9.17 5.82 -11.27
C VAL D 110 7.93 5.69 -10.40
N VAL D 111 7.07 6.72 -10.37
CA VAL D 111 5.92 6.78 -9.45
C VAL D 111 4.86 5.69 -9.73
N LYS D 112 4.65 5.32 -11.00
CA LYS D 112 3.57 4.33 -11.31
C LYS D 112 4.05 2.89 -11.50
N GLN D 113 5.04 2.65 -12.37
CA GLN D 113 5.44 1.29 -12.75
C GLN D 113 6.41 0.59 -11.81
N PHE D 114 7.28 1.32 -11.09
CA PHE D 114 8.01 0.69 -9.99
C PHE D 114 7.11 0.29 -8.85
N PHE D 115 6.04 1.02 -8.63
CA PHE D 115 5.20 0.77 -7.46
C PHE D 115 4.15 -0.29 -7.73
N GLY D 116 4.03 -0.74 -8.97
CA GLY D 116 2.98 -1.66 -9.33
C GLY D 116 2.34 -1.23 -10.62
N GLY D 117 1.13 -1.69 -10.84
CA GLY D 117 0.35 -1.38 -12.01
C GLY D 117 -0.47 -0.14 -11.76
N LEU D 118 -1.62 -0.07 -12.41
CA LEU D 118 -2.55 1.08 -12.35
C LEU D 118 -3.37 1.06 -11.06
N GLY D 119 -3.18 2.06 -10.20
CA GLY D 119 -3.90 2.23 -8.98
C GLY D 119 -3.15 1.75 -7.74
N GLN D 120 -1.98 1.17 -7.88
CA GLN D 120 -1.23 0.76 -6.71
C GLN D 120 -0.28 1.81 -6.15
N ASN D 121 -0.10 2.96 -6.82
CA ASN D 121 0.93 3.94 -6.36
C ASN D 121 0.36 4.80 -5.23
N ILE D 122 1.18 5.16 -4.23
CA ILE D 122 0.69 5.90 -3.07
C ILE D 122 0.43 7.37 -3.30
N VAL D 123 0.81 7.95 -4.44
CA VAL D 123 0.66 9.39 -4.66
C VAL D 123 0.21 9.59 -6.09
N ASN D 124 -0.27 10.79 -6.37
CA ASN D 124 -0.50 11.22 -7.74
C ASN D 124 0.80 11.44 -8.46
N PRO D 125 1.05 10.83 -9.62
CA PRO D 125 2.20 11.22 -10.43
C PRO D 125 2.33 12.65 -10.91
N ALA D 126 1.23 13.36 -11.24
CA ALA D 126 1.37 14.70 -11.82
C ALA D 126 1.90 15.71 -10.84
N LEU D 127 1.50 15.58 -9.57
CA LEU D 127 2.10 16.35 -8.51
C LEU D 127 3.54 15.98 -8.20
N ALA D 128 3.93 14.72 -8.42
CA ALA D 128 5.31 14.35 -8.16
C ALA D 128 6.23 14.80 -9.27
N ALA D 129 5.79 14.63 -10.52
CA ALA D 129 6.50 15.17 -11.67
C ALA D 129 6.54 16.69 -11.69
N ARG D 130 5.49 17.34 -11.17
CA ARG D 130 5.50 18.79 -11.06
C ARG D 130 6.44 19.28 -9.97
N ALA D 131 6.50 18.57 -8.83
CA ALA D 131 7.45 18.94 -7.78
C ALA D 131 8.89 18.73 -8.20
N PHE D 132 9.14 17.67 -8.98
CA PHE D 132 10.45 17.44 -9.60
C PHE D 132 10.77 18.49 -10.65
N LEU D 133 9.74 18.99 -11.33
CA LEU D 133 9.93 19.92 -12.42
C LEU D 133 10.23 21.32 -11.92
N LEU D 134 9.40 21.80 -10.98
CA LEU D 134 9.59 23.11 -10.39
C LEU D 134 10.84 23.18 -9.52
N ALA D 135 11.18 22.11 -8.81
CA ALA D 135 12.42 22.11 -8.06
C ALA D 135 13.67 22.03 -8.94
N SER D 136 13.58 21.42 -10.14
CA SER D 136 14.83 21.29 -10.88
C SER D 136 15.18 22.52 -11.70
N TRP D 137 14.21 23.10 -12.41
CA TRP D 137 14.46 24.30 -13.23
C TRP D 137 13.38 25.31 -12.93
N PRO D 138 13.42 25.97 -11.77
CA PRO D 138 12.45 27.06 -11.52
C PRO D 138 12.47 28.23 -12.49
N VAL D 139 13.65 28.62 -13.03
CA VAL D 139 13.74 29.77 -13.94
C VAL D 139 13.03 29.50 -15.27
N GLN D 140 12.95 28.23 -15.65
CA GLN D 140 12.22 27.80 -16.87
C GLN D 140 10.73 27.88 -16.55
N MET D 141 10.38 27.65 -15.28
CA MET D 141 8.99 27.73 -14.83
C MET D 141 8.52 29.13 -14.43
N THR D 142 9.42 30.13 -14.34
CA THR D 142 9.05 31.48 -13.92
C THR D 142 8.14 32.23 -14.90
N SER D 143 8.17 31.89 -16.19
CA SER D 143 7.48 32.64 -17.25
C SER D 143 5.97 32.59 -17.07
N TRP D 144 5.29 33.70 -17.38
CA TRP D 144 3.83 33.78 -17.36
C TRP D 144 3.46 34.57 -18.62
N THR D 145 3.41 33.84 -19.72
CA THR D 145 3.66 34.27 -21.09
C THR D 145 2.60 35.18 -21.69
N LEU D 146 1.37 35.22 -21.14
CA LEU D 146 0.18 35.79 -21.79
C LEU D 146 0.25 37.31 -22.06
N ASP D 147 -0.21 37.70 -23.27
CA ASP D 147 0.02 38.99 -23.93
C ASP D 147 1.52 39.31 -24.02
N GLY D 148 2.32 38.32 -24.36
CA GLY D 148 3.74 38.51 -24.60
C GLY D 148 4.62 38.54 -23.37
N VAL D 149 4.45 39.59 -22.56
CA VAL D 149 5.35 39.91 -21.46
C VAL D 149 5.16 38.94 -20.29
N THR D 150 6.25 38.74 -19.53
CA THR D 150 6.18 38.10 -18.22
C THR D 150 5.35 38.97 -17.28
N THR D 151 4.51 38.32 -16.45
CA THR D 151 3.43 39.02 -15.76
C THR D 151 3.27 38.48 -14.35
N ALA D 152 2.71 39.32 -13.48
CA ALA D 152 2.25 38.97 -12.15
C ALA D 152 0.97 38.12 -12.21
N THR D 153 0.79 37.30 -11.18
CA THR D 153 -0.34 36.41 -10.95
C THR D 153 -0.90 36.76 -9.58
N PRO D 154 -2.23 36.56 -9.32
CA PRO D 154 -2.85 37.05 -8.06
C PRO D 154 -2.32 36.53 -6.74
N LEU D 155 -1.85 35.29 -6.70
CA LEU D 155 -1.39 34.68 -5.46
C LEU D 155 -0.13 35.32 -4.90
N ALA D 156 0.72 35.89 -5.76
CA ALA D 156 1.90 36.58 -5.25
C ALA D 156 1.55 37.92 -4.65
N ILE D 157 0.69 38.68 -5.34
CA ILE D 157 0.32 40.01 -4.87
C ILE D 157 -0.60 39.97 -3.64
N LEU D 158 -1.32 38.85 -3.41
CA LEU D 158 -2.24 38.76 -2.29
C LEU D 158 -1.57 38.77 -0.92
N LYS D 159 -0.37 38.19 -0.79
CA LYS D 159 0.45 38.44 0.39
C LYS D 159 0.94 39.89 0.45
N GLY D 160 1.20 40.48 -0.71
CA GLY D 160 1.74 41.82 -0.82
C GLY D 160 3.24 41.92 -0.68
N ASN D 161 3.93 40.79 -0.44
CA ASN D 161 5.35 40.76 -0.11
C ASN D 161 6.27 40.89 -1.30
N GLU D 162 5.75 40.79 -2.53
CA GLU D 162 6.60 40.45 -3.66
C GLU D 162 6.62 41.60 -4.64
N ALA D 163 5.87 41.51 -5.75
CA ALA D 163 5.88 42.52 -6.80
C ALA D 163 5.36 43.88 -6.36
N THR D 164 6.09 44.93 -6.75
CA THR D 164 5.68 46.32 -6.58
C THR D 164 4.52 46.73 -7.49
N GLY D 165 4.31 46.02 -8.58
CA GLY D 165 3.56 46.45 -9.75
C GLY D 165 2.08 46.26 -9.68
N ALA D 166 1.58 45.74 -8.56
CA ALA D 166 0.26 45.12 -8.45
C ALA D 166 -0.91 46.06 -8.69
N ALA D 167 -1.89 45.54 -9.41
CA ALA D 167 -3.22 46.10 -9.59
C ALA D 167 -4.04 44.89 -10.01
N ALA D 168 -4.79 44.32 -9.04
CA ALA D 168 -5.39 43.00 -9.18
C ALA D 168 -6.51 42.99 -10.21
N PRO D 169 -6.63 41.91 -11.00
CA PRO D 169 -7.81 41.76 -11.88
C PRO D 169 -9.11 41.68 -11.11
N ASP D 170 -10.15 42.24 -11.72
CA ASP D 170 -11.51 42.15 -11.22
C ASP D 170 -12.01 40.71 -11.25
N LEU D 171 -12.85 40.39 -10.26
CA LEU D 171 -13.22 39.02 -9.92
C LEU D 171 -13.99 38.29 -11.01
N MET D 172 -14.75 39.01 -11.83
CA MET D 172 -15.37 38.40 -13.01
C MET D 172 -14.37 37.99 -14.08
N SER D 173 -13.21 38.67 -14.18
CA SER D 173 -12.24 38.38 -15.25
C SER D 173 -11.55 37.03 -15.12
N VAL D 174 -11.53 36.47 -13.90
CA VAL D 174 -10.86 35.16 -13.64
C VAL D 174 -11.69 34.02 -14.25
N PHE D 175 -13.01 34.12 -14.16
CA PHE D 175 -13.92 33.08 -14.70
C PHE D 175 -13.74 32.95 -16.21
N ILE D 176 -13.58 34.09 -16.90
CA ILE D 176 -13.40 34.10 -18.38
C ILE D 176 -12.12 33.35 -18.73
N GLY D 177 -11.05 33.55 -17.94
CA GLY D 177 -9.77 32.88 -18.19
C GLY D 177 -8.69 33.87 -18.57
N HIS D 178 -9.04 35.16 -18.63
CA HIS D 178 -8.09 36.23 -18.98
C HIS D 178 -6.90 36.34 -18.02
N VAL D 179 -7.02 35.84 -16.78
CA VAL D 179 -5.91 35.84 -15.83
C VAL D 179 -4.78 34.93 -16.32
N GLY D 180 -3.52 35.35 -16.10
CA GLY D 180 -2.37 34.57 -16.45
C GLY D 180 -2.08 33.51 -15.43
N GLY D 181 -1.03 32.74 -15.70
CA GLY D 181 -0.86 31.44 -15.11
C GLY D 181 -1.28 30.32 -16.05
N CYS D 182 -1.21 29.11 -15.51
CA CYS D 182 -1.18 27.82 -16.21
C CYS D 182 -2.49 27.42 -16.88
N ILE D 183 -2.37 26.55 -17.90
CA ILE D 183 -3.29 26.38 -19.03
C ILE D 183 -4.71 25.96 -18.63
N GLY D 184 -4.88 25.25 -17.52
CA GLY D 184 -6.22 24.81 -17.20
C GLY D 184 -6.97 25.61 -16.15
N GLU D 185 -6.22 25.95 -15.09
CA GLU D 185 -6.75 26.37 -13.80
C GLU D 185 -7.47 27.69 -13.82
N THR D 186 -7.09 28.57 -14.76
CA THR D 186 -7.73 29.88 -14.86
C THR D 186 -9.19 29.78 -15.26
N SER D 187 -9.57 28.78 -16.07
CA SER D 187 -10.96 28.69 -16.52
C SER D 187 -11.79 27.90 -15.51
N ALA D 188 -12.03 28.53 -14.36
CA ALA D 188 -12.73 27.90 -13.24
C ALA D 188 -14.20 27.61 -13.52
N LEU D 189 -14.84 28.37 -14.41
CA LEU D 189 -16.26 28.11 -14.70
C LEU D 189 -16.46 26.88 -15.57
N ALA D 190 -15.66 26.73 -16.62
CA ALA D 190 -15.71 25.49 -17.39
C ALA D 190 -15.16 24.28 -16.63
N LEU D 191 -14.23 24.49 -15.68
CA LEU D 191 -13.89 23.42 -14.76
C LEU D 191 -15.03 23.04 -13.82
N LEU D 192 -15.86 24.02 -13.44
CA LEU D 192 -17.12 23.70 -12.77
C LEU D 192 -18.11 22.98 -13.70
N ILE D 193 -18.08 23.29 -15.01
CA ILE D 193 -18.90 22.57 -15.99
C ILE D 193 -18.44 21.12 -16.13
N GLY D 194 -17.13 20.88 -16.00
CA GLY D 194 -16.66 19.51 -16.01
C GLY D 194 -16.89 18.73 -14.74
N GLY D 195 -16.88 19.40 -13.58
CA GLY D 195 -17.24 18.71 -12.36
C GLY D 195 -18.73 18.51 -12.19
N ALA D 196 -19.53 19.42 -12.74
CA ALA D 196 -20.96 19.23 -12.85
C ALA D 196 -21.33 18.10 -13.80
N TYR D 197 -20.51 17.84 -14.81
CA TYR D 197 -20.76 16.63 -15.60
C TYR D 197 -20.36 15.38 -14.83
N LEU D 198 -19.19 15.42 -14.15
CA LEU D 198 -18.67 14.25 -13.44
C LEU D 198 -19.52 13.80 -12.26
N PHE D 199 -20.18 14.74 -11.56
CA PHE D 199 -21.10 14.34 -10.50
C PHE D 199 -22.36 13.65 -11.02
N TYR D 200 -22.80 14.00 -12.24
CA TYR D 200 -23.98 13.38 -12.87
C TYR D 200 -23.76 11.91 -13.21
N LYS D 201 -22.53 11.52 -13.50
CA LYS D 201 -22.23 10.13 -13.78
C LYS D 201 -21.98 9.31 -12.53
N HIS D 202 -21.94 9.97 -11.34
CA HIS D 202 -21.56 9.43 -10.03
C HIS D 202 -20.15 8.84 -10.06
N ILE D 203 -19.25 9.52 -10.79
CA ILE D 203 -17.82 9.21 -10.72
C ILE D 203 -17.24 9.49 -9.34
N ILE D 204 -17.73 10.51 -8.63
CA ILE D 204 -17.05 10.93 -7.41
C ILE D 204 -18.07 11.53 -6.45
N ASP D 205 -17.86 11.27 -5.16
CA ASP D 205 -18.64 11.80 -4.06
C ASP D 205 -18.34 13.27 -3.83
N TRP D 206 -19.33 13.99 -3.28
CA TRP D 206 -19.19 15.37 -2.81
C TRP D 206 -18.29 15.51 -1.58
N ARG D 207 -18.03 14.41 -0.87
CA ARG D 207 -17.35 14.38 0.42
C ARG D 207 -15.89 14.84 0.36
N ILE D 208 -15.20 14.75 -0.77
CA ILE D 208 -13.92 15.47 -0.87
C ILE D 208 -14.05 16.95 -1.29
N PRO D 209 -14.57 17.35 -2.50
CA PRO D 209 -14.58 18.80 -2.89
C PRO D 209 -15.29 19.77 -1.99
N VAL D 210 -16.40 19.34 -1.34
CA VAL D 210 -17.19 20.25 -0.53
C VAL D 210 -16.47 20.59 0.77
N SER D 211 -15.91 19.57 1.43
CA SER D 211 -15.10 19.79 2.63
C SER D 211 -13.79 20.51 2.38
N PHE D 212 -13.16 20.31 1.20
CA PHE D 212 -11.86 20.96 0.98
C PHE D 212 -12.01 22.42 0.60
N ILE D 213 -12.98 22.74 -0.28
CA ILE D 213 -13.32 24.11 -0.63
C ILE D 213 -13.89 24.87 0.56
N GLY D 214 -14.61 24.16 1.45
CA GLY D 214 -15.11 24.78 2.66
C GLY D 214 -14.04 25.10 3.69
N THR D 215 -13.02 24.25 3.84
CA THR D 215 -12.02 24.56 4.85
C THR D 215 -11.02 25.64 4.39
N THR D 216 -10.63 25.66 3.10
CA THR D 216 -9.82 26.80 2.66
C THR D 216 -10.62 28.10 2.59
N PHE D 217 -11.95 28.05 2.36
CA PHE D 217 -12.76 29.26 2.52
C PHE D 217 -12.84 29.76 3.95
N ILE D 218 -12.82 28.85 4.95
CA ILE D 218 -12.80 29.29 6.35
C ILE D 218 -11.44 29.89 6.71
N PHE D 219 -10.34 29.29 6.21
CA PHE D 219 -9.01 29.84 6.48
C PHE D 219 -8.73 31.19 5.80
N THR D 220 -9.36 31.39 4.64
CA THR D 220 -9.23 32.66 3.88
C THR D 220 -10.23 33.69 4.43
N ALA D 221 -11.21 33.28 5.23
CA ALA D 221 -12.16 34.23 5.80
C ALA D 221 -11.72 34.75 7.14
N ILE D 222 -11.26 33.85 8.02
CA ILE D 222 -10.60 34.32 9.24
C ILE D 222 -9.25 35.00 8.95
N ALA D 223 -8.51 34.59 7.90
CA ALA D 223 -7.36 35.37 7.44
C ALA D 223 -7.73 36.73 6.88
N GLY D 224 -8.89 36.84 6.24
CA GLY D 224 -9.39 38.11 5.74
C GLY D 224 -8.81 38.56 4.41
N ARG D 225 -7.97 37.75 3.76
CA ARG D 225 -7.08 38.30 2.74
C ARG D 225 -7.69 38.32 1.34
N GLY D 226 -8.25 39.45 0.96
CA GLY D 226 -8.66 39.68 -0.41
C GLY D 226 -9.61 40.84 -0.49
N SER D 227 -9.93 41.23 -1.73
CA SER D 227 -11.04 42.16 -1.96
C SER D 227 -12.38 41.54 -1.57
N SER D 228 -12.53 40.23 -1.72
CA SER D 228 -13.51 39.40 -1.07
C SER D 228 -12.78 38.16 -0.55
N PRO D 229 -13.30 37.53 0.51
CA PRO D 229 -12.84 36.16 0.83
C PRO D 229 -13.08 35.11 -0.27
N VAL D 230 -14.16 35.27 -1.04
CA VAL D 230 -14.58 34.34 -2.10
C VAL D 230 -13.56 34.27 -3.26
N TYR D 231 -12.80 35.35 -3.48
CA TYR D 231 -11.89 35.49 -4.63
C TYR D 231 -10.72 34.51 -4.63
N GLU D 232 -10.28 34.06 -3.45
CA GLU D 232 -9.22 33.06 -3.34
C GLU D 232 -9.58 31.68 -3.89
N LEU D 233 -10.87 31.29 -3.80
CA LEU D 233 -11.29 29.96 -4.24
C LEU D 233 -11.18 29.75 -5.74
N PHE D 234 -11.39 30.79 -6.55
CA PHE D 234 -11.14 30.65 -7.98
C PHE D 234 -9.71 30.92 -8.35
N ALA D 235 -8.96 31.55 -7.46
CA ALA D 235 -7.54 31.83 -7.69
C ALA D 235 -6.73 30.56 -7.63
N GLY D 236 -5.72 30.47 -8.50
CA GLY D 236 -4.80 29.37 -8.42
C GLY D 236 -5.32 28.04 -8.94
N GLY D 237 -4.59 27.00 -8.58
CA GLY D 237 -4.87 25.62 -8.91
C GLY D 237 -5.84 24.91 -8.00
N LEU D 238 -6.35 25.62 -6.98
CA LEU D 238 -7.22 25.03 -5.98
C LEU D 238 -8.53 24.50 -6.52
N MET D 239 -9.08 25.13 -7.56
CA MET D 239 -10.22 24.51 -8.22
C MET D 239 -9.90 23.21 -8.96
N LEU D 240 -8.70 23.09 -9.55
CA LEU D 240 -8.27 21.77 -10.01
C LEU D 240 -8.01 20.80 -8.87
N GLY D 241 -7.53 21.30 -7.72
CA GLY D 241 -7.13 20.39 -6.66
C GLY D 241 -8.25 19.86 -5.81
N ALA D 242 -9.41 20.49 -5.84
CA ALA D 242 -10.57 19.89 -5.24
C ALA D 242 -11.29 18.94 -6.16
N ILE D 243 -10.97 18.92 -7.46
CA ILE D 243 -11.87 18.26 -8.39
C ILE D 243 -11.14 17.16 -9.15
N PHE D 244 -10.09 17.51 -9.89
CA PHE D 244 -9.35 16.48 -10.60
C PHE D 244 -8.23 15.85 -9.79
N MET D 245 -7.63 16.54 -8.83
CA MET D 245 -6.33 16.09 -8.31
C MET D 245 -6.46 15.16 -7.12
N ALA D 246 -6.97 15.67 -5.98
CA ALA D 246 -7.07 14.90 -4.74
C ALA D 246 -8.10 13.79 -4.79
N THR D 247 -9.10 13.91 -5.67
CA THR D 247 -10.24 13.01 -5.87
C THR D 247 -9.92 11.85 -6.76
N ASP D 248 -8.65 11.74 -7.14
CA ASP D 248 -8.12 10.61 -7.88
C ASP D 248 -8.32 9.35 -7.08
N TYR D 249 -8.77 8.29 -7.76
CA TYR D 249 -9.10 7.00 -7.09
C TYR D 249 -7.89 6.51 -6.29
N ALA D 250 -6.73 6.36 -6.93
CA ALA D 250 -5.59 5.64 -6.31
C ALA D 250 -5.08 6.36 -5.05
N THR D 251 -4.89 7.69 -5.11
CA THR D 251 -4.39 8.44 -3.93
C THR D 251 -5.44 8.43 -2.81
N SER D 252 -6.68 8.78 -3.18
CA SER D 252 -7.84 8.95 -2.25
C SER D 252 -8.07 7.72 -1.35
N PRO D 253 -8.51 7.92 -0.09
CA PRO D 253 -8.80 6.82 0.82
C PRO D 253 -10.11 6.14 0.37
N ILE D 254 -10.27 4.87 0.71
CA ILE D 254 -11.44 4.09 0.32
C ILE D 254 -12.68 4.43 1.16
N THR D 255 -12.52 4.67 2.46
CA THR D 255 -13.60 4.78 3.45
C THR D 255 -14.43 6.05 3.26
N PRO D 256 -15.77 6.00 3.50
CA PRO D 256 -16.56 7.25 3.58
C PRO D 256 -16.16 8.28 4.62
N LEU D 257 -15.66 7.90 5.80
CA LEU D 257 -15.14 8.89 6.75
C LEU D 257 -13.68 9.22 6.51
N GLY D 258 -12.98 8.27 5.90
CA GLY D 258 -11.56 8.44 5.52
C GLY D 258 -11.44 9.51 4.45
N ARG D 259 -12.46 9.65 3.58
CA ARG D 259 -12.43 10.72 2.61
C ARG D 259 -12.49 12.09 3.27
N ILE D 260 -13.46 12.33 4.18
CA ILE D 260 -13.63 13.66 4.75
C ILE D 260 -12.53 14.09 5.71
N ILE D 261 -11.83 13.13 6.34
CA ILE D 261 -10.62 13.52 7.09
C ILE D 261 -9.50 14.01 6.16
N PHE D 262 -9.34 13.35 5.01
CA PHE D 262 -8.41 13.78 3.97
C PHE D 262 -8.80 15.09 3.31
N GLY D 263 -10.10 15.37 3.22
CA GLY D 263 -10.53 16.64 2.67
C GLY D 263 -10.50 17.79 3.64
N VAL D 264 -10.68 17.53 4.94
CA VAL D 264 -10.52 18.61 5.91
C VAL D 264 -9.06 18.91 6.12
N GLY D 265 -8.22 17.87 6.16
CA GLY D 265 -6.82 18.11 6.45
C GLY D 265 -6.00 18.56 5.27
N CYS D 266 -6.54 18.46 4.05
CA CYS D 266 -5.84 19.08 2.93
C CYS D 266 -5.81 20.61 2.99
N GLY D 267 -6.85 21.25 3.53
CA GLY D 267 -6.81 22.68 3.71
C GLY D 267 -6.12 23.15 4.95
N VAL D 268 -5.86 22.24 5.89
CA VAL D 268 -4.98 22.55 7.01
C VAL D 268 -3.54 22.78 6.54
N ILE D 269 -3.10 22.07 5.50
CA ILE D 269 -1.75 22.19 5.03
C ILE D 269 -1.62 23.12 3.81
N THR D 270 -2.67 23.24 2.97
CA THR D 270 -2.58 24.06 1.75
C THR D 270 -2.61 25.56 2.04
N SER D 271 -3.57 26.00 2.85
CA SER D 271 -3.72 27.41 3.20
C SER D 271 -2.57 27.95 4.04
N LEU D 272 -1.93 27.09 4.85
CA LEU D 272 -0.74 27.53 5.57
C LEU D 272 0.45 27.80 4.65
N ILE D 273 0.64 27.00 3.59
CA ILE D 273 1.63 27.35 2.57
C ILE D 273 1.20 28.59 1.76
N ARG D 274 -0.11 28.80 1.58
CA ARG D 274 -0.62 30.00 0.90
C ARG D 274 -0.39 31.29 1.68
N ILE D 275 -0.38 31.23 3.00
CA ILE D 275 -0.42 32.46 3.78
C ILE D 275 0.86 32.54 4.61
N PHE D 276 0.98 31.66 5.60
CA PHE D 276 2.18 31.59 6.43
C PHE D 276 3.40 31.12 5.63
N GLY D 277 3.19 30.28 4.62
CA GLY D 277 4.28 29.81 3.81
C GLY D 277 4.78 30.85 2.83
N GLY D 278 6.02 30.66 2.39
CA GLY D 278 6.59 31.55 1.39
C GLY D 278 6.23 31.25 -0.05
N TYR D 279 5.64 30.12 -0.33
CA TYR D 279 5.33 29.70 -1.69
C TYR D 279 4.11 30.47 -2.20
N PRO D 280 4.00 30.69 -3.53
CA PRO D 280 2.75 31.23 -4.12
C PRO D 280 1.50 30.39 -3.88
N GLU D 281 1.61 29.06 -3.83
CA GLU D 281 0.41 28.23 -3.71
C GLU D 281 0.75 26.97 -2.95
N GLY D 282 -0.28 26.29 -2.38
CA GLY D 282 -0.11 25.00 -1.66
C GLY D 282 -0.99 23.82 -2.07
N VAL D 283 -1.60 23.88 -3.26
CA VAL D 283 -2.53 22.80 -3.75
C VAL D 283 -1.69 21.62 -4.24
N SER D 284 -0.36 21.77 -4.27
CA SER D 284 0.52 20.67 -4.73
C SER D 284 1.20 20.01 -3.53
N TYR D 285 2.29 20.62 -3.04
CA TYR D 285 3.03 20.09 -1.93
C TYR D 285 2.16 19.73 -0.75
N SER D 286 0.85 20.04 -0.81
CA SER D 286 -0.05 19.72 0.33
C SER D 286 -0.73 18.37 0.12
N ILE D 287 -1.03 18.04 -1.14
CA ILE D 287 -1.69 16.78 -1.50
C ILE D 287 -0.73 15.61 -1.42
N LEU D 288 0.57 15.83 -1.68
CA LEU D 288 1.57 14.80 -1.45
C LEU D 288 1.76 14.39 0.02
N VAL D 289 1.59 15.31 0.98
CA VAL D 289 1.71 14.93 2.38
C VAL D 289 0.45 14.23 2.84
N MET D 290 -0.72 14.77 2.48
CA MET D 290 -1.98 14.11 2.82
C MET D 290 -2.23 12.79 2.07
N ASN D 291 -1.70 12.63 0.86
CA ASN D 291 -1.60 11.32 0.23
C ASN D 291 -0.64 10.36 0.91
N LEU D 292 0.43 10.87 1.54
CA LEU D 292 1.24 9.92 2.28
C LEU D 292 0.65 9.50 3.62
N PHE D 293 -0.35 10.25 4.14
CA PHE D 293 -1.02 9.96 5.39
C PHE D 293 -2.04 8.84 5.29
N VAL D 294 -2.40 8.44 4.05
CA VAL D 294 -3.58 7.60 3.82
C VAL D 294 -3.66 6.21 4.50
N PRO D 295 -2.60 5.31 4.48
CA PRO D 295 -2.76 4.06 5.27
C PRO D 295 -2.98 4.18 6.77
N LEU D 296 -2.40 5.21 7.39
CA LEU D 296 -2.73 5.55 8.77
C LEU D 296 -4.11 6.13 8.91
N ILE D 297 -4.68 6.72 7.87
CA ILE D 297 -6.10 7.05 7.94
C ILE D 297 -6.94 5.79 7.79
N GLU D 298 -6.63 4.98 6.77
CA GLU D 298 -7.42 3.81 6.37
C GLU D 298 -7.38 2.68 7.39
N ARG D 299 -6.35 2.62 8.21
CA ARG D 299 -6.27 1.62 9.25
C ARG D 299 -7.24 1.94 10.37
N TRP D 300 -7.00 3.05 11.06
CA TRP D 300 -7.83 3.47 12.19
C TRP D 300 -9.24 3.88 11.80
N THR D 301 -9.46 4.42 10.61
CA THR D 301 -10.82 4.73 10.17
C THR D 301 -11.29 3.57 9.30
N ALA D 302 -12.25 2.83 9.82
CA ALA D 302 -12.92 1.75 9.14
C ALA D 302 -14.41 1.99 9.35
N PRO D 303 -15.28 1.52 8.43
CA PRO D 303 -16.70 1.45 8.74
C PRO D 303 -16.99 0.52 9.91
N LYS D 304 -18.01 0.90 10.70
CA LYS D 304 -18.47 0.04 11.78
C LYS D 304 -19.06 -1.25 11.23
N ILE D 305 -18.69 -2.35 11.89
CA ILE D 305 -19.19 -3.72 11.55
C ILE D 305 -20.67 -3.78 11.92
N PHE D 306 -21.44 -4.56 11.16
CA PHE D 306 -22.89 -4.68 11.34
C PHE D 306 -23.30 -5.32 12.66
N GLY D 307 -22.44 -6.14 13.26
CA GLY D 307 -22.67 -6.53 14.62
C GLY D 307 -21.40 -6.53 15.44
N LYS D 308 -20.95 -5.35 15.86
CA LYS D 308 -19.88 -5.25 16.84
C LYS D 308 -20.35 -5.77 18.19
N VAL D 309 -19.42 -6.40 18.93
CA VAL D 309 -19.67 -6.72 20.33
C VAL D 309 -19.80 -5.41 21.13
N LYS D 310 -20.72 -5.43 22.11
CA LYS D 310 -21.37 -4.27 22.77
C LYS D 310 -21.97 -3.28 21.75
N GLY E 2 47.81 -16.42 3.04
CA GLY E 2 47.58 -15.18 2.32
C GLY E 2 46.20 -15.11 1.71
N VAL E 3 45.19 -14.90 2.58
CA VAL E 3 43.73 -14.87 2.22
C VAL E 3 43.23 -13.44 2.00
N VAL E 4 44.12 -12.46 1.97
CA VAL E 4 43.62 -11.07 1.84
C VAL E 4 42.84 -10.87 0.53
N SER E 5 43.29 -11.48 -0.58
CA SER E 5 42.60 -11.22 -1.87
C SER E 5 41.13 -11.62 -1.79
N GLU E 6 40.80 -12.74 -1.16
CA GLU E 6 39.36 -13.07 -1.15
C GLU E 6 38.69 -12.32 0.00
N ARG E 7 39.41 -12.08 1.08
CA ARG E 7 38.72 -11.44 2.20
C ARG E 7 38.23 -10.04 1.87
N LEU E 8 38.92 -9.43 0.89
CA LEU E 8 38.55 -8.10 0.32
C LEU E 8 37.30 -8.30 -0.57
N TYR E 9 37.37 -9.15 -1.60
CA TYR E 9 36.20 -9.45 -2.48
C TYR E 9 35.06 -10.01 -1.63
N ASN E 10 35.37 -10.58 -0.47
CA ASN E 10 34.22 -10.87 0.36
C ASN E 10 33.66 -9.63 1.05
N GLY E 11 34.54 -8.68 1.36
CA GLY E 11 34.06 -7.46 1.99
C GLY E 11 33.38 -6.51 1.04
N ILE E 12 33.70 -6.58 -0.25
CA ILE E 12 33.03 -5.69 -1.19
C ILE E 12 31.87 -6.30 -2.00
N VAL E 13 31.85 -7.63 -2.21
CA VAL E 13 30.66 -8.19 -2.87
C VAL E 13 29.50 -8.55 -1.96
N LYS E 14 29.67 -8.53 -0.65
CA LYS E 14 28.73 -9.26 0.19
C LYS E 14 28.58 -8.55 1.52
N GLU E 15 29.71 -8.15 2.07
CA GLU E 15 29.75 -7.34 3.26
C GLU E 15 29.67 -5.86 2.96
N ASN E 16 29.50 -5.44 1.70
CA ASN E 16 29.52 -4.01 1.33
C ASN E 16 28.41 -3.22 2.00
N ALA E 17 28.83 -2.05 2.52
CA ALA E 17 28.10 -1.30 3.52
C ALA E 17 26.78 -0.72 3.03
N THR E 18 26.69 -0.39 1.75
CA THR E 18 25.59 0.45 1.30
C THR E 18 24.72 -0.27 0.31
N PHE E 19 25.35 -0.91 -0.66
CA PHE E 19 24.56 -1.61 -1.69
C PHE E 19 23.91 -2.87 -1.10
N VAL E 20 24.53 -3.51 -0.11
CA VAL E 20 23.97 -4.73 0.45
C VAL E 20 23.46 -4.46 1.86
N GLN E 21 24.40 -4.16 2.76
CA GLN E 21 24.18 -4.13 4.21
C GLN E 21 23.23 -3.03 4.68
N VAL E 22 23.19 -1.90 3.95
CA VAL E 22 22.46 -0.64 4.11
C VAL E 22 22.64 0.05 5.48
N LEU E 23 23.75 -0.23 6.15
CA LEU E 23 24.30 0.64 7.18
C LEU E 23 25.00 1.84 6.56
N GLY E 24 25.05 2.95 7.28
CA GLY E 24 26.01 3.97 6.89
C GLY E 24 25.65 4.86 5.74
N MET E 25 24.37 4.89 5.39
CA MET E 25 23.86 5.79 4.36
C MET E 25 24.00 7.27 4.74
N CYS E 26 24.06 7.59 6.04
CA CYS E 26 23.97 8.96 6.53
C CYS E 26 25.01 9.99 6.00
N PRO E 27 26.37 9.80 6.02
CA PRO E 27 27.21 10.55 5.06
C PRO E 27 26.94 10.32 3.59
N THR E 28 26.57 9.07 3.20
CA THR E 28 26.61 8.58 1.82
C THR E 28 25.60 9.30 0.94
N LEU E 29 24.51 9.76 1.54
CA LEU E 29 23.68 10.77 0.94
C LEU E 29 24.08 12.21 1.29
N ALA E 30 24.52 12.52 2.54
CA ALA E 30 24.88 13.92 2.83
C ALA E 30 26.11 14.44 2.07
N VAL E 31 27.11 13.60 1.78
CA VAL E 31 28.35 14.12 1.24
C VAL E 31 28.38 14.24 -0.29
N THR E 32 27.36 13.71 -0.99
CA THR E 32 27.42 13.32 -2.41
C THR E 32 27.45 14.52 -3.37
N THR E 33 27.15 15.73 -2.88
CA THR E 33 26.81 16.92 -3.64
C THR E 33 27.94 17.43 -4.53
N SER E 34 29.19 17.10 -4.20
CA SER E 34 30.24 16.95 -5.22
C SER E 34 31.11 15.77 -4.82
N ALA E 35 31.52 15.01 -5.84
CA ALA E 35 32.11 13.68 -5.64
C ALA E 35 33.47 13.69 -4.95
N ILE E 36 34.20 14.80 -5.11
CA ILE E 36 35.51 14.83 -4.42
C ILE E 36 35.22 14.76 -2.93
N ASN E 37 34.33 15.63 -2.43
CA ASN E 37 34.04 15.67 -0.99
C ASN E 37 33.71 14.29 -0.43
N GLY E 38 33.06 13.46 -1.22
CA GLY E 38 32.84 12.11 -0.77
C GLY E 38 33.95 11.14 -0.91
N ILE E 39 34.82 11.34 -1.91
CA ILE E 39 36.03 10.53 -2.00
C ILE E 39 36.96 10.84 -0.83
N GLY E 40 36.98 12.09 -0.36
CA GLY E 40 37.69 12.37 0.88
C GLY E 40 36.98 11.89 2.13
N MET E 41 35.64 11.86 2.09
CA MET E 41 34.86 11.23 3.17
C MET E 41 35.09 9.73 3.26
N GLY E 42 35.29 9.07 2.11
CA GLY E 42 35.54 7.65 2.13
C GLY E 42 36.97 7.30 2.45
N LEU E 43 37.90 8.19 2.12
CA LEU E 43 39.29 7.96 2.49
C LEU E 43 39.53 8.19 3.98
N SER E 44 38.93 9.27 4.54
CA SER E 44 38.98 9.48 5.99
C SER E 44 38.24 8.40 6.78
N ALA E 45 37.14 7.89 6.19
CA ALA E 45 36.44 6.72 6.74
C ALA E 45 37.27 5.45 6.65
N THR E 46 38.12 5.35 5.62
CA THR E 46 38.96 4.18 5.46
C THR E 46 40.10 4.14 6.48
N VAL E 47 40.81 5.26 6.67
CA VAL E 47 41.88 5.29 7.66
C VAL E 47 41.38 5.19 9.10
N VAL E 48 40.18 5.75 9.42
CA VAL E 48 39.60 5.47 10.75
C VAL E 48 39.10 4.02 10.84
N LEU E 49 38.75 3.39 9.72
CA LEU E 49 38.19 2.06 9.76
C LEU E 49 39.26 1.00 9.98
N ILE E 50 40.42 1.14 9.32
CA ILE E 50 41.56 0.32 9.73
C ILE E 50 42.07 0.65 11.13
N GLY E 51 41.99 1.94 11.53
CA GLY E 51 42.62 2.32 12.77
C GLY E 51 41.80 2.00 13.98
N SER E 52 40.53 1.71 13.81
CA SER E 52 39.74 1.29 14.95
C SER E 52 40.05 -0.14 15.30
N ASN E 53 40.02 -1.01 14.26
CA ASN E 53 40.16 -2.44 14.46
C ASN E 53 41.56 -2.85 14.94
N VAL E 54 42.61 -2.12 14.51
CA VAL E 54 43.97 -2.42 15.04
C VAL E 54 44.12 -2.10 16.54
N VAL E 55 43.43 -1.06 17.03
CA VAL E 55 43.57 -0.73 18.44
C VAL E 55 42.61 -1.55 19.29
N ILE E 56 41.35 -1.70 18.82
CA ILE E 56 40.32 -2.42 19.56
C ILE E 56 40.60 -3.91 19.67
N SER E 57 41.31 -4.53 18.70
CA SER E 57 41.53 -5.96 18.87
C SER E 57 42.73 -6.26 19.77
N LEU E 58 43.59 -5.28 20.04
CA LEU E 58 44.48 -5.43 21.19
C LEU E 58 43.73 -5.31 22.52
N LEU E 59 42.63 -4.55 22.55
CA LEU E 59 41.86 -4.28 23.77
C LEU E 59 40.84 -5.37 24.10
N LYS E 60 40.61 -6.31 23.17
CA LYS E 60 39.37 -7.10 23.09
C LYS E 60 39.08 -8.06 24.25
N LYS E 61 40.11 -8.56 24.96
CA LYS E 61 39.88 -9.64 25.90
C LYS E 61 39.31 -9.20 27.25
N VAL E 62 39.34 -7.91 27.56
CA VAL E 62 39.24 -7.50 28.96
C VAL E 62 37.89 -6.81 29.20
N ILE E 63 36.98 -6.92 28.25
CA ILE E 63 35.68 -6.24 28.30
C ILE E 63 34.64 -7.21 28.86
N PRO E 64 34.03 -6.92 30.03
CA PRO E 64 32.80 -7.60 30.43
C PRO E 64 31.64 -7.35 29.50
N ASP E 65 30.78 -8.37 29.37
CA ASP E 65 29.70 -8.44 28.38
C ASP E 65 28.62 -7.37 28.56
N GLU E 66 28.45 -6.84 29.79
CA GLU E 66 27.59 -5.68 29.99
C GLU E 66 28.11 -4.40 29.31
N ILE E 67 29.44 -4.25 29.12
CA ILE E 67 29.91 -3.00 28.48
C ILE E 67 30.66 -3.24 27.17
N ARG E 68 30.07 -4.04 26.27
CA ARG E 68 30.63 -4.30 24.95
C ARG E 68 30.69 -3.06 24.05
N ILE E 69 29.82 -2.08 24.27
CA ILE E 69 29.86 -0.84 23.48
C ILE E 69 30.59 0.40 24.06
N PRO E 70 30.53 0.84 25.36
CA PRO E 70 31.18 2.14 25.78
C PRO E 70 32.69 2.36 25.57
N ALA E 71 33.50 1.29 25.69
CA ALA E 71 34.91 1.37 25.32
C ALA E 71 35.11 1.59 23.83
N TYR E 72 34.18 1.09 23.00
CA TYR E 72 34.36 1.11 21.55
C TYR E 72 34.04 2.50 21.01
N ILE E 73 32.96 3.10 21.51
CA ILE E 73 32.60 4.47 21.18
C ILE E 73 33.63 5.48 21.73
N THR E 74 34.31 5.17 22.87
CA THR E 74 35.35 6.12 23.30
C THR E 74 36.64 6.04 22.49
N VAL E 75 37.12 4.83 22.16
CA VAL E 75 38.32 4.72 21.32
C VAL E 75 38.08 5.24 19.89
N ILE E 76 36.86 5.08 19.35
CA ILE E 76 36.53 5.74 18.10
C ILE E 76 36.42 7.27 18.23
N ALA E 77 36.02 7.78 19.43
CA ALA E 77 36.04 9.22 19.67
C ALA E 77 37.44 9.80 19.71
N THR E 78 38.37 9.06 20.31
CA THR E 78 39.80 9.48 20.37
C THR E 78 40.41 9.40 18.96
N LEU E 79 40.15 8.31 18.25
CA LEU E 79 40.64 8.14 16.85
C LEU E 79 40.01 9.23 15.97
N VAL E 80 38.71 9.50 16.18
CA VAL E 80 37.98 10.51 15.35
C VAL E 80 38.61 11.89 15.55
N THR E 81 38.98 12.21 16.80
CA THR E 81 39.54 13.55 17.13
C THR E 81 40.92 13.71 16.48
N VAL E 82 41.76 12.67 16.58
CA VAL E 82 43.07 12.67 15.90
C VAL E 82 42.93 13.07 14.43
N LEU E 83 41.85 12.65 13.78
CA LEU E 83 41.74 13.01 12.36
C LEU E 83 41.15 14.40 12.16
N GLN E 84 40.19 14.81 13.00
CA GLN E 84 39.65 16.16 12.92
C GLN E 84 40.69 17.21 13.30
N PHE E 85 41.60 16.89 14.23
CA PHE E 85 42.73 17.77 14.44
C PHE E 85 43.75 17.74 13.31
N LEU E 86 43.86 16.61 12.57
CA LEU E 86 44.59 16.66 11.30
C LEU E 86 43.86 17.50 10.25
N LEU E 87 42.53 17.52 10.29
CA LEU E 87 41.73 18.26 9.32
C LEU E 87 41.86 19.77 9.45
N GLN E 88 42.13 20.26 10.65
CA GLN E 88 42.26 21.69 10.89
C GLN E 88 43.65 22.22 10.55
N ALA E 89 44.60 21.35 10.24
CA ALA E 89 46.01 21.70 10.30
C ALA E 89 46.81 21.27 9.08
N TYR E 90 47.12 19.97 9.00
CA TYR E 90 47.93 19.40 7.89
C TYR E 90 47.30 19.73 6.53
N LEU E 91 46.14 19.13 6.23
CA LEU E 91 45.57 19.18 4.86
C LEU E 91 44.09 19.57 4.91
N PRO E 92 43.72 20.84 5.21
CA PRO E 92 42.31 21.26 5.21
C PRO E 92 41.64 21.18 3.83
N ASP E 93 42.36 21.61 2.78
CA ASP E 93 41.81 21.81 1.41
C ASP E 93 40.61 22.77 1.44
N LEU E 94 40.05 23.00 2.64
CA LEU E 94 38.92 23.93 2.86
C LEU E 94 37.74 23.69 1.91
N ASN E 95 37.40 22.43 1.61
CA ASN E 95 36.03 22.12 1.23
C ASN E 95 35.59 20.84 1.93
N LYS E 96 36.44 19.82 1.91
CA LYS E 96 36.24 18.62 2.71
C LYS E 96 36.35 18.88 4.21
N SER E 97 37.07 19.93 4.63
CA SER E 97 37.03 20.35 6.02
C SER E 97 35.68 20.91 6.44
N LEU E 98 34.91 21.47 5.51
CA LEU E 98 33.70 22.20 5.86
C LEU E 98 32.43 21.42 5.53
N GLY E 99 32.21 21.05 4.27
CA GLY E 99 30.92 20.48 3.91
C GLY E 99 30.71 19.03 4.28
N ILE E 100 31.77 18.30 4.64
CA ILE E 100 31.63 17.06 5.38
C ILE E 100 31.08 17.37 6.76
N PHE E 101 30.27 16.45 7.31
CA PHE E 101 29.81 16.55 8.72
C PHE E 101 30.77 15.66 9.52
N ILE E 102 32.02 16.10 9.62
CA ILE E 102 33.16 15.34 10.23
C ILE E 102 32.90 14.59 11.55
N PRO E 103 32.18 15.16 12.60
CA PRO E 103 31.95 14.37 13.84
C PRO E 103 31.21 13.02 13.68
N LEU E 104 30.33 12.92 12.66
CA LEU E 104 29.38 11.83 12.28
C LEU E 104 30.00 10.46 11.97
N ILE E 105 31.33 10.33 11.99
CA ILE E 105 32.12 9.12 11.88
C ILE E 105 32.27 8.39 13.22
N VAL E 106 32.18 9.07 14.39
CA VAL E 106 31.88 8.30 15.61
C VAL E 106 30.46 7.71 15.65
N VAL E 107 29.55 8.39 14.97
CA VAL E 107 28.19 7.80 14.92
C VAL E 107 27.87 7.36 13.50
N ASN E 108 28.89 7.05 12.68
CA ASN E 108 28.60 6.27 11.50
C ASN E 108 28.01 4.96 11.94
N CYS E 109 26.95 4.58 11.24
CA CYS E 109 26.22 3.37 11.55
C CYS E 109 27.02 2.09 11.25
N ILE E 110 28.00 2.13 10.30
CA ILE E 110 28.75 0.98 9.79
C ILE E 110 29.67 0.36 10.82
N ILE E 111 30.65 1.17 11.27
CA ILE E 111 31.85 0.71 11.96
C ILE E 111 31.55 0.12 13.34
N LEU E 112 30.56 0.70 14.03
CA LEU E 112 30.16 0.17 15.35
C LEU E 112 29.18 -0.98 15.13
N GLY E 113 28.60 -1.05 13.92
CA GLY E 113 27.68 -2.13 13.51
C GLY E 113 28.48 -3.28 12.92
N ARG E 114 29.79 -3.04 12.85
CA ARG E 114 30.87 -3.88 12.37
C ARG E 114 31.69 -4.49 13.49
N ALA E 115 32.25 -3.61 14.35
CA ALA E 115 33.16 -4.03 15.41
C ALA E 115 32.52 -4.92 16.47
N GLU E 116 31.20 -4.81 16.57
CA GLU E 116 30.50 -5.69 17.52
C GLU E 116 30.30 -7.02 16.79
N ALA E 117 30.20 -6.96 15.48
CA ALA E 117 29.84 -8.13 14.70
C ALA E 117 31.01 -9.00 14.30
N TYR E 118 32.26 -8.56 14.52
CA TYR E 118 33.35 -9.17 13.75
C TYR E 118 34.71 -9.01 14.41
N ALA E 119 35.15 -7.75 14.59
CA ALA E 119 36.43 -7.43 15.22
C ALA E 119 36.49 -7.83 16.68
N ASN E 120 35.31 -8.05 17.29
CA ASN E 120 35.26 -8.54 18.68
C ASN E 120 35.68 -10.02 18.66
N LYS E 121 35.07 -10.81 17.76
CA LYS E 121 35.36 -12.27 17.64
C LYS E 121 36.45 -12.55 16.60
N ASN E 122 36.82 -11.56 15.78
CA ASN E 122 37.88 -11.77 14.75
C ASN E 122 39.26 -11.59 15.40
N SER E 123 40.32 -12.05 14.75
CA SER E 123 41.69 -11.92 15.34
C SER E 123 42.20 -10.48 15.17
N VAL E 124 43.20 -10.09 15.96
CA VAL E 124 43.71 -8.69 15.85
C VAL E 124 44.24 -8.51 14.43
N GLY E 125 45.03 -9.47 13.94
CA GLY E 125 45.53 -9.41 12.55
C GLY E 125 44.37 -9.57 11.56
N ALA E 126 43.49 -10.54 11.84
CA ALA E 126 42.32 -10.86 10.98
C ALA E 126 41.37 -9.66 10.93
N SER E 127 41.84 -8.50 11.40
CA SER E 127 41.02 -7.28 11.42
C SER E 127 41.52 -6.19 10.47
N PHE E 128 42.84 -6.13 10.26
CA PHE E 128 43.44 -5.14 9.37
C PHE E 128 43.07 -5.35 7.91
N PHE E 129 42.88 -6.61 7.49
CA PHE E 129 42.67 -6.87 6.08
C PHE E 129 41.24 -6.57 5.65
N ASP E 130 40.26 -7.06 6.42
CA ASP E 130 38.88 -6.74 6.09
C ASP E 130 38.51 -5.30 6.43
N GLY E 131 39.24 -4.63 7.32
CA GLY E 131 39.00 -3.21 7.46
C GLY E 131 39.53 -2.38 6.29
N LEU E 132 40.69 -2.78 5.76
CA LEU E 132 41.20 -2.04 4.59
C LEU E 132 40.20 -2.30 3.46
N GLY E 133 39.84 -3.56 3.27
CA GLY E 133 38.90 -3.87 2.18
C GLY E 133 37.56 -3.19 2.42
N MET E 134 37.07 -3.18 3.65
CA MET E 134 35.75 -2.56 3.90
C MET E 134 35.80 -1.08 3.57
N GLY E 135 36.88 -0.40 3.96
CA GLY E 135 37.01 1.03 3.64
C GLY E 135 37.09 1.22 2.14
N LEU E 136 37.82 0.34 1.47
CA LEU E 136 37.93 0.47 0.01
C LEU E 136 36.53 0.36 -0.59
N GLY E 137 35.75 -0.62 -0.16
CA GLY E 137 34.38 -0.78 -0.70
C GLY E 137 33.58 0.47 -0.43
N PHE E 138 33.88 1.06 0.72
CA PHE E 138 33.13 2.24 1.15
C PHE E 138 33.26 3.35 0.11
N THR E 139 34.48 3.72 -0.27
CA THR E 139 34.70 4.78 -1.29
C THR E 139 34.11 4.34 -2.62
N VAL E 140 34.29 3.06 -2.95
CA VAL E 140 33.76 2.47 -4.22
C VAL E 140 32.24 2.62 -4.17
N SER E 141 31.64 2.28 -3.02
CA SER E 141 30.17 2.39 -2.86
C SER E 141 29.86 3.86 -2.80
N LEU E 142 30.89 4.71 -2.76
CA LEU E 142 30.48 6.09 -2.98
C LEU E 142 30.67 6.50 -4.42
N ALA E 143 31.87 6.22 -4.98
CA ALA E 143 32.37 6.91 -6.17
C ALA E 143 31.57 6.62 -7.43
N ALA E 144 31.04 5.39 -7.53
CA ALA E 144 30.10 5.06 -8.59
C ALA E 144 28.77 5.79 -8.44
N LEU E 145 28.37 6.10 -7.21
CA LEU E 145 27.15 6.87 -7.04
C LEU E 145 27.36 8.36 -7.27
N GLY E 146 28.49 8.88 -6.77
CA GLY E 146 28.68 10.31 -6.78
C GLY E 146 29.06 10.88 -8.12
N ILE E 147 29.68 10.04 -8.98
CA ILE E 147 29.86 10.44 -10.38
C ILE E 147 28.52 10.53 -11.12
N ILE E 148 27.53 9.69 -10.75
CA ILE E 148 26.23 9.71 -11.41
C ILE E 148 25.39 10.89 -10.94
N ARG E 149 25.35 11.12 -9.62
CA ARG E 149 24.64 12.27 -9.05
C ARG E 149 25.27 13.60 -9.44
N GLU E 150 26.58 13.63 -9.66
CA GLU E 150 27.18 14.88 -10.09
C GLU E 150 27.01 15.13 -11.58
N PHE E 151 27.08 14.04 -12.34
CA PHE E 151 26.96 14.19 -13.81
C PHE E 151 25.51 14.46 -14.17
N LEU E 152 24.55 14.16 -13.29
CA LEU E 152 23.20 14.52 -13.74
C LEU E 152 22.84 15.84 -13.08
N GLY E 153 23.73 16.29 -12.23
CA GLY E 153 23.49 17.58 -11.64
C GLY E 153 24.06 18.65 -12.54
N THR E 154 25.18 19.25 -12.11
CA THR E 154 25.87 20.30 -12.86
C THR E 154 26.45 19.82 -14.18
N GLY E 155 26.79 18.55 -14.27
CA GLY E 155 27.56 17.96 -15.35
C GLY E 155 29.04 18.08 -15.16
N LYS E 156 29.48 18.70 -14.05
CA LYS E 156 30.89 18.92 -13.77
C LYS E 156 31.47 17.77 -12.97
N VAL E 157 31.73 16.62 -13.63
CA VAL E 157 32.51 15.56 -12.98
C VAL E 157 33.94 16.04 -12.71
N PHE E 158 34.40 15.74 -11.48
CA PHE E 158 35.61 16.29 -10.80
C PHE E 158 35.66 17.82 -10.75
N GLY E 159 34.52 18.49 -10.78
CA GLY E 159 34.45 19.93 -10.85
C GLY E 159 34.58 20.53 -12.25
N ALA E 160 34.75 19.72 -13.30
CA ALA E 160 35.11 20.24 -14.62
C ALA E 160 34.01 20.03 -15.65
N GLN E 161 33.75 21.08 -16.44
CA GLN E 161 32.67 21.14 -17.43
C GLN E 161 32.87 20.17 -18.60
N ILE E 162 31.73 19.72 -19.13
CA ILE E 162 31.67 18.72 -20.22
C ILE E 162 30.47 19.00 -21.13
N THR E 163 29.64 20.01 -20.83
CA THR E 163 28.48 20.31 -21.72
C THR E 163 28.10 21.79 -21.67
N PRO E 164 27.31 22.32 -22.62
CA PRO E 164 26.91 23.73 -22.61
C PRO E 164 26.08 23.88 -21.33
N ASP E 165 26.33 24.96 -20.58
CA ASP E 165 25.72 25.14 -19.26
C ASP E 165 24.19 25.17 -19.26
N ALA E 166 23.59 25.69 -20.33
CA ALA E 166 22.13 25.70 -20.45
C ALA E 166 21.52 24.31 -20.61
N PHE E 167 22.22 23.32 -21.17
CA PHE E 167 21.49 22.03 -21.39
C PHE E 167 21.33 21.28 -20.07
N GLN E 168 22.28 21.43 -19.19
CA GLN E 168 22.17 20.63 -17.97
C GLN E 168 22.06 21.54 -16.74
N PRO E 169 20.88 22.17 -16.51
CA PRO E 169 20.74 22.90 -15.25
C PRO E 169 20.00 22.11 -14.20
N ALA E 170 19.96 20.78 -14.32
CA ALA E 170 19.32 19.93 -13.32
C ALA E 170 20.07 19.99 -12.00
N LEU E 171 19.33 19.97 -10.90
CA LEU E 171 19.97 20.22 -9.62
C LEU E 171 19.33 19.43 -8.51
N ILE E 172 18.12 18.92 -8.77
CA ILE E 172 17.30 18.27 -7.75
C ILE E 172 17.91 16.96 -7.27
N MET E 173 18.79 16.44 -8.11
CA MET E 173 19.60 15.26 -7.75
C MET E 173 20.47 15.69 -6.58
N ILE E 174 21.21 16.77 -6.77
CA ILE E 174 22.10 17.31 -5.73
C ILE E 174 21.32 17.75 -4.48
N LEU E 175 20.07 18.05 -4.73
CA LEU E 175 19.24 18.36 -3.57
C LEU E 175 18.96 17.09 -2.77
N ALA E 176 18.24 17.27 -1.70
CA ALA E 176 18.03 16.15 -0.78
C ALA E 176 17.06 15.01 -1.20
N PRO E 177 15.82 15.24 -1.72
CA PRO E 177 15.07 14.10 -2.29
C PRO E 177 15.73 13.33 -3.43
N GLY E 178 16.50 14.00 -4.28
CA GLY E 178 16.85 13.36 -5.52
C GLY E 178 18.00 12.38 -5.48
N GLY E 179 18.75 12.27 -4.38
CA GLY E 179 19.77 11.24 -4.39
C GLY E 179 19.26 9.84 -4.14
N PHE E 180 18.14 9.73 -3.40
CA PHE E 180 17.49 8.46 -3.08
C PHE E 180 16.99 7.73 -4.31
N PHE E 181 16.51 8.49 -5.30
CA PHE E 181 16.06 7.92 -6.57
C PHE E 181 17.22 7.33 -7.36
N THR E 182 18.41 7.95 -7.28
CA THR E 182 19.58 7.37 -7.92
C THR E 182 20.05 6.10 -7.23
N LEU E 183 19.93 6.03 -5.90
CA LEU E 183 20.18 4.75 -5.22
C LEU E 183 19.15 3.68 -5.57
N GLY E 184 17.89 4.08 -5.80
CA GLY E 184 16.88 3.11 -6.18
C GLY E 184 16.89 2.73 -7.64
N ILE E 185 17.60 3.48 -8.46
CA ILE E 185 17.94 2.97 -9.79
C ILE E 185 19.16 2.07 -9.73
N LEU E 186 20.20 2.49 -9.00
CA LEU E 186 21.52 1.90 -9.15
C LEU E 186 21.67 0.56 -8.45
N MET E 187 21.16 0.45 -7.22
CA MET E 187 21.18 -0.84 -6.54
C MET E 187 20.22 -1.86 -7.17
N ALA E 188 19.13 -1.39 -7.78
CA ALA E 188 18.31 -2.27 -8.61
C ALA E 188 19.04 -2.76 -9.86
N ILE E 189 19.90 -1.91 -10.44
CA ILE E 189 20.79 -2.37 -11.51
C ILE E 189 21.84 -3.37 -11.02
N LEU E 190 22.33 -3.21 -9.78
CA LEU E 190 23.22 -4.22 -9.18
C LEU E 190 22.51 -5.55 -8.89
N ASN E 191 21.23 -5.51 -8.56
CA ASN E 191 20.54 -6.77 -8.30
C ASN E 191 20.06 -7.47 -9.57
N GLN E 192 19.61 -6.72 -10.59
CA GLN E 192 19.08 -7.33 -11.81
C GLN E 192 20.11 -8.11 -12.65
N ARG E 193 21.36 -7.66 -12.60
CA ARG E 193 22.42 -8.41 -13.29
C ARG E 193 22.63 -9.73 -12.50
N LYS E 194 22.60 -9.67 -11.17
CA LYS E 194 22.91 -10.75 -10.24
C LYS E 194 21.71 -11.64 -9.94
N LEU E 195 20.55 -11.35 -10.51
CA LEU E 195 19.31 -12.08 -10.29
C LEU E 195 19.35 -13.52 -10.82
N LYS F 2 30.84 -14.49 33.84
CA LYS F 2 30.06 -13.24 33.80
C LYS F 2 30.04 -12.51 35.16
N LYS F 3 31.21 -12.41 35.80
CA LYS F 3 31.36 -11.51 36.94
C LYS F 3 31.12 -10.08 36.45
N VAL F 4 30.05 -9.44 36.93
CA VAL F 4 29.93 -8.00 36.66
C VAL F 4 29.95 -7.03 37.86
N SER F 5 30.87 -7.17 38.84
CA SER F 5 30.88 -6.18 39.95
C SER F 5 31.29 -4.76 39.50
N SER F 6 30.54 -3.75 39.98
CA SER F 6 30.76 -2.32 39.68
C SER F 6 32.10 -1.72 40.11
N PHE F 7 32.71 -2.22 41.20
CA PHE F 7 34.03 -1.72 41.56
C PHE F 7 35.10 -2.06 40.52
N LYS F 8 35.14 -3.33 40.10
CA LYS F 8 36.07 -3.77 39.03
C LYS F 8 35.75 -3.00 37.74
N LEU F 9 34.47 -2.96 37.36
CA LEU F 9 34.04 -2.27 36.11
C LEU F 9 34.42 -0.79 36.19
N GLY F 10 33.96 -0.10 37.23
CA GLY F 10 34.22 1.33 37.39
C GLY F 10 35.68 1.75 37.33
N MET F 11 36.59 0.98 37.97
CA MET F 11 38.00 1.33 37.85
C MET F 11 38.57 1.11 36.42
N VAL F 12 38.18 0.01 35.73
CA VAL F 12 38.57 -0.23 34.33
C VAL F 12 38.00 0.82 33.36
N LEU F 13 36.72 1.13 33.56
CA LEU F 13 36.03 2.21 32.79
C LEU F 13 36.81 3.52 32.92
N LEU F 14 36.95 4.02 34.16
CA LEU F 14 37.60 5.32 34.43
C LEU F 14 38.99 5.35 33.78
N LEU F 15 39.73 4.24 33.88
CA LEU F 15 41.07 4.10 33.28
C LEU F 15 40.99 4.35 31.77
N ILE F 16 40.21 3.53 31.05
CA ILE F 16 40.15 3.66 29.58
C ILE F 16 39.74 5.09 29.13
N ALA F 17 38.70 5.68 29.76
CA ALA F 17 38.29 7.06 29.43
C ALA F 17 39.39 8.10 29.75
N ALA F 18 40.09 7.91 30.87
CA ALA F 18 41.20 8.75 31.31
C ALA F 18 42.43 8.72 30.40
N VAL F 19 42.86 7.51 29.95
CA VAL F 19 43.99 7.40 29.01
C VAL F 19 43.67 8.08 27.68
N CYS F 20 42.42 7.89 27.18
CA CYS F 20 41.96 8.59 25.98
C CYS F 20 41.96 10.11 26.15
N GLY F 21 41.52 10.61 27.32
CA GLY F 21 41.56 12.04 27.58
C GLY F 21 42.95 12.68 27.67
N LEU F 22 43.88 11.97 28.34
CA LEU F 22 45.30 12.39 28.42
C LEU F 22 45.89 12.49 27.00
N ILE F 23 45.77 11.39 26.23
CA ILE F 23 46.35 11.35 24.87
C ILE F 23 45.78 12.50 24.02
N LEU F 24 44.45 12.74 24.10
CA LEU F 24 43.79 13.85 23.38
C LEU F 24 44.33 15.21 23.83
N GLY F 25 44.59 15.37 25.14
CA GLY F 25 45.19 16.60 25.66
C GLY F 25 46.59 16.86 25.12
N GLY F 26 47.40 15.80 25.03
CA GLY F 26 48.74 15.91 24.44
C GLY F 26 48.69 16.31 22.96
N VAL F 27 47.74 15.72 22.22
CA VAL F 27 47.49 16.09 20.83
C VAL F 27 47.03 17.55 20.71
N ASN F 28 46.17 17.99 21.67
CA ASN F 28 45.66 19.37 21.71
C ASN F 28 46.75 20.42 21.93
N GLN F 29 47.70 20.16 22.85
CA GLN F 29 48.81 21.11 23.04
C GLN F 29 49.71 21.18 21.82
N VAL F 30 50.01 20.03 21.19
CA VAL F 30 50.85 20.00 19.99
C VAL F 30 50.22 20.67 18.74
N THR F 31 48.89 20.61 18.58
CA THR F 31 48.23 21.12 17.37
C THR F 31 47.86 22.61 17.27
N ALA F 32 47.89 23.40 18.37
CA ALA F 32 47.44 24.81 18.38
C ALA F 32 48.13 25.75 17.38
N GLU F 33 49.47 25.68 17.29
CA GLU F 33 50.21 26.55 16.37
C GLU F 33 49.91 26.32 14.88
N PRO F 34 49.90 25.06 14.31
CA PRO F 34 49.40 24.89 12.91
C PRO F 34 47.99 25.38 12.63
N ILE F 35 47.07 25.21 13.60
CA ILE F 35 45.70 25.72 13.46
C ILE F 35 45.68 27.24 13.38
N ALA F 36 46.48 27.91 14.24
CA ALA F 36 46.55 29.39 14.23
C ALA F 36 47.13 29.97 12.93
N ILE F 37 48.23 29.38 12.41
CA ILE F 37 48.79 29.83 11.11
C ILE F 37 47.84 29.55 9.94
N GLN F 38 47.23 28.34 9.88
CA GLN F 38 46.32 27.98 8.79
C GLN F 38 45.02 28.79 8.79
N ASN F 39 44.45 29.08 9.98
CA ASN F 39 43.26 29.93 10.10
C ASN F 39 43.55 31.36 9.65
N LYS F 40 44.70 31.91 10.11
CA LYS F 40 45.17 33.22 9.69
C LYS F 40 45.40 33.27 8.18
N LYS F 41 46.05 32.22 7.64
CA LYS F 41 46.29 32.09 6.20
C LYS F 41 45.01 32.04 5.36
N THR F 42 43.98 31.27 5.79
CA THR F 42 42.73 31.24 5.02
C THR F 42 41.97 32.58 5.04
N LEU F 43 42.00 33.32 6.18
CA LEU F 43 41.41 34.66 6.23
C LEU F 43 42.18 35.66 5.37
N ASP F 44 43.52 35.64 5.48
CA ASP F 44 44.41 36.48 4.69
C ASP F 44 44.35 36.17 3.20
N GLU F 45 44.25 34.88 2.83
CA GLU F 45 44.11 34.47 1.43
C GLU F 45 42.82 34.97 0.79
N ALA F 46 41.68 34.86 1.51
CA ALA F 46 40.42 35.39 0.98
C ALA F 46 40.46 36.93 0.89
N ASN F 47 41.08 37.55 1.92
CA ASN F 47 41.32 38.98 1.99
C ASN F 47 42.22 39.51 0.87
N LYS F 48 43.35 38.84 0.60
CA LYS F 48 44.23 39.21 -0.51
C LYS F 48 43.55 39.03 -1.87
N ALA F 49 42.69 37.99 -2.01
CA ALA F 49 41.97 37.84 -3.26
C ALA F 49 40.95 38.96 -3.45
N ILE F 50 40.34 39.44 -2.35
CA ILE F 50 39.33 40.50 -2.47
C ILE F 50 39.98 41.89 -2.55
N LEU F 51 41.06 42.15 -1.81
CA LEU F 51 41.72 43.46 -1.74
C LEU F 51 43.20 43.33 -2.07
N PRO F 52 43.56 43.12 -3.35
CA PRO F 52 44.98 42.81 -3.71
C PRO F 52 46.04 43.86 -3.42
N GLU F 53 45.70 45.15 -3.32
CA GLU F 53 46.75 46.11 -2.99
C GLU F 53 47.18 46.11 -1.52
N ALA F 54 46.37 45.60 -0.60
CA ALA F 54 46.77 45.52 0.81
C ALA F 54 47.45 44.18 1.09
N SER F 55 48.60 44.21 1.76
CA SER F 55 49.28 43.02 2.26
C SER F 55 49.00 42.67 3.72
N GLU F 56 48.65 43.64 4.57
CA GLU F 56 48.49 43.40 6.00
C GLU F 56 47.13 43.85 6.45
N PHE F 57 46.52 43.09 7.36
CA PHE F 57 45.17 43.39 7.79
C PHE F 57 45.10 43.44 9.31
N ALA F 58 44.56 44.55 9.83
CA ALA F 58 44.40 44.75 11.26
C ALA F 58 42.99 45.18 11.59
N GLU F 59 42.36 44.43 12.49
CA GLU F 59 41.02 44.73 12.96
C GLU F 59 40.97 46.05 13.77
N LYS F 60 39.98 46.89 13.46
CA LYS F 60 39.75 48.12 14.21
C LYS F 60 38.93 47.61 15.39
N THR F 61 39.62 47.24 16.47
CA THR F 61 38.98 46.70 17.65
C THR F 61 38.21 47.68 18.52
N ASP F 62 38.47 48.98 18.42
CA ASP F 62 37.66 49.88 19.22
C ASP F 62 36.23 50.08 18.74
N ILE F 63 35.90 49.80 17.47
CA ILE F 63 34.54 50.05 17.03
C ILE F 63 33.70 48.76 16.94
N LYS F 64 32.87 48.55 17.94
CA LYS F 64 31.87 47.50 17.86
C LYS F 64 30.85 48.01 16.84
N GLY F 65 30.48 47.16 15.89
CA GLY F 65 29.36 47.46 15.02
C GLY F 65 28.07 47.71 15.78
N GLU F 66 27.25 48.61 15.22
CA GLU F 66 26.00 48.97 15.86
C GLU F 66 24.77 48.80 14.97
N GLY F 67 24.93 48.32 13.75
CA GLY F 67 23.74 48.14 12.95
C GLY F 67 23.75 46.70 12.47
N ILE F 68 23.85 46.45 11.17
CA ILE F 68 23.92 45.07 10.72
C ILE F 68 25.35 44.58 10.64
N VAL F 69 26.30 45.51 10.85
CA VAL F 69 27.75 45.18 10.78
C VAL F 69 28.20 44.62 12.13
N LEU F 70 28.96 43.51 12.11
CA LEU F 70 29.34 42.80 13.35
C LEU F 70 30.82 43.06 13.65
N GLY F 71 31.58 43.50 12.65
CA GLY F 71 32.99 43.79 12.82
C GLY F 71 33.56 44.28 11.51
N VAL F 72 34.74 44.87 11.63
CA VAL F 72 35.46 45.49 10.52
C VAL F 72 36.94 45.09 10.52
N THR F 73 37.51 44.84 9.34
CA THR F 73 38.94 44.62 9.30
C THR F 73 39.51 45.69 8.36
N GLU F 74 40.51 46.42 8.87
CA GLU F 74 41.24 47.46 8.15
C GLU F 74 42.34 46.87 7.28
N GLY F 75 42.41 47.32 6.01
CA GLY F 75 43.45 46.93 5.08
C GLY F 75 44.50 47.92 4.73
N LYS F 76 45.75 47.54 5.04
CA LYS F 76 46.94 48.33 4.84
C LYS F 76 47.97 47.64 3.95
N SER F 77 48.80 48.44 3.30
CA SER F 77 50.05 47.97 2.71
C SER F 77 51.12 48.78 3.42
N GLY F 78 51.72 48.19 4.44
CA GLY F 78 52.52 48.98 5.37
C GLY F 78 51.70 50.04 6.10
N SER F 79 52.14 51.31 6.04
CA SER F 79 51.36 52.39 6.65
C SER F 79 50.12 52.89 5.90
N ASP F 80 50.04 52.66 4.59
CA ASP F 80 48.95 53.27 3.78
C ASP F 80 47.64 52.52 4.05
N LEU F 81 46.54 53.25 4.31
CA LEU F 81 45.23 52.63 4.23
C LEU F 81 44.71 52.41 2.80
N LYS F 82 44.46 51.13 2.49
CA LYS F 82 43.91 50.68 1.23
C LYS F 82 42.41 50.43 1.28
N GLY F 83 41.86 50.08 2.44
CA GLY F 83 40.41 49.89 2.49
C GLY F 83 39.92 49.14 3.73
N TYR F 84 38.67 48.69 3.64
CA TYR F 84 38.02 47.91 4.69
C TYR F 84 37.31 46.67 4.14
N THR F 85 37.27 45.60 4.94
CA THR F 85 36.32 44.51 4.72
C THR F 85 35.22 44.61 5.76
N ILE F 86 33.96 44.65 5.29
CA ILE F 86 32.77 44.87 6.09
C ILE F 86 31.90 43.61 6.09
N LYS F 87 31.69 43.00 7.28
CA LYS F 87 30.78 41.87 7.37
C LYS F 87 29.35 42.37 7.55
N VAL F 88 28.43 41.98 6.65
CA VAL F 88 27.01 42.37 6.76
C VAL F 88 26.09 41.16 6.58
N ALA F 89 24.90 41.26 7.17
CA ALA F 89 23.87 40.20 7.08
C ALA F 89 22.46 40.75 6.77
N PRO F 90 22.20 41.27 5.54
CA PRO F 90 20.81 41.67 5.19
C PRO F 90 19.83 40.51 5.17
N LYS F 91 18.60 40.81 5.53
CA LYS F 91 17.52 39.83 5.47
C LYS F 91 17.12 39.60 4.03
N GLY F 92 17.39 38.39 3.54
CA GLY F 92 16.92 37.89 2.28
C GLY F 92 15.50 37.39 2.35
N TYR F 93 15.13 36.59 1.35
CA TYR F 93 13.78 36.04 1.36
C TYR F 93 13.69 34.94 2.41
N ALA F 94 14.70 34.06 2.48
CA ALA F 94 14.66 32.91 3.37
C ALA F 94 15.51 33.05 4.63
N GLY F 95 16.31 34.11 4.77
CA GLY F 95 17.12 34.29 5.96
C GLY F 95 18.15 35.39 5.76
N ALA F 96 19.06 35.51 6.73
CA ALA F 96 20.21 36.40 6.59
C ALA F 96 21.22 35.97 5.51
N ILE F 97 21.76 36.93 4.77
CA ILE F 97 22.87 36.64 3.88
C ILE F 97 24.12 37.26 4.49
N GLU F 98 24.90 36.48 5.23
CA GLU F 98 26.19 36.96 5.75
C GLU F 98 27.19 37.00 4.61
N MET F 99 27.79 38.16 4.39
CA MET F 99 28.75 38.36 3.32
C MET F 99 29.82 39.35 3.78
N MET F 100 30.98 39.27 3.14
CA MET F 100 32.01 40.28 3.30
C MET F 100 31.96 41.15 2.07
N VAL F 101 32.12 42.46 2.28
CA VAL F 101 32.15 43.48 1.24
C VAL F 101 33.48 44.21 1.34
N GLY F 102 34.23 44.28 0.24
CA GLY F 102 35.46 45.06 0.24
C GLY F 102 35.14 46.46 -0.24
N VAL F 103 35.63 47.47 0.49
CA VAL F 103 35.50 48.86 0.07
C VAL F 103 36.85 49.58 0.13
N SER F 104 37.27 50.10 -1.01
CA SER F 104 38.50 50.87 -1.05
C SER F 104 38.28 52.25 -0.43
N THR F 105 39.39 52.86 0.00
CA THR F 105 39.39 54.26 0.45
C THR F 105 39.05 55.28 -0.65
N GLU F 106 39.18 54.93 -1.93
CA GLU F 106 38.79 55.70 -3.09
C GLU F 106 37.31 55.65 -3.40
N GLY F 107 36.51 54.90 -2.65
CA GLY F 107 35.10 54.78 -2.93
C GLY F 107 34.62 53.96 -4.11
N LYS F 108 35.27 52.84 -4.39
CA LYS F 108 34.71 51.88 -5.33
C LYS F 108 34.47 50.60 -4.54
N VAL F 109 33.37 49.90 -4.80
CA VAL F 109 33.29 48.53 -4.29
C VAL F 109 34.16 47.60 -5.14
N THR F 110 35.18 47.02 -4.52
CA THR F 110 36.07 46.16 -5.28
C THR F 110 35.48 44.76 -5.47
N GLY F 111 34.61 44.32 -4.56
CA GLY F 111 33.90 43.06 -4.74
C GLY F 111 33.21 42.64 -3.47
N ILE F 112 32.52 41.50 -3.55
CA ILE F 112 31.86 40.83 -2.43
C ILE F 112 32.21 39.34 -2.40
N LYS F 113 32.12 38.75 -1.21
CA LYS F 113 32.19 37.29 -1.06
C LYS F 113 31.14 36.92 -0.04
N ILE F 114 30.20 36.07 -0.42
CA ILE F 114 29.22 35.49 0.50
C ILE F 114 29.78 34.28 1.26
N LEU F 115 29.64 34.30 2.60
CA LEU F 115 30.15 33.20 3.41
C LEU F 115 29.09 32.17 3.82
N ASN F 116 27.89 32.61 4.26
CA ASN F 116 26.82 31.69 4.70
C ASN F 116 26.15 30.96 3.53
N HIS F 117 25.76 29.71 3.78
CA HIS F 117 25.00 28.86 2.85
C HIS F 117 23.49 28.71 3.12
N ALA F 118 22.78 29.69 3.71
CA ALA F 118 21.32 29.57 3.86
C ALA F 118 20.48 30.53 3.01
N GLU F 119 21.07 31.15 1.97
CA GLU F 119 20.39 32.25 1.25
C GLU F 119 19.23 31.74 0.37
N THR F 120 19.55 31.21 -0.81
CA THR F 120 18.60 30.75 -1.83
C THR F 120 19.08 29.32 -2.12
N PRO F 121 18.72 28.30 -1.28
CA PRO F 121 19.12 26.89 -1.55
C PRO F 121 18.87 26.19 -2.87
N GLY F 122 19.66 26.58 -3.88
CA GLY F 122 19.62 26.07 -5.24
C GLY F 122 18.54 26.63 -6.13
N LEU F 123 17.63 27.42 -5.60
CA LEU F 123 16.61 28.11 -6.36
C LEU F 123 17.27 29.21 -7.21
N GLY F 124 16.79 29.38 -8.45
CA GLY F 124 17.36 30.33 -9.40
C GLY F 124 18.82 30.01 -9.71
N ALA F 125 19.63 31.05 -9.70
CA ALA F 125 21.07 30.92 -9.80
C ALA F 125 21.53 31.60 -8.53
N ASN F 126 22.48 31.00 -7.83
CA ASN F 126 23.05 31.64 -6.66
C ASN F 126 23.85 32.91 -6.92
N ALA F 127 23.79 33.79 -5.91
CA ALA F 127 24.58 35.00 -5.75
C ALA F 127 26.09 34.74 -5.61
N THR F 128 26.49 33.53 -5.21
CA THR F 128 27.89 33.10 -5.14
C THR F 128 28.52 32.82 -6.50
N ASP F 129 27.71 32.76 -7.57
CA ASP F 129 28.20 32.51 -8.92
C ASP F 129 29.06 33.72 -9.33
N PRO F 130 30.25 33.47 -9.92
CA PRO F 130 31.10 34.55 -10.47
C PRO F 130 30.46 35.44 -11.52
N LYS F 131 29.53 34.92 -12.33
CA LYS F 131 28.79 35.72 -13.31
C LYS F 131 27.93 36.81 -12.65
N PHE F 132 27.43 36.57 -11.44
CA PHE F 132 26.69 37.62 -10.73
C PHE F 132 27.60 38.46 -9.83
N SER F 133 28.34 37.79 -8.94
CA SER F 133 29.22 38.44 -7.96
C SER F 133 30.37 39.24 -8.58
N GLY F 134 30.85 38.84 -9.76
CA GLY F 134 31.90 39.61 -10.43
C GLY F 134 31.45 40.94 -11.01
N GLN F 135 30.14 41.15 -11.18
CA GLN F 135 29.54 42.40 -11.65
C GLN F 135 29.73 43.57 -10.70
N TYR F 136 30.00 43.32 -9.41
CA TYR F 136 30.19 44.40 -8.44
C TYR F 136 31.57 45.01 -8.50
N ALA F 137 32.50 44.39 -9.22
CA ALA F 137 33.84 44.94 -9.36
C ALA F 137 33.76 46.23 -10.16
N ASN F 138 34.53 47.22 -9.70
CA ASN F 138 34.69 48.60 -10.17
C ASN F 138 33.39 49.43 -10.16
N LYS F 139 32.36 49.05 -9.40
CA LYS F 139 31.18 49.90 -9.25
C LYS F 139 31.49 51.08 -8.32
N PRO F 140 30.92 52.28 -8.57
CA PRO F 140 31.03 53.39 -7.60
C PRO F 140 30.37 53.11 -6.26
N ALA F 141 30.96 53.61 -5.16
CA ALA F 141 30.30 53.56 -3.85
C ALA F 141 29.15 54.57 -3.68
N LYS F 142 28.08 54.36 -4.45
CA LYS F 142 26.81 55.04 -4.45
C LYS F 142 25.78 53.94 -4.50
N GLU F 143 24.53 54.32 -4.20
CA GLU F 143 23.38 53.42 -4.26
C GLU F 143 23.21 52.74 -5.62
N LEU F 144 23.23 51.43 -5.60
CA LEU F 144 23.00 50.62 -6.78
C LEU F 144 21.51 50.32 -6.84
N LYS F 145 21.00 50.16 -8.06
CA LYS F 145 19.60 49.87 -8.24
C LYS F 145 19.47 48.58 -9.03
N VAL F 146 18.43 47.85 -8.70
CA VAL F 146 18.11 46.57 -9.32
C VAL F 146 17.22 46.77 -10.55
N VAL F 147 17.64 46.21 -11.68
CA VAL F 147 16.75 46.32 -12.84
C VAL F 147 16.09 45.06 -13.34
N LYS F 148 14.91 45.31 -13.88
CA LYS F 148 14.14 44.39 -14.67
C LYS F 148 14.50 44.75 -16.11
N GLY F 149 15.19 43.86 -16.82
CA GLY F 149 15.60 44.26 -18.16
C GLY F 149 17.09 44.44 -18.40
N ALA F 150 17.42 45.29 -19.39
CA ALA F 150 18.80 45.57 -19.76
C ALA F 150 19.57 46.39 -18.72
N ALA F 151 20.83 45.99 -18.52
CA ALA F 151 21.86 46.72 -17.81
C ALA F 151 22.40 47.99 -18.46
N SER F 152 22.55 49.04 -17.66
CA SER F 152 23.16 50.33 -18.12
C SER F 152 24.62 50.39 -17.65
N GLY F 153 24.89 49.95 -16.42
CA GLY F 153 26.27 49.84 -15.92
C GLY F 153 26.52 50.75 -14.73
N GLU F 154 26.51 52.07 -14.96
CA GLU F 154 26.89 53.04 -13.93
C GLU F 154 26.10 52.98 -12.62
N ASP F 155 24.89 52.47 -12.63
CA ASP F 155 24.15 52.31 -11.38
C ASP F 155 23.26 51.09 -11.35
N GLU F 156 23.26 50.27 -12.39
CA GLU F 156 22.33 49.15 -12.46
C GLU F 156 23.02 47.84 -12.10
N ILE F 157 22.31 47.00 -11.37
CA ILE F 157 22.75 45.63 -11.15
C ILE F 157 21.66 44.75 -11.73
N VAL F 158 22.09 43.84 -12.59
CA VAL F 158 21.16 42.89 -13.17
C VAL F 158 20.77 41.90 -12.11
N ALA F 159 19.47 41.78 -11.86
CA ALA F 159 18.90 40.80 -10.97
C ALA F 159 19.16 39.41 -11.54
N ILE F 160 19.36 38.43 -10.65
CA ILE F 160 19.31 37.03 -11.09
C ILE F 160 17.88 36.77 -11.55
N THR F 161 17.75 36.21 -12.77
CA THR F 161 16.46 35.85 -13.36
C THR F 161 15.68 34.90 -12.47
N GLY F 162 14.45 35.30 -12.17
CA GLY F 162 13.59 34.58 -11.29
C GLY F 162 13.87 34.78 -9.81
N ALA F 163 14.91 35.50 -9.42
CA ALA F 163 15.33 35.69 -8.04
C ALA F 163 15.55 37.17 -7.71
N THR F 164 14.60 38.01 -8.14
CA THR F 164 14.67 39.46 -7.96
C THR F 164 14.69 39.91 -6.49
N ILE F 165 14.01 39.16 -5.61
CA ILE F 165 13.96 39.44 -4.16
C ILE F 165 15.36 39.32 -3.53
N THR F 166 16.10 38.27 -3.89
CA THR F 166 17.50 38.07 -3.45
C THR F 166 18.42 39.20 -3.87
N SER F 167 18.34 39.62 -5.15
CA SER F 167 19.14 40.75 -5.66
C SER F 167 18.81 42.06 -4.95
N LYS F 168 17.51 42.31 -4.67
CA LYS F 168 17.12 43.48 -3.88
C LYS F 168 17.66 43.44 -2.46
N ALA F 169 17.66 42.26 -1.84
CA ALA F 169 18.22 42.10 -0.50
C ALA F 169 19.74 42.29 -0.43
N VAL F 170 20.48 41.68 -1.38
CA VAL F 170 21.95 41.85 -1.45
C VAL F 170 22.33 43.31 -1.76
N THR F 171 21.64 43.93 -2.75
CA THR F 171 21.87 45.33 -3.08
C THR F 171 21.51 46.30 -1.94
N LEU F 172 20.44 45.99 -1.19
CA LEU F 172 20.11 46.73 0.04
C LEU F 172 21.20 46.64 1.11
N GLY F 173 21.70 45.42 1.34
CA GLY F 173 22.80 45.21 2.29
C GLY F 173 24.10 45.91 1.95
N VAL F 174 24.51 45.89 0.67
CA VAL F 174 25.69 46.63 0.23
C VAL F 174 25.46 48.15 0.34
N ASN F 175 24.27 48.65 -0.06
CA ASN F 175 23.98 50.09 0.04
C ASN F 175 23.95 50.58 1.49
N GLU F 176 23.46 49.75 2.42
CA GLU F 176 23.55 50.09 3.85
C GLU F 176 25.00 50.09 4.33
N ALA F 177 25.83 49.18 3.79
CA ALA F 177 27.28 49.18 4.02
C ALA F 177 27.95 50.45 3.47
N ILE F 178 27.49 50.91 2.29
CA ILE F 178 27.94 52.17 1.66
C ILE F 178 27.63 53.36 2.57
N LYS F 179 26.39 53.37 3.12
CA LYS F 179 25.96 54.41 4.07
C LYS F 179 26.82 54.41 5.33
N PHE F 180 27.16 53.20 5.82
CA PHE F 180 28.09 53.00 6.93
C PHE F 180 29.50 53.50 6.63
N TYR F 181 29.96 53.24 5.40
CA TYR F 181 31.24 53.74 4.88
C TYR F 181 31.30 55.27 4.93
N ASP F 182 30.27 55.95 4.38
CA ASP F 182 30.24 57.41 4.40
C ASP F 182 30.15 57.99 5.82
N THR F 183 29.48 57.30 6.76
CA THR F 183 29.33 57.93 8.07
C THR F 183 30.43 57.57 9.06
N LYS F 184 31.05 56.38 8.93
CA LYS F 184 32.00 55.88 9.91
C LYS F 184 33.40 55.63 9.38
N LEU F 185 33.57 55.47 8.07
CA LEU F 185 34.83 54.99 7.52
C LEU F 185 35.63 55.96 6.66
N LYS F 186 35.01 56.91 5.95
CA LYS F 186 35.80 57.83 5.11
C LYS F 186 36.62 58.79 5.99
N GLY F 187 37.92 58.52 6.06
CA GLY F 187 38.83 59.32 6.83
C GLY F 187 38.93 58.96 8.30
N GLY F 188 38.21 57.93 8.74
CA GLY F 188 38.54 57.27 9.99
C GLY F 188 37.70 57.73 11.15
#